data_2G5B
#
_entry.id   2G5B
#
_cell.length_a   166.528
_cell.length_b   183.897
_cell.length_c   67.081
_cell.angle_alpha   90.00
_cell.angle_beta   90.00
_cell.angle_gamma   90.00
#
_symmetry.space_group_name_H-M   'P 21 21 2'
#
loop_
_entity.id
_entity.type
_entity.pdbx_description
1 polymer '6A7 Fab Light Chain'
2 polymer '6A7 Fab Heavy Chain'
3 polymer 'Bax Peptide'
4 branched beta-D-mannopyranose-(1-4)-2-acetamido-2-deoxy-beta-D-glucopyranose-(1-4)-2-acetamido-2-deoxy-beta-D-glucopyranose
5 branched 2-acetamido-2-deoxy-alpha-D-glucopyranose-(1-4)-2-acetamido-2-deoxy-beta-D-glucopyranose
6 branched alpha-D-mannopyranose-(1-4)-2-acetamido-2-deoxy-beta-D-glucopyranose-(1-4)-2-acetamido-2-deoxy-beta-D-glucopyranose
7 non-polymer 'SULFATE ION'
8 water water
#
loop_
_entity_poly.entity_id
_entity_poly.type
_entity_poly.pdbx_seq_one_letter_code
_entity_poly.pdbx_strand_id
1 'polypeptide(L)'
;DIVMSQSPSSLAVSAGERVTMTCKSSQSLFNSKTRRNYLAWYQQKPGQSPKLLIYWASTRESGVPDRFTGSGSGTEFTLT
ISSVQAEDLAVYYCKQSYNLRTFGGGTKLEIKRADAAPTVSIFPPSSEQLTSGGASVVCFLNNFYPKDINVKWKIDGSER
QNGVLNSWTDQDSKDSTYSMSSTLTLTKDEYERHNSYTCEATHKTSTSPIVKSFNRN
;
A,C,E,G
2 'polypeptide(L)'
;EVNLVESGGGLVQPGGSLRLSCATSGFTFIDNYMSWVRQPPGKALEWLGFIRNKVNGYTTEYGPSVKGRFTISRDDSQSI
LYLQMNTLRTEDSATYYCVRDNGSDYRWYFDVWGAGTTVTVSSAKTTPPSVYPLAPGSAAGTNSMVTLGCLVKGYFPEPV
TVTWNSGSLSSGVHTFPAVLQSDLYTLSSSVTVPSSTWPSETVTCNVAHPASSTKVDKKIVP
;
B,D,F,H
3 'polypeptide(L)' PTSSEQI I,J,K,L
#
loop_
_chem_comp.id
_chem_comp.type
_chem_comp.name
_chem_comp.formula
BMA D-saccharide, beta linking beta-D-mannopyranose 'C6 H12 O6'
MAN D-saccharide, alpha linking alpha-D-mannopyranose 'C6 H12 O6'
NAG D-saccharide, beta linking 2-acetamido-2-deoxy-beta-D-glucopyranose 'C8 H15 N O6'
NDG D-saccharide, alpha linking 2-acetamido-2-deoxy-alpha-D-glucopyranose 'C8 H15 N O6'
SO4 non-polymer 'SULFATE ION' 'O4 S -2'
#
# COMPACT_ATOMS: atom_id res chain seq x y z
N ASP A 1 8.83 61.61 8.67
CA ASP A 1 8.73 63.10 8.69
C ASP A 1 9.30 63.69 7.41
N ILE A 2 9.62 62.83 6.45
CA ILE A 2 10.15 63.27 5.17
C ILE A 2 9.01 63.92 4.40
N VAL A 3 9.20 65.19 4.04
CA VAL A 3 8.16 65.92 3.31
C VAL A 3 8.27 65.72 1.80
N MET A 4 7.15 65.38 1.17
CA MET A 4 7.10 65.17 -0.26
C MET A 4 6.29 66.24 -0.95
N SER A 5 6.81 66.76 -2.05
CA SER A 5 6.12 67.80 -2.81
C SER A 5 6.00 67.39 -4.26
N GLN A 6 4.80 67.54 -4.80
CA GLN A 6 4.57 67.18 -6.18
C GLN A 6 4.17 68.40 -6.99
N SER A 7 4.49 68.36 -8.28
CA SER A 7 4.16 69.46 -9.16
C SER A 7 4.07 68.92 -10.59
N PRO A 8 3.11 69.40 -11.38
CA PRO A 8 2.11 70.41 -11.00
C PRO A 8 0.97 69.78 -10.21
N SER A 9 0.12 70.60 -9.64
CA SER A 9 -1.04 70.10 -8.88
C SER A 9 -1.87 69.29 -9.86
N SER A 10 -2.16 69.89 -11.01
CA SER A 10 -2.94 69.24 -12.04
C SER A 10 -2.48 69.69 -13.42
N LEU A 11 -2.51 68.78 -14.38
CA LEU A 11 -2.14 69.12 -15.75
C LEU A 11 -3.13 68.51 -16.71
N ALA A 12 -3.37 69.21 -17.80
CA ALA A 12 -4.28 68.73 -18.82
C ALA A 12 -3.45 68.36 -20.04
N VAL A 13 -3.73 67.18 -20.60
CA VAL A 13 -2.97 66.76 -21.76
C VAL A 13 -3.85 66.04 -22.77
N SER A 14 -3.43 66.04 -24.03
CA SER A 14 -4.21 65.40 -25.09
C SER A 14 -3.69 64.00 -25.41
N ALA A 15 -4.58 63.12 -25.82
CA ALA A 15 -4.19 61.77 -26.18
C ALA A 15 -3.04 61.88 -27.17
N GLY A 16 -1.99 61.10 -26.91
CA GLY A 16 -0.83 61.10 -27.79
C GLY A 16 0.36 61.92 -27.35
N GLU A 17 0.12 62.94 -26.53
CA GLU A 17 1.19 63.81 -26.08
C GLU A 17 1.90 63.23 -24.85
N ARG A 18 3.13 63.66 -24.61
CA ARG A 18 3.88 63.16 -23.47
C ARG A 18 3.64 64.11 -22.30
N VAL A 19 3.83 63.60 -21.08
CA VAL A 19 3.65 64.39 -19.87
C VAL A 19 4.72 64.01 -18.85
N THR A 20 5.07 64.97 -18.01
CA THR A 20 6.06 64.73 -16.97
C THR A 20 5.53 65.38 -15.71
N MET A 21 5.86 64.81 -14.57
CA MET A 21 5.45 65.34 -13.27
C MET A 21 6.56 65.07 -12.28
N THR A 22 6.82 66.02 -11.40
CA THR A 22 7.91 65.84 -10.46
C THR A 22 7.49 65.61 -9.03
N CYS A 23 8.44 65.07 -8.27
CA CYS A 23 8.26 64.77 -6.87
C CYS A 23 9.58 65.15 -6.21
N LYS A 24 9.50 65.92 -5.14
CA LYS A 24 10.70 66.35 -4.43
C LYS A 24 10.59 65.91 -2.99
N SER A 25 11.68 65.40 -2.44
CA SER A 25 11.69 64.97 -1.04
C SER A 25 12.68 65.84 -0.27
N SER A 26 12.37 66.12 0.99
CA SER A 26 13.22 66.94 1.85
C SER A 26 14.51 66.25 2.25
N GLN A 27 14.56 64.93 2.06
CA GLN A 27 15.75 64.16 2.40
C GLN A 27 16.04 63.14 1.31
N SER A 28 17.28 62.68 1.22
CA SER A 28 17.62 61.71 0.21
C SER A 28 16.93 60.39 0.49
N LEU A 29 16.21 59.90 -0.52
CA LEU A 29 15.49 58.65 -0.39
C LEU A 29 16.40 57.49 -0.79
N PHE A 30 17.69 57.78 -0.94
CA PHE A 30 18.66 56.76 -1.31
C PHE A 30 19.23 56.03 -0.11
N ASN A 31 19.26 54.71 -0.20
CA ASN A 31 19.77 53.87 0.88
C ASN A 31 21.10 53.26 0.46
N SER A 32 22.14 53.54 1.24
CA SER A 32 23.47 53.03 0.96
C SER A 32 23.56 51.52 1.05
N LYS A 33 22.83 50.92 1.98
CA LYS A 33 22.85 49.47 2.17
C LYS A 33 22.18 48.70 1.03
N THR A 34 20.97 49.12 0.67
CA THR A 34 20.21 48.45 -0.38
C THR A 34 20.58 48.89 -1.80
N ARG A 35 21.08 50.12 -1.92
CA ARG A 35 21.48 50.68 -3.21
C ARG A 35 20.27 51.02 -4.08
N ARG A 36 19.23 51.56 -3.46
CA ARG A 36 18.01 51.91 -4.19
C ARG A 36 17.35 53.15 -3.63
N ASN A 37 16.74 53.93 -4.51
CA ASN A 37 16.04 55.14 -4.07
C ASN A 37 14.60 54.70 -3.80
N TYR A 38 14.15 54.80 -2.55
CA TYR A 38 12.80 54.39 -2.18
C TYR A 38 11.71 55.41 -2.48
N LEU A 39 11.36 55.47 -3.75
CA LEU A 39 10.33 56.38 -4.23
C LEU A 39 9.48 55.53 -5.16
N ALA A 40 8.17 55.50 -4.90
CA ALA A 40 7.25 54.73 -5.71
C ALA A 40 6.17 55.63 -6.26
N TRP A 41 5.59 55.23 -7.39
CA TRP A 41 4.54 56.01 -8.01
C TRP A 41 3.24 55.22 -8.06
N TYR A 42 2.16 55.84 -7.60
CA TYR A 42 0.87 55.18 -7.60
C TYR A 42 -0.14 55.91 -8.47
N GLN A 43 -0.95 55.14 -9.17
CA GLN A 43 -1.97 55.67 -10.07
C GLN A 43 -3.34 55.37 -9.49
N GLN A 44 -4.17 56.41 -9.31
CA GLN A 44 -5.50 56.18 -8.78
C GLN A 44 -6.54 56.78 -9.69
N LYS A 45 -7.19 55.89 -10.44
CA LYS A 45 -8.24 56.26 -11.36
C LYS A 45 -9.53 56.48 -10.57
N PRO A 46 -10.52 57.12 -11.18
CA PRO A 46 -11.81 57.41 -10.54
C PRO A 46 -12.49 56.22 -9.86
N GLY A 47 -12.83 56.40 -8.58
CA GLY A 47 -13.50 55.35 -7.83
C GLY A 47 -12.75 54.06 -7.57
N GLN A 48 -11.46 54.03 -7.85
CA GLN A 48 -10.68 52.82 -7.63
C GLN A 48 -9.63 53.04 -6.55
N SER A 49 -9.04 51.94 -6.09
CA SER A 49 -7.99 52.04 -5.08
C SER A 49 -6.68 52.39 -5.81
N PRO A 50 -5.72 52.97 -5.11
CA PRO A 50 -4.45 53.32 -5.76
C PRO A 50 -3.81 52.05 -6.30
N LYS A 51 -2.99 52.19 -7.32
CA LYS A 51 -2.33 51.04 -7.91
C LYS A 51 -0.85 51.34 -8.13
N LEU A 52 0.02 50.42 -7.70
CA LEU A 52 1.46 50.58 -7.86
C LEU A 52 1.88 50.53 -9.32
N LEU A 53 2.68 51.51 -9.74
CA LEU A 53 3.14 51.57 -11.12
C LEU A 53 4.64 51.35 -11.18
N ILE A 54 5.33 52.10 -10.34
CA ILE A 54 6.77 52.06 -10.31
C ILE A 54 7.29 52.13 -8.89
N TYR A 55 8.40 51.43 -8.66
CA TYR A 55 9.06 51.42 -7.35
C TYR A 55 10.57 51.56 -7.55
N TRP A 56 11.28 51.80 -6.46
CA TRP A 56 12.72 52.00 -6.52
C TRP A 56 13.02 53.06 -7.58
N ALA A 57 12.18 54.10 -7.60
CA ALA A 57 12.30 55.23 -8.51
C ALA A 57 12.14 54.97 -10.00
N SER A 58 12.79 53.92 -10.52
CA SER A 58 12.69 53.66 -11.96
C SER A 58 12.30 52.25 -12.38
N THR A 59 11.96 51.38 -11.42
CA THR A 59 11.56 50.03 -11.78
C THR A 59 10.05 49.95 -11.99
N ARG A 60 9.66 49.43 -13.13
CA ARG A 60 8.26 49.30 -13.51
C ARG A 60 7.62 48.03 -12.97
N GLU A 61 6.44 48.17 -12.36
CA GLU A 61 5.72 47.01 -11.82
C GLU A 61 5.28 46.08 -12.94
N SER A 62 5.06 44.81 -12.62
CA SER A 62 4.63 43.84 -13.62
C SER A 62 3.27 44.25 -14.17
N GLY A 63 3.14 44.18 -15.50
CA GLY A 63 1.89 44.53 -16.14
C GLY A 63 1.64 46.00 -16.42
N VAL A 64 2.60 46.84 -16.06
CA VAL A 64 2.43 48.26 -16.31
C VAL A 64 3.01 48.69 -17.65
N PRO A 65 2.17 49.25 -18.53
CA PRO A 65 2.59 49.70 -19.87
C PRO A 65 3.96 50.39 -19.84
N ASP A 66 4.73 50.21 -20.92
CA ASP A 66 6.07 50.78 -21.01
C ASP A 66 6.11 52.30 -21.14
N ARG A 67 4.98 52.92 -21.48
CA ARG A 67 4.94 54.37 -21.62
C ARG A 67 5.04 55.09 -20.27
N PHE A 68 5.08 54.33 -19.19
CA PHE A 68 5.22 54.90 -17.85
C PHE A 68 6.66 54.70 -17.41
N THR A 69 7.42 55.78 -17.35
CA THR A 69 8.81 55.69 -16.94
C THR A 69 9.11 56.61 -15.76
N GLY A 70 9.70 56.03 -14.72
CA GLY A 70 10.08 56.82 -13.55
C GLY A 70 11.57 57.06 -13.54
N SER A 71 11.99 58.22 -13.06
CA SER A 71 13.41 58.49 -13.03
C SER A 71 13.78 59.48 -11.93
N GLY A 72 15.07 59.60 -11.70
CA GLY A 72 15.58 60.49 -10.68
C GLY A 72 16.27 59.72 -9.58
N SER A 73 16.73 60.43 -8.56
CA SER A 73 17.40 59.83 -7.42
C SER A 73 17.72 60.94 -6.44
N GLY A 74 18.00 60.57 -5.21
CA GLY A 74 18.30 61.56 -4.20
C GLY A 74 17.05 62.27 -3.73
N THR A 75 16.81 63.48 -4.22
CA THR A 75 15.64 64.27 -3.80
C THR A 75 14.71 64.73 -4.91
N GLU A 76 15.09 64.51 -6.16
CA GLU A 76 14.24 64.93 -7.26
C GLU A 76 13.92 63.78 -8.19
N PHE A 77 12.64 63.43 -8.21
CA PHE A 77 12.17 62.33 -9.05
C PHE A 77 11.16 62.82 -10.07
N THR A 78 10.98 62.02 -11.13
CA THR A 78 10.07 62.40 -12.20
C THR A 78 9.28 61.23 -12.72
N LEU A 79 8.01 61.47 -13.06
CA LEU A 79 7.17 60.43 -13.63
C LEU A 79 6.84 60.95 -15.01
N THR A 80 7.21 60.19 -16.03
CA THR A 80 6.96 60.60 -17.39
C THR A 80 6.00 59.64 -18.07
N ILE A 81 5.11 60.19 -18.89
CA ILE A 81 4.18 59.35 -19.62
C ILE A 81 4.23 59.75 -21.09
N SER A 82 4.70 58.85 -21.94
CA SER A 82 4.76 59.11 -23.36
C SER A 82 3.45 58.60 -23.94
N SER A 83 2.95 59.24 -25.00
CA SER A 83 1.70 58.82 -25.63
C SER A 83 0.60 58.53 -24.61
N VAL A 84 0.14 59.57 -23.95
CA VAL A 84 -0.91 59.44 -22.95
C VAL A 84 -2.20 58.97 -23.60
N GLN A 85 -2.91 58.08 -22.94
CA GLN A 85 -4.18 57.58 -23.45
C GLN A 85 -5.26 58.15 -22.56
N ALA A 86 -6.50 58.16 -23.05
CA ALA A 86 -7.60 58.70 -22.25
C ALA A 86 -7.69 57.95 -20.93
N GLU A 87 -7.60 56.62 -21.01
CA GLU A 87 -7.67 55.76 -19.84
C GLU A 87 -6.71 56.18 -18.72
N ASP A 88 -5.70 56.98 -19.06
CA ASP A 88 -4.74 57.42 -18.05
C ASP A 88 -5.30 58.49 -17.12
N LEU A 89 -6.55 58.87 -17.32
CA LEU A 89 -7.18 59.87 -16.47
C LEU A 89 -7.09 59.36 -15.04
N ALA A 90 -6.44 60.13 -14.17
CA ALA A 90 -6.27 59.71 -12.78
C ALA A 90 -5.43 60.71 -12.02
N VAL A 91 -5.22 60.42 -10.73
CA VAL A 91 -4.36 61.26 -9.89
C VAL A 91 -3.15 60.37 -9.63
N TYR A 92 -1.96 60.93 -9.82
CA TYR A 92 -0.72 60.18 -9.62
C TYR A 92 0.00 60.63 -8.35
N TYR A 93 0.25 59.68 -7.46
CA TYR A 93 0.90 59.99 -6.21
C TYR A 93 2.29 59.37 -6.10
N CYS A 94 3.26 60.15 -5.66
CA CYS A 94 4.57 59.56 -5.42
C CYS A 94 4.56 59.26 -3.94
N LYS A 95 5.44 58.36 -3.50
CA LYS A 95 5.50 57.99 -2.09
C LYS A 95 6.90 57.50 -1.75
N GLN A 96 7.44 57.99 -0.64
CA GLN A 96 8.75 57.56 -0.22
C GLN A 96 8.62 56.49 0.86
N SER A 97 9.49 55.50 0.80
CA SER A 97 9.49 54.42 1.76
C SER A 97 10.92 54.22 2.24
N TYR A 98 11.67 55.32 2.31
CA TYR A 98 13.05 55.25 2.78
C TYR A 98 12.95 55.01 4.27
N ASN A 99 12.24 55.90 4.93
CA ASN A 99 12.01 55.78 6.36
C ASN A 99 10.55 56.09 6.60
N LEU A 100 9.81 55.09 7.08
CA LEU A 100 8.37 55.23 7.28
C LEU A 100 7.82 55.39 5.86
N ARG A 101 6.70 56.09 5.73
CA ARG A 101 6.12 56.30 4.40
C ARG A 101 5.41 57.65 4.36
N THR A 102 5.53 58.34 3.25
CA THR A 102 4.89 59.64 3.10
C THR A 102 4.48 59.85 1.64
N PHE A 103 3.24 60.29 1.45
CA PHE A 103 2.70 60.51 0.12
C PHE A 103 2.82 61.97 -0.33
N GLY A 104 2.99 62.17 -1.63
CA GLY A 104 3.05 63.52 -2.16
C GLY A 104 1.61 64.00 -2.23
N GLY A 105 1.39 65.26 -2.58
CA GLY A 105 0.04 65.77 -2.66
C GLY A 105 -0.68 65.30 -3.91
N GLY A 106 0.06 64.63 -4.79
CA GLY A 106 -0.54 64.14 -6.03
C GLY A 106 -0.68 65.14 -7.15
N THR A 107 -0.63 64.62 -8.37
CA THR A 107 -0.76 65.40 -9.59
C THR A 107 -2.02 64.88 -10.28
N LYS A 108 -3.00 65.77 -10.50
CA LYS A 108 -4.25 65.37 -11.14
C LYS A 108 -4.13 65.49 -12.66
N LEU A 109 -4.15 64.36 -13.34
CA LEU A 109 -4.01 64.36 -14.78
C LEU A 109 -5.37 64.44 -15.45
N GLU A 110 -5.62 65.55 -16.12
CA GLU A 110 -6.88 65.77 -16.82
C GLU A 110 -6.71 65.54 -18.33
N ILE A 111 -7.79 65.14 -18.99
CA ILE A 111 -7.73 64.86 -20.41
C ILE A 111 -8.32 65.99 -21.24
N LYS A 112 -7.51 66.52 -22.15
CA LYS A 112 -7.94 67.60 -23.02
C LYS A 112 -8.78 67.04 -24.15
N ARG A 113 -9.61 67.90 -24.72
CA ARG A 113 -10.48 67.52 -25.83
C ARG A 113 -11.09 68.79 -26.42
N ALA A 114 -11.81 68.64 -27.52
CA ALA A 114 -12.43 69.78 -28.17
C ALA A 114 -13.53 70.41 -27.29
N ASP A 115 -13.77 71.70 -27.49
CA ASP A 115 -14.81 72.38 -26.74
C ASP A 115 -16.14 71.74 -27.13
N ALA A 116 -17.14 71.85 -26.25
CA ALA A 116 -18.45 71.29 -26.54
C ALA A 116 -19.48 72.07 -25.74
N ALA A 117 -20.53 72.48 -26.43
CA ALA A 117 -21.59 73.23 -25.79
C ALA A 117 -22.41 72.30 -24.91
N PRO A 118 -22.96 72.82 -23.81
CA PRO A 118 -23.75 72.00 -22.90
C PRO A 118 -25.15 71.74 -23.43
N THR A 119 -25.72 70.60 -23.05
CA THR A 119 -27.08 70.28 -23.45
C THR A 119 -27.89 70.59 -22.20
N VAL A 120 -28.75 71.59 -22.29
CA VAL A 120 -29.53 72.03 -21.15
C VAL A 120 -30.94 71.46 -21.09
N SER A 121 -31.32 71.03 -19.89
CA SER A 121 -32.63 70.46 -19.64
C SER A 121 -33.15 71.01 -18.31
N ILE A 122 -34.37 71.50 -18.31
CA ILE A 122 -34.95 72.04 -17.08
C ILE A 122 -36.13 71.15 -16.67
N PHE A 123 -36.28 70.94 -15.37
CA PHE A 123 -37.36 70.10 -14.86
C PHE A 123 -38.15 70.74 -13.72
N PRO A 124 -39.48 70.76 -13.85
CA PRO A 124 -40.37 71.33 -12.84
C PRO A 124 -40.38 70.40 -11.64
N PRO A 125 -40.70 70.91 -10.44
CA PRO A 125 -40.74 70.07 -9.25
C PRO A 125 -41.68 68.89 -9.46
N SER A 126 -41.32 67.73 -8.95
CA SER A 126 -42.17 66.55 -9.11
C SER A 126 -43.43 66.71 -8.26
N SER A 127 -44.51 66.07 -8.67
CA SER A 127 -45.76 66.17 -7.94
C SER A 127 -45.64 65.63 -6.51
N GLU A 128 -44.90 64.53 -6.33
CA GLU A 128 -44.75 63.98 -4.99
C GLU A 128 -43.95 64.89 -4.05
N GLN A 129 -42.96 65.60 -4.59
CA GLN A 129 -42.21 66.49 -3.72
C GLN A 129 -43.11 67.66 -3.34
N LEU A 130 -44.04 68.01 -4.23
CA LEU A 130 -44.96 69.10 -3.96
C LEU A 130 -45.96 68.75 -2.86
N THR A 131 -46.56 67.57 -2.96
CA THR A 131 -47.52 67.14 -1.94
C THR A 131 -46.86 67.12 -0.57
N SER A 132 -45.54 66.92 -0.52
CA SER A 132 -44.84 66.88 0.77
C SER A 132 -44.45 68.28 1.25
N GLY A 133 -44.78 69.29 0.46
CA GLY A 133 -44.47 70.66 0.84
C GLY A 133 -43.15 71.22 0.31
N GLY A 134 -42.48 70.47 -0.54
CA GLY A 134 -41.22 70.93 -1.10
C GLY A 134 -41.28 71.22 -2.58
N ALA A 135 -40.38 72.06 -3.07
CA ALA A 135 -40.34 72.40 -4.49
C ALA A 135 -38.92 72.66 -5.02
N SER A 136 -38.33 71.63 -5.62
CA SER A 136 -36.99 71.74 -6.19
C SER A 136 -37.03 71.77 -7.71
N VAL A 137 -36.49 72.84 -8.29
CA VAL A 137 -36.43 72.95 -9.75
C VAL A 137 -35.02 72.55 -10.16
N VAL A 138 -34.90 71.51 -10.99
CA VAL A 138 -33.60 71.03 -11.42
C VAL A 138 -33.26 71.40 -12.86
N CYS A 139 -31.99 71.69 -13.09
CA CYS A 139 -31.54 72.04 -14.42
C CYS A 139 -30.21 71.35 -14.69
N PHE A 140 -30.16 70.58 -15.78
CA PHE A 140 -28.94 69.88 -16.14
C PHE A 140 -28.23 70.53 -17.32
N LEU A 141 -26.92 70.69 -17.19
CA LEU A 141 -26.08 71.24 -18.25
C LEU A 141 -25.12 70.07 -18.51
N ASN A 142 -25.44 69.26 -19.51
CA ASN A 142 -24.63 68.08 -19.78
C ASN A 142 -23.65 68.07 -20.95
N ASN A 143 -22.59 67.29 -20.76
CA ASN A 143 -21.53 67.07 -21.74
C ASN A 143 -20.97 68.31 -22.42
N PHE A 144 -20.36 69.20 -21.64
CA PHE A 144 -19.77 70.39 -22.19
C PHE A 144 -18.29 70.38 -21.86
N TYR A 145 -17.53 71.25 -22.52
CA TYR A 145 -16.09 71.34 -22.28
C TYR A 145 -15.62 72.66 -22.88
N PRO A 146 -14.73 73.38 -22.19
CA PRO A 146 -14.11 73.09 -20.88
C PRO A 146 -15.06 73.18 -19.67
N LYS A 147 -14.54 72.90 -18.49
CA LYS A 147 -15.31 72.87 -17.25
C LYS A 147 -16.00 74.15 -16.79
N ASP A 148 -15.38 75.31 -17.04
CA ASP A 148 -15.95 76.58 -16.61
C ASP A 148 -17.31 76.83 -17.27
N ILE A 149 -18.30 77.13 -16.45
CA ILE A 149 -19.63 77.40 -16.97
C ILE A 149 -20.41 78.19 -15.93
N ASN A 150 -21.43 78.93 -16.38
CA ASN A 150 -22.23 79.73 -15.47
C ASN A 150 -23.71 79.50 -15.69
N VAL A 151 -24.45 79.47 -14.58
CA VAL A 151 -25.88 79.27 -14.64
C VAL A 151 -26.57 80.41 -13.90
N LYS A 152 -27.65 80.90 -14.48
CA LYS A 152 -28.42 81.97 -13.88
C LYS A 152 -29.88 81.51 -13.85
N TRP A 153 -30.53 81.65 -12.70
CA TRP A 153 -31.93 81.28 -12.58
C TRP A 153 -32.79 82.52 -12.65
N LYS A 154 -33.87 82.46 -13.43
CA LYS A 154 -34.77 83.59 -13.56
C LYS A 154 -36.22 83.17 -13.31
N ILE A 155 -36.83 83.79 -12.31
CA ILE A 155 -38.22 83.51 -11.95
C ILE A 155 -39.07 84.71 -12.39
N ASP A 156 -39.90 84.50 -13.41
CA ASP A 156 -40.73 85.56 -13.95
C ASP A 156 -39.87 86.70 -14.46
N GLY A 157 -38.75 86.36 -15.07
CA GLY A 157 -37.85 87.38 -15.61
C GLY A 157 -36.86 88.00 -14.64
N SER A 158 -36.95 87.65 -13.37
CA SER A 158 -36.04 88.20 -12.36
C SER A 158 -35.00 87.19 -11.88
N GLU A 159 -33.75 87.62 -11.85
CA GLU A 159 -32.66 86.76 -11.42
C GLU A 159 -32.80 86.34 -9.96
N ARG A 160 -32.69 85.04 -9.73
CA ARG A 160 -32.78 84.44 -8.41
C ARG A 160 -31.38 83.99 -8.01
N GLN A 161 -30.91 84.44 -6.85
CA GLN A 161 -29.56 84.06 -6.41
C GLN A 161 -29.52 83.45 -5.01
N ASN A 162 -30.66 82.95 -4.54
CA ASN A 162 -30.75 82.35 -3.21
C ASN A 162 -31.38 80.96 -3.28
N GLY A 163 -30.77 80.01 -2.59
CA GLY A 163 -31.30 78.65 -2.59
C GLY A 163 -30.87 77.84 -3.81
N VAL A 164 -29.77 78.24 -4.43
CA VAL A 164 -29.25 77.54 -5.60
C VAL A 164 -28.00 76.76 -5.24
N LEU A 165 -28.00 75.47 -5.57
CA LEU A 165 -26.86 74.60 -5.29
C LEU A 165 -26.42 73.88 -6.56
N ASN A 166 -25.16 74.08 -6.92
CA ASN A 166 -24.61 73.46 -8.12
C ASN A 166 -23.63 72.33 -7.77
N SER A 167 -23.55 71.36 -8.66
CA SER A 167 -22.65 70.23 -8.49
C SER A 167 -22.05 69.87 -9.84
N TRP A 168 -20.73 69.70 -9.87
CA TRP A 168 -20.00 69.33 -11.10
C TRP A 168 -19.53 67.89 -11.06
N THR A 169 -19.72 67.16 -12.16
CA THR A 169 -19.25 65.78 -12.23
C THR A 169 -17.79 65.85 -12.63
N ASP A 170 -17.09 64.72 -12.53
CA ASP A 170 -15.70 64.66 -12.96
C ASP A 170 -15.78 64.43 -14.47
N GLN A 171 -14.64 64.35 -15.13
CA GLN A 171 -14.67 64.11 -16.58
C GLN A 171 -15.32 62.79 -16.91
N ASP A 172 -16.25 62.81 -17.85
CA ASP A 172 -16.94 61.60 -18.27
C ASP A 172 -15.91 60.57 -18.75
N SER A 173 -16.07 59.33 -18.31
CA SER A 173 -15.15 58.26 -18.69
C SER A 173 -15.23 57.93 -20.18
N LYS A 174 -16.30 58.36 -20.83
CA LYS A 174 -16.48 58.09 -22.25
C LYS A 174 -15.99 59.19 -23.19
N ASP A 175 -16.49 60.42 -23.02
CA ASP A 175 -16.10 61.52 -23.91
C ASP A 175 -15.30 62.65 -23.26
N SER A 176 -14.90 62.47 -22.02
CA SER A 176 -14.11 63.46 -21.29
C SER A 176 -14.75 64.83 -21.10
N THR A 177 -16.06 64.91 -21.26
CA THR A 177 -16.74 66.19 -21.05
C THR A 177 -17.13 66.31 -19.57
N TYR A 178 -17.68 67.48 -19.23
CA TYR A 178 -18.14 67.72 -17.86
C TYR A 178 -19.65 67.93 -17.92
N SER A 179 -20.29 67.78 -16.76
CA SER A 179 -21.72 67.99 -16.65
C SER A 179 -21.95 68.69 -15.33
N MET A 180 -23.00 69.49 -15.26
CA MET A 180 -23.27 70.19 -14.02
C MET A 180 -24.75 70.20 -13.71
N SER A 181 -25.06 70.08 -12.42
CA SER A 181 -26.42 70.08 -11.96
C SER A 181 -26.68 71.39 -11.21
N SER A 182 -27.84 71.99 -11.44
CA SER A 182 -28.20 73.22 -10.75
C SER A 182 -29.59 73.01 -10.19
N THR A 183 -29.70 73.07 -8.87
CA THR A 183 -30.97 72.85 -8.20
C THR A 183 -31.46 74.05 -7.40
N LEU A 184 -32.63 74.56 -7.80
CA LEU A 184 -33.24 75.69 -7.12
C LEU A 184 -34.27 75.10 -6.15
N THR A 185 -34.03 75.27 -4.86
CA THR A 185 -34.94 74.73 -3.85
C THR A 185 -35.85 75.80 -3.26
N LEU A 186 -37.15 75.60 -3.43
CA LEU A 186 -38.17 76.52 -2.93
C LEU A 186 -39.23 75.76 -2.12
N THR A 187 -40.11 76.51 -1.47
CA THR A 187 -41.19 75.91 -0.69
C THR A 187 -42.36 75.81 -1.65
N LYS A 188 -43.28 74.87 -1.39
CA LYS A 188 -44.44 74.73 -2.28
C LYS A 188 -45.13 76.07 -2.49
N ASP A 189 -45.33 76.82 -1.42
CA ASP A 189 -45.99 78.12 -1.51
C ASP A 189 -45.18 79.10 -2.36
N GLU A 190 -43.89 79.20 -2.05
CA GLU A 190 -42.99 80.10 -2.77
C GLU A 190 -42.99 79.75 -4.26
N TYR A 191 -42.92 78.47 -4.57
CA TYR A 191 -42.90 78.01 -5.95
C TYR A 191 -44.17 78.40 -6.70
N GLU A 192 -45.28 78.49 -5.99
CA GLU A 192 -46.55 78.83 -6.63
C GLU A 192 -46.85 80.32 -6.74
N ARG A 193 -46.09 81.14 -6.02
CA ARG A 193 -46.31 82.59 -6.08
C ARG A 193 -45.75 83.17 -7.39
N HIS A 194 -45.24 82.30 -8.25
CA HIS A 194 -44.66 82.70 -9.53
C HIS A 194 -45.01 81.68 -10.61
N ASN A 195 -44.81 82.04 -11.87
CA ASN A 195 -45.15 81.13 -12.97
C ASN A 195 -44.01 80.81 -13.95
N SER A 196 -43.17 81.81 -14.23
CA SER A 196 -42.07 81.63 -15.17
C SER A 196 -40.75 81.19 -14.51
N TYR A 197 -40.27 80.01 -14.89
CA TYR A 197 -39.03 79.47 -14.36
C TYR A 197 -38.03 79.22 -15.48
N THR A 198 -36.92 79.95 -15.45
CA THR A 198 -35.91 79.83 -16.49
C THR A 198 -34.49 79.52 -16.01
N CYS A 199 -33.82 78.66 -16.76
CA CYS A 199 -32.46 78.26 -16.49
C CYS A 199 -31.60 78.78 -17.65
N GLU A 200 -30.56 79.57 -17.35
CA GLU A 200 -29.70 80.11 -18.39
C GLU A 200 -28.25 79.68 -18.23
N ALA A 201 -27.71 79.04 -19.26
CA ALA A 201 -26.33 78.57 -19.20
C ALA A 201 -25.44 79.40 -20.12
N THR A 202 -24.30 79.82 -19.59
CA THR A 202 -23.35 80.61 -20.37
C THR A 202 -22.03 79.85 -20.39
N HIS A 203 -21.58 79.52 -21.58
CA HIS A 203 -20.34 78.77 -21.75
C HIS A 203 -19.54 79.41 -22.88
N LYS A 204 -18.21 79.28 -22.82
CA LYS A 204 -17.33 79.89 -23.82
C LYS A 204 -17.65 79.47 -25.25
N THR A 205 -18.41 78.41 -25.42
CA THR A 205 -18.74 77.93 -26.76
C THR A 205 -19.75 78.82 -27.48
N SER A 206 -20.20 79.88 -26.84
CA SER A 206 -21.17 80.80 -27.46
C SER A 206 -21.37 82.07 -26.67
N THR A 207 -21.56 83.18 -27.40
CA THR A 207 -21.80 84.46 -26.77
C THR A 207 -23.27 84.49 -26.36
N SER A 208 -24.08 83.66 -27.00
CA SER A 208 -25.51 83.57 -26.70
C SER A 208 -25.78 82.55 -25.61
N PRO A 209 -26.41 82.97 -24.51
CA PRO A 209 -26.69 82.01 -23.44
C PRO A 209 -27.70 80.97 -23.92
N ILE A 210 -27.63 79.76 -23.38
CA ILE A 210 -28.58 78.73 -23.76
C ILE A 210 -29.69 78.79 -22.72
N VAL A 211 -30.90 79.04 -23.19
CA VAL A 211 -32.03 79.18 -22.30
C VAL A 211 -33.07 78.06 -22.37
N LYS A 212 -33.55 77.65 -21.20
CA LYS A 212 -34.57 76.63 -21.08
C LYS A 212 -35.51 77.04 -19.96
N SER A 213 -36.81 76.84 -20.16
CA SER A 213 -37.77 77.22 -19.15
C SER A 213 -39.12 76.54 -19.30
N PHE A 214 -40.00 76.81 -18.32
CA PHE A 214 -41.35 76.26 -18.31
C PHE A 214 -42.23 77.15 -17.43
N ASN A 215 -43.51 76.79 -17.35
CA ASN A 215 -44.46 77.52 -16.53
C ASN A 215 -45.21 76.51 -15.65
N ARG A 216 -45.52 76.89 -14.42
CA ARG A 216 -46.24 76.03 -13.49
C ARG A 216 -47.43 75.32 -14.16
N ASN A 217 -48.29 76.10 -14.81
CA ASN A 217 -49.45 75.57 -15.48
C ASN A 217 -49.09 74.96 -16.84
N GLU B 1 -5.72 34.17 -5.92
CA GLU B 1 -5.41 35.63 -5.97
C GLU B 1 -5.36 36.20 -4.57
N VAL B 2 -4.73 37.36 -4.43
CA VAL B 2 -4.63 38.01 -3.14
C VAL B 2 -5.78 38.98 -2.91
N ASN B 3 -6.47 38.83 -1.78
CA ASN B 3 -7.59 39.71 -1.47
C ASN B 3 -7.48 40.33 -0.08
N LEU B 4 -7.84 41.60 -0.01
CA LEU B 4 -7.85 42.34 1.24
C LEU B 4 -9.21 43.02 1.29
N VAL B 5 -9.91 42.88 2.41
CA VAL B 5 -11.23 43.50 2.55
C VAL B 5 -11.40 44.17 3.91
N GLU B 6 -11.52 45.49 3.88
CA GLU B 6 -11.70 46.28 5.09
C GLU B 6 -13.16 46.30 5.52
N SER B 7 -13.39 46.34 6.83
CA SER B 7 -14.73 46.39 7.41
C SER B 7 -14.70 47.23 8.67
N GLY B 8 -15.89 47.60 9.15
CA GLY B 8 -15.98 48.39 10.37
C GLY B 8 -16.21 49.87 10.10
N GLY B 9 -15.95 50.29 8.88
CA GLY B 9 -16.14 51.69 8.56
C GLY B 9 -17.61 52.06 8.53
N GLY B 10 -18.00 53.00 9.39
CA GLY B 10 -19.38 53.45 9.44
C GLY B 10 -19.48 54.90 9.89
N LEU B 11 -20.66 55.26 10.38
CA LEU B 11 -20.92 56.60 10.88
C LEU B 11 -20.67 56.54 12.37
N VAL B 12 -19.84 57.45 12.88
CA VAL B 12 -19.51 57.48 14.30
C VAL B 12 -19.47 58.90 14.86
N GLN B 13 -20.13 59.09 15.99
CA GLN B 13 -20.18 60.40 16.63
C GLN B 13 -18.79 60.89 17.03
N PRO B 14 -18.47 62.15 16.71
CA PRO B 14 -17.14 62.67 17.09
C PRO B 14 -16.88 62.37 18.55
N GLY B 15 -15.63 62.03 18.87
CA GLY B 15 -15.29 61.71 20.24
C GLY B 15 -15.28 60.22 20.52
N GLY B 16 -16.12 59.46 19.82
CA GLY B 16 -16.17 58.03 20.02
C GLY B 16 -15.00 57.31 19.40
N SER B 17 -15.04 55.98 19.44
CA SER B 17 -13.97 55.17 18.87
C SER B 17 -14.53 54.18 17.84
N LEU B 18 -13.63 53.47 17.17
CA LEU B 18 -14.04 52.51 16.14
C LEU B 18 -12.88 51.60 15.80
N ARG B 19 -13.17 50.34 15.51
CA ARG B 19 -12.12 49.40 15.15
C ARG B 19 -12.38 48.86 13.75
N LEU B 20 -11.41 49.05 12.85
CA LEU B 20 -11.55 48.57 11.50
C LEU B 20 -10.86 47.22 11.40
N SER B 21 -11.34 46.41 10.47
CA SER B 21 -10.74 45.11 10.24
C SER B 21 -10.35 45.03 8.80
N CYS B 22 -9.46 44.11 8.52
CA CYS B 22 -8.99 43.86 7.18
C CYS B 22 -8.81 42.35 7.15
N ALA B 23 -9.75 41.66 6.52
CA ALA B 23 -9.64 40.21 6.41
C ALA B 23 -8.85 39.95 5.14
N THR B 24 -7.93 39.01 5.20
CA THR B 24 -7.10 38.71 4.04
C THR B 24 -7.14 37.24 3.63
N SER B 25 -6.72 36.98 2.40
CA SER B 25 -6.68 35.61 1.88
C SER B 25 -5.76 35.61 0.67
N GLY B 26 -5.29 34.43 0.27
CA GLY B 26 -4.44 34.36 -0.91
C GLY B 26 -2.94 34.53 -0.76
N PHE B 27 -2.47 34.86 0.43
CA PHE B 27 -1.03 35.01 0.65
C PHE B 27 -0.71 34.71 2.11
N THR B 28 0.57 34.45 2.39
CA THR B 28 0.97 34.16 3.76
C THR B 28 1.00 35.45 4.54
N PHE B 29 -0.03 35.67 5.34
CA PHE B 29 -0.18 36.88 6.14
C PHE B 29 0.97 37.07 7.13
N ILE B 30 1.27 36.02 7.89
CA ILE B 30 2.30 36.08 8.91
C ILE B 30 3.66 36.53 8.42
N ASP B 31 3.95 36.33 7.14
CA ASP B 31 5.22 36.75 6.57
C ASP B 31 5.30 38.24 6.23
N ASN B 32 4.16 38.93 6.22
CA ASN B 32 4.15 40.33 5.81
C ASN B 32 4.03 41.44 6.83
N TYR B 33 4.48 42.62 6.39
CA TYR B 33 4.39 43.87 7.13
C TYR B 33 3.07 44.36 6.54
N MET B 34 2.26 45.07 7.31
CA MET B 34 0.98 45.56 6.78
C MET B 34 0.80 47.02 7.18
N SER B 35 0.27 47.84 6.27
CA SER B 35 0.05 49.25 6.58
C SER B 35 -1.39 49.65 6.36
N TRP B 36 -1.73 50.82 6.86
CA TRP B 36 -3.06 51.38 6.68
C TRP B 36 -2.84 52.76 6.06
N VAL B 37 -3.64 53.06 5.06
CA VAL B 37 -3.60 54.34 4.36
C VAL B 37 -5.03 54.87 4.32
N ARG B 38 -5.20 56.19 4.38
CA ARG B 38 -6.55 56.73 4.32
C ARG B 38 -6.63 57.84 3.31
N GLN B 39 -7.84 58.36 3.10
CA GLN B 39 -8.00 59.42 2.13
C GLN B 39 -9.32 60.14 2.30
N PRO B 40 -9.28 61.39 2.77
CA PRO B 40 -10.51 62.16 2.94
C PRO B 40 -11.10 62.38 1.54
N PRO B 41 -12.41 62.61 1.44
CA PRO B 41 -13.01 62.83 0.12
C PRO B 41 -12.25 63.89 -0.67
N GLY B 42 -12.03 63.62 -1.96
CA GLY B 42 -11.33 64.56 -2.82
C GLY B 42 -10.01 65.07 -2.28
N LYS B 43 -9.37 64.32 -1.41
CA LYS B 43 -8.07 64.72 -0.84
C LYS B 43 -7.00 63.70 -1.17
N ALA B 44 -5.78 63.96 -0.70
CA ALA B 44 -4.66 63.07 -0.98
C ALA B 44 -4.49 61.91 -0.01
N LEU B 45 -3.84 60.87 -0.49
CA LEU B 45 -3.56 59.69 0.31
C LEU B 45 -2.71 60.10 1.50
N GLU B 46 -2.86 59.38 2.61
CA GLU B 46 -2.07 59.65 3.81
C GLU B 46 -1.68 58.31 4.44
N TRP B 47 -0.40 58.11 4.68
CA TRP B 47 0.05 56.87 5.30
C TRP B 47 -0.26 56.98 6.79
N LEU B 48 -0.92 55.96 7.34
CA LEU B 48 -1.26 55.98 8.76
C LEU B 48 -0.24 55.25 9.62
N GLY B 49 0.35 54.19 9.09
CA GLY B 49 1.34 53.45 9.85
C GLY B 49 1.39 52.01 9.41
N PHE B 50 2.28 51.23 10.00
CA PHE B 50 2.35 49.81 9.67
C PHE B 50 2.66 48.98 10.89
N ILE B 51 2.63 47.67 10.73
CA ILE B 51 2.96 46.77 11.81
C ILE B 51 3.87 45.71 11.25
N ARG B 52 5.03 45.53 11.88
CA ARG B 52 6.00 44.54 11.45
C ARG B 52 5.47 43.13 11.67
N ASN B 53 6.13 42.14 11.08
CA ASN B 53 5.69 40.76 11.25
C ASN B 53 6.20 40.16 12.55
N LYS B 54 5.88 38.90 12.80
CA LYS B 54 6.30 38.23 14.02
C LYS B 54 7.82 38.27 14.15
N VAL B 55 8.49 37.91 13.06
CA VAL B 55 9.96 37.90 13.02
C VAL B 55 10.57 39.21 13.50
N ASN B 56 9.83 40.30 13.36
CA ASN B 56 10.33 41.60 13.77
C ASN B 56 9.71 42.19 15.02
N GLY B 57 9.09 41.33 15.84
CA GLY B 57 8.51 41.80 17.08
C GLY B 57 7.17 42.51 17.06
N TYR B 58 6.38 42.30 16.02
CA TYR B 58 5.05 42.93 15.92
C TYR B 58 5.03 44.40 16.32
N THR B 59 6.16 45.09 16.19
CA THR B 59 6.20 46.51 16.55
C THR B 59 5.53 47.35 15.47
N THR B 60 5.18 48.58 15.81
CA THR B 60 4.50 49.45 14.85
C THR B 60 5.15 50.83 14.69
N GLU B 61 4.76 51.52 13.62
CA GLU B 61 5.26 52.85 13.30
C GLU B 61 4.03 53.60 12.78
N TYR B 62 3.95 54.90 13.07
CA TYR B 62 2.78 55.67 12.65
C TYR B 62 3.15 56.97 11.94
N GLY B 63 2.14 57.60 11.35
CA GLY B 63 2.34 58.87 10.68
C GLY B 63 2.13 59.94 11.73
N PRO B 64 2.69 61.14 11.55
CA PRO B 64 2.52 62.21 12.54
C PRO B 64 1.07 62.49 12.92
N SER B 65 0.21 62.61 11.92
CA SER B 65 -1.21 62.90 12.12
C SER B 65 -1.99 61.98 13.06
N VAL B 66 -1.59 60.72 13.15
CA VAL B 66 -2.32 59.78 14.00
C VAL B 66 -1.57 59.18 15.17
N LYS B 67 -0.24 59.26 15.14
CA LYS B 67 0.55 58.69 16.23
C LYS B 67 -0.02 59.08 17.59
N GLY B 68 -0.25 58.08 18.44
CA GLY B 68 -0.78 58.31 19.77
C GLY B 68 -2.28 58.15 19.90
N ARG B 69 -3.01 58.29 18.81
CA ARG B 69 -4.46 58.17 18.86
C ARG B 69 -4.98 56.89 18.21
N PHE B 70 -4.24 56.37 17.22
CA PHE B 70 -4.62 55.15 16.52
C PHE B 70 -3.66 54.01 16.90
N THR B 71 -4.17 52.78 16.90
CA THR B 71 -3.37 51.61 17.23
C THR B 71 -3.55 50.49 16.22
N ILE B 72 -2.45 50.05 15.63
CA ILE B 72 -2.49 48.96 14.66
C ILE B 72 -2.12 47.67 15.37
N SER B 73 -2.87 46.61 15.08
CA SER B 73 -2.64 45.30 15.68
C SER B 73 -2.96 44.22 14.63
N ARG B 74 -2.69 42.96 14.96
CA ARG B 74 -2.96 41.88 14.01
C ARG B 74 -3.20 40.57 14.72
N ASP B 75 -3.79 39.62 14.00
CA ASP B 75 -4.08 38.29 14.52
C ASP B 75 -3.59 37.34 13.44
N ASP B 76 -2.35 36.90 13.57
CA ASP B 76 -1.77 36.01 12.59
C ASP B 76 -2.49 34.68 12.45
N SER B 77 -3.22 34.26 13.48
CA SER B 77 -3.94 32.99 13.38
C SER B 77 -5.16 33.14 12.50
N GLN B 78 -5.66 34.36 12.40
CA GLN B 78 -6.83 34.65 11.58
C GLN B 78 -6.51 35.39 10.29
N SER B 79 -5.27 35.84 10.14
CA SER B 79 -4.84 36.57 8.95
C SER B 79 -5.64 37.85 8.84
N ILE B 80 -5.91 38.47 9.98
CA ILE B 80 -6.67 39.71 10.02
C ILE B 80 -5.81 40.83 10.60
N LEU B 81 -6.02 42.03 10.07
CA LEU B 81 -5.31 43.23 10.48
C LEU B 81 -6.31 44.20 11.11
N TYR B 82 -5.95 44.80 12.24
CA TYR B 82 -6.87 45.73 12.88
C TYR B 82 -6.34 47.14 12.96
N LEU B 83 -7.26 48.08 13.10
CA LEU B 83 -6.90 49.48 13.23
C LEU B 83 -7.88 50.08 14.21
N GLN B 84 -7.41 50.30 15.44
CA GLN B 84 -8.22 50.88 16.50
C GLN B 84 -8.12 52.39 16.39
N MET B 85 -9.26 53.05 16.29
CA MET B 85 -9.30 54.52 16.19
C MET B 85 -10.02 55.09 17.41
N ASN B 86 -9.28 55.87 18.20
CA ASN B 86 -9.85 56.48 19.40
C ASN B 86 -9.89 58.00 19.24
N THR B 87 -10.68 58.66 20.07
CA THR B 87 -10.79 60.11 20.05
C THR B 87 -10.97 60.65 18.63
N LEU B 88 -11.95 60.10 17.92
CA LEU B 88 -12.23 60.50 16.55
C LEU B 88 -12.55 61.98 16.41
N ARG B 89 -12.08 62.57 15.32
CA ARG B 89 -12.29 63.98 15.01
C ARG B 89 -12.96 64.02 13.64
N THR B 90 -13.50 65.17 13.26
CA THR B 90 -14.14 65.31 11.96
C THR B 90 -13.11 65.03 10.87
N GLU B 91 -11.88 65.49 11.10
CA GLU B 91 -10.78 65.31 10.16
C GLU B 91 -10.48 63.82 9.90
N ASP B 92 -11.13 62.93 10.63
CA ASP B 92 -10.92 61.50 10.46
C ASP B 92 -11.83 60.91 9.37
N SER B 93 -12.84 61.68 8.97
CA SER B 93 -13.76 61.22 7.92
C SER B 93 -12.96 60.87 6.69
N ALA B 94 -13.01 59.61 6.28
CA ALA B 94 -12.23 59.21 5.13
C ALA B 94 -12.42 57.76 4.77
N THR B 95 -11.85 57.40 3.63
CA THR B 95 -11.87 56.04 3.16
C THR B 95 -10.59 55.42 3.70
N TYR B 96 -10.70 54.33 4.45
CA TYR B 96 -9.53 53.68 4.98
C TYR B 96 -9.16 52.45 4.18
N TYR B 97 -7.88 52.38 3.82
CA TYR B 97 -7.34 51.29 3.03
C TYR B 97 -6.34 50.43 3.76
N CYS B 98 -6.45 49.14 3.49
CA CYS B 98 -5.59 48.11 4.04
C CYS B 98 -4.63 47.72 2.92
N VAL B 99 -3.33 47.74 3.18
CA VAL B 99 -2.36 47.40 2.13
C VAL B 99 -1.27 46.45 2.59
N ARG B 100 -0.74 45.68 1.65
CA ARG B 100 0.37 44.77 1.95
C ARG B 100 1.62 45.61 1.74
N ASP B 101 2.48 45.64 2.75
CA ASP B 101 3.71 46.42 2.68
C ASP B 101 4.82 45.44 2.37
N ASN B 102 4.92 45.09 1.08
CA ASN B 102 5.91 44.13 0.58
C ASN B 102 7.34 44.50 0.94
N GLY B 103 7.98 43.67 1.76
CA GLY B 103 9.35 43.92 2.18
C GLY B 103 10.41 43.10 1.46
N SER B 104 10.02 41.99 0.86
CA SER B 104 10.95 41.13 0.14
C SER B 104 11.96 41.89 -0.72
N ASP B 105 13.20 41.41 -0.76
CA ASP B 105 14.24 42.04 -1.55
C ASP B 105 14.34 43.54 -1.25
N TYR B 106 13.90 43.94 -0.06
CA TYR B 106 13.91 45.34 0.34
C TYR B 106 13.09 46.26 -0.58
N ARG B 107 12.10 45.70 -1.26
CA ARG B 107 11.24 46.50 -2.15
C ARG B 107 10.61 47.64 -1.37
N TRP B 108 9.73 47.31 -0.42
CA TRP B 108 9.06 48.30 0.42
C TRP B 108 8.11 49.22 -0.34
N TYR B 109 7.10 48.61 -0.94
CA TYR B 109 6.07 49.32 -1.67
C TYR B 109 4.73 48.64 -1.38
N PHE B 110 3.64 49.31 -1.70
CA PHE B 110 2.29 48.77 -1.46
C PHE B 110 1.76 48.08 -2.71
N ASP B 111 1.96 46.76 -2.80
CA ASP B 111 1.52 46.03 -3.99
C ASP B 111 0.08 45.55 -4.01
N VAL B 112 -0.56 45.44 -2.86
CA VAL B 112 -1.96 45.03 -2.86
C VAL B 112 -2.75 45.98 -1.98
N TRP B 113 -3.93 46.37 -2.46
CA TRP B 113 -4.81 47.27 -1.73
C TRP B 113 -6.23 46.71 -1.61
N GLY B 114 -6.92 47.07 -0.54
CA GLY B 114 -8.30 46.63 -0.38
C GLY B 114 -9.13 47.68 -1.11
N ALA B 115 -10.45 47.49 -1.15
CA ALA B 115 -11.33 48.45 -1.81
C ALA B 115 -11.55 49.66 -0.91
N GLY B 116 -11.31 49.46 0.38
CA GLY B 116 -11.46 50.53 1.34
C GLY B 116 -12.77 50.50 2.09
N THR B 117 -12.77 51.04 3.30
CA THR B 117 -13.99 51.12 4.10
C THR B 117 -14.12 52.58 4.51
N THR B 118 -15.31 53.13 4.35
CA THR B 118 -15.52 54.55 4.65
C THR B 118 -16.00 54.89 6.07
N VAL B 119 -15.29 55.83 6.69
CA VAL B 119 -15.61 56.29 8.03
C VAL B 119 -16.10 57.74 7.99
N THR B 120 -17.31 57.97 8.49
CA THR B 120 -17.87 59.32 8.52
C THR B 120 -17.96 59.74 9.98
N VAL B 121 -17.24 60.80 10.34
CA VAL B 121 -17.25 61.27 11.73
C VAL B 121 -18.08 62.52 11.86
N SER B 122 -19.34 62.35 12.24
CA SER B 122 -20.24 63.48 12.38
C SER B 122 -21.26 63.22 13.49
N SER B 123 -21.95 64.28 13.90
CA SER B 123 -22.97 64.18 14.93
C SER B 123 -24.35 64.06 14.29
N ALA B 124 -24.38 64.25 12.97
CA ALA B 124 -25.64 64.15 12.23
C ALA B 124 -26.21 62.74 12.37
N LYS B 125 -27.52 62.61 12.25
CA LYS B 125 -28.17 61.32 12.37
C LYS B 125 -28.46 60.67 11.03
N THR B 126 -28.21 59.36 10.95
CA THR B 126 -28.44 58.62 9.73
C THR B 126 -29.88 58.74 9.26
N THR B 127 -30.09 59.44 8.14
CA THR B 127 -31.43 59.67 7.60
C THR B 127 -31.58 59.14 6.18
N PRO B 128 -32.75 58.52 5.87
CA PRO B 128 -33.06 57.94 4.55
C PRO B 128 -33.43 58.99 3.50
N PRO B 129 -33.01 58.77 2.25
CA PRO B 129 -33.27 59.69 1.13
C PRO B 129 -34.70 59.64 0.64
N SER B 130 -35.16 60.75 0.07
CA SER B 130 -36.50 60.85 -0.47
C SER B 130 -36.38 60.98 -1.99
N VAL B 131 -36.22 59.83 -2.65
CA VAL B 131 -36.08 59.77 -4.11
C VAL B 131 -37.30 60.30 -4.87
N TYR B 132 -37.08 61.25 -5.77
CA TYR B 132 -38.16 61.84 -6.56
C TYR B 132 -37.85 61.71 -8.06
N PRO B 133 -38.89 61.50 -8.88
CA PRO B 133 -38.69 61.37 -10.33
C PRO B 133 -38.77 62.72 -11.05
N LEU B 134 -37.84 62.94 -11.97
CA LEU B 134 -37.81 64.19 -12.74
C LEU B 134 -38.04 63.92 -14.21
N ALA B 135 -39.09 64.52 -14.77
CA ALA B 135 -39.43 64.34 -16.18
C ALA B 135 -39.86 65.65 -16.82
N PRO B 136 -39.67 65.77 -18.16
CA PRO B 136 -40.04 67.00 -18.87
C PRO B 136 -41.50 67.43 -18.66
N ASN B 143 -35.72 66.66 -31.35
CA ASN B 143 -35.72 65.94 -30.08
C ASN B 143 -35.55 64.44 -30.29
N SER B 144 -34.44 64.05 -30.91
CA SER B 144 -34.18 62.64 -31.16
C SER B 144 -33.90 61.91 -29.86
N MET B 145 -33.56 62.68 -28.82
CA MET B 145 -33.29 62.09 -27.51
C MET B 145 -33.96 62.88 -26.39
N VAL B 146 -34.26 62.18 -25.29
CA VAL B 146 -34.90 62.81 -24.15
C VAL B 146 -34.06 62.58 -22.88
N THR B 147 -34.00 63.60 -22.03
CA THR B 147 -33.24 63.49 -20.79
C THR B 147 -34.18 63.40 -19.60
N LEU B 148 -33.99 62.36 -18.79
CA LEU B 148 -34.81 62.12 -17.62
C LEU B 148 -33.93 62.24 -16.39
N GLY B 149 -34.53 62.54 -15.25
CA GLY B 149 -33.74 62.68 -14.05
C GLY B 149 -34.30 62.00 -12.82
N CYS B 150 -33.53 62.12 -11.74
CA CYS B 150 -33.90 61.52 -10.47
C CYS B 150 -33.27 62.35 -9.35
N LEU B 151 -34.11 62.87 -8.46
CA LEU B 151 -33.63 63.68 -7.35
C LEU B 151 -33.59 62.89 -6.05
N VAL B 152 -32.39 62.70 -5.50
CA VAL B 152 -32.21 61.97 -4.24
C VAL B 152 -31.92 63.02 -3.17
N LYS B 153 -32.95 63.40 -2.42
CA LYS B 153 -32.82 64.44 -1.42
C LYS B 153 -32.92 64.06 0.06
N GLY B 154 -32.22 64.85 0.89
CA GLY B 154 -32.22 64.69 2.33
C GLY B 154 -31.79 63.38 2.98
N TYR B 155 -30.59 62.89 2.68
CA TYR B 155 -30.13 61.66 3.29
C TYR B 155 -28.80 61.86 3.99
N PHE B 156 -28.44 60.93 4.86
CA PHE B 156 -27.18 61.01 5.57
C PHE B 156 -26.88 59.65 6.19
N PRO B 157 -25.62 59.22 6.13
CA PRO B 157 -24.50 59.94 5.51
C PRO B 157 -24.31 59.40 4.10
N GLU B 158 -23.18 59.73 3.48
CA GLU B 158 -22.86 59.23 2.17
C GLU B 158 -22.43 57.78 2.45
N PRO B 159 -22.47 56.91 1.44
CA PRO B 159 -22.89 57.23 0.08
C PRO B 159 -24.17 56.54 -0.29
N VAL B 160 -24.66 56.86 -1.49
CA VAL B 160 -25.84 56.24 -2.04
C VAL B 160 -25.36 55.75 -3.39
N THR B 161 -25.93 54.66 -3.88
CA THR B 161 -25.55 54.13 -5.18
C THR B 161 -26.78 54.27 -6.04
N VAL B 162 -26.63 54.93 -7.19
CA VAL B 162 -27.73 55.15 -8.09
C VAL B 162 -27.53 54.43 -9.42
N THR B 163 -28.59 53.77 -9.90
CA THR B 163 -28.55 53.07 -11.17
C THR B 163 -29.85 53.30 -11.91
N TRP B 164 -29.88 52.88 -13.18
CA TRP B 164 -31.07 53.02 -14.00
C TRP B 164 -31.42 51.66 -14.58
N ASN B 165 -32.64 51.20 -14.31
CA ASN B 165 -33.10 49.90 -14.79
C ASN B 165 -32.18 48.80 -14.27
N SER B 166 -31.92 48.83 -12.96
CA SER B 166 -31.09 47.85 -12.29
C SER B 166 -29.70 47.68 -12.90
N GLY B 167 -29.17 48.74 -13.50
CA GLY B 167 -27.85 48.67 -14.11
C GLY B 167 -27.90 48.47 -15.61
N SER B 168 -29.09 48.18 -16.13
CA SER B 168 -29.28 47.97 -17.56
C SER B 168 -28.85 49.20 -18.35
N LEU B 169 -29.31 50.37 -17.93
CA LEU B 169 -28.95 51.64 -18.56
C LEU B 169 -27.64 52.14 -17.96
N SER B 170 -26.57 52.10 -18.73
CA SER B 170 -25.28 52.56 -18.25
C SER B 170 -24.75 53.76 -19.04
N SER B 171 -25.12 53.84 -20.31
CA SER B 171 -24.67 54.94 -21.16
C SER B 171 -25.58 56.15 -21.04
N GLY B 172 -25.00 57.33 -21.24
CA GLY B 172 -25.76 58.56 -21.17
C GLY B 172 -26.24 58.91 -19.77
N VAL B 173 -25.52 58.40 -18.77
CA VAL B 173 -25.88 58.63 -17.38
C VAL B 173 -24.91 59.59 -16.69
N HIS B 174 -25.47 60.49 -15.88
CA HIS B 174 -24.66 61.44 -15.12
C HIS B 174 -25.18 61.46 -13.69
N THR B 175 -24.39 60.96 -12.76
CA THR B 175 -24.77 60.98 -11.36
C THR B 175 -23.85 62.00 -10.70
N PHE B 176 -24.43 63.12 -10.29
CA PHE B 176 -23.70 64.21 -9.69
C PHE B 176 -23.29 64.02 -8.23
N PRO B 177 -22.13 64.54 -7.86
CA PRO B 177 -21.63 64.42 -6.49
C PRO B 177 -22.65 65.06 -5.56
N ALA B 178 -22.87 64.44 -4.41
CA ALA B 178 -23.83 64.96 -3.45
C ALA B 178 -23.32 66.25 -2.82
N VAL B 179 -24.25 67.13 -2.45
CA VAL B 179 -23.90 68.38 -1.81
C VAL B 179 -24.51 68.36 -0.41
N LEU B 180 -23.72 68.77 0.58
CA LEU B 180 -24.18 68.78 1.96
C LEU B 180 -24.89 70.09 2.30
N GLN B 181 -26.15 69.99 2.71
CA GLN B 181 -26.96 71.16 3.06
C GLN B 181 -27.67 70.96 4.38
N SER B 182 -27.13 71.53 5.46
CA SER B 182 -27.74 71.41 6.78
C SER B 182 -27.84 69.96 7.24
N ASP B 183 -26.69 69.29 7.35
CA ASP B 183 -26.63 67.90 7.78
C ASP B 183 -27.36 66.92 6.87
N LEU B 184 -27.70 67.35 5.65
CA LEU B 184 -28.38 66.47 4.71
C LEU B 184 -27.81 66.58 3.30
N TYR B 185 -27.56 65.43 2.69
CA TYR B 185 -27.02 65.36 1.34
C TYR B 185 -28.12 65.34 0.30
N THR B 186 -27.84 65.92 -0.85
CA THR B 186 -28.77 65.95 -1.96
C THR B 186 -27.98 65.79 -3.23
N LEU B 187 -28.43 64.89 -4.10
CA LEU B 187 -27.78 64.68 -5.38
C LEU B 187 -28.85 64.36 -6.39
N SER B 188 -28.46 64.33 -7.65
CA SER B 188 -29.40 64.01 -8.70
C SER B 188 -28.66 63.18 -9.72
N SER B 189 -29.42 62.54 -10.60
CA SER B 189 -28.83 61.73 -11.64
C SER B 189 -29.69 61.91 -12.87
N SER B 190 -29.04 62.12 -14.01
CA SER B 190 -29.77 62.27 -15.24
C SER B 190 -29.38 61.15 -16.16
N VAL B 191 -30.32 60.76 -17.02
CA VAL B 191 -30.08 59.71 -17.99
C VAL B 191 -30.69 60.20 -19.29
N THR B 192 -29.98 59.96 -20.39
CA THR B 192 -30.46 60.39 -21.69
C THR B 192 -30.65 59.17 -22.58
N VAL B 193 -31.85 59.01 -23.11
CA VAL B 193 -32.17 57.88 -23.95
C VAL B 193 -32.93 58.32 -25.20
N PRO B 194 -32.94 57.46 -26.24
CA PRO B 194 -33.65 57.80 -27.48
C PRO B 194 -35.13 58.04 -27.18
N SER B 195 -35.70 59.08 -27.76
CA SER B 195 -37.10 59.41 -27.53
C SER B 195 -38.01 58.24 -27.92
N SER B 196 -37.49 57.35 -28.75
CA SER B 196 -38.25 56.20 -29.21
C SER B 196 -38.34 55.11 -28.15
N THR B 197 -37.51 55.20 -27.12
CA THR B 197 -37.52 54.20 -26.06
C THR B 197 -38.19 54.69 -24.78
N TRP B 198 -38.90 55.82 -24.85
CA TRP B 198 -39.57 56.36 -23.68
C TRP B 198 -40.67 57.34 -24.10
N PRO B 199 -41.86 57.24 -23.49
CA PRO B 199 -42.27 56.30 -22.43
C PRO B 199 -42.42 54.85 -22.91
N SER B 200 -42.05 54.60 -24.16
CA SER B 200 -42.13 53.26 -24.73
C SER B 200 -41.65 52.24 -23.71
N GLU B 201 -40.34 52.21 -23.49
CA GLU B 201 -39.75 51.28 -22.53
C GLU B 201 -39.73 51.98 -21.17
N THR B 202 -39.87 51.22 -20.10
CA THR B 202 -39.85 51.80 -18.76
C THR B 202 -38.45 52.23 -18.38
N VAL B 203 -38.37 53.35 -17.68
CA VAL B 203 -37.11 53.87 -17.20
C VAL B 203 -37.26 54.03 -15.70
N THR B 204 -36.47 53.28 -14.94
CA THR B 204 -36.55 53.31 -13.50
C THR B 204 -35.26 53.71 -12.82
N CYS B 205 -35.41 54.56 -11.80
CA CYS B 205 -34.29 55.06 -11.02
C CYS B 205 -34.12 54.17 -9.79
N ASN B 206 -32.92 53.61 -9.60
CA ASN B 206 -32.67 52.77 -8.45
C ASN B 206 -31.71 53.45 -7.47
N VAL B 207 -32.17 53.64 -6.24
CA VAL B 207 -31.36 54.28 -5.22
C VAL B 207 -31.19 53.38 -4.00
N ALA B 208 -29.94 53.09 -3.66
CA ALA B 208 -29.63 52.24 -2.51
C ALA B 208 -28.84 53.04 -1.49
N HIS B 209 -29.27 52.98 -0.24
CA HIS B 209 -28.63 53.70 0.85
C HIS B 209 -28.36 52.74 2.01
N PRO B 210 -27.30 51.95 1.91
CA PRO B 210 -26.93 50.98 2.94
C PRO B 210 -26.96 51.50 4.37
N ALA B 211 -26.52 52.75 4.56
CA ALA B 211 -26.48 53.35 5.89
C ALA B 211 -27.81 53.19 6.63
N SER B 212 -28.91 53.38 5.91
CA SER B 212 -30.23 53.25 6.52
C SER B 212 -30.99 52.04 5.99
N SER B 213 -30.27 51.08 5.42
CA SER B 213 -30.88 49.88 4.87
C SER B 213 -32.08 50.25 4.00
N THR B 214 -31.88 51.22 3.11
CA THR B 214 -32.94 51.68 2.23
C THR B 214 -32.67 51.33 0.78
N LYS B 215 -33.75 51.02 0.06
CA LYS B 215 -33.67 50.68 -1.36
C LYS B 215 -34.95 51.20 -1.97
N VAL B 216 -34.84 52.19 -2.83
CA VAL B 216 -36.01 52.76 -3.47
C VAL B 216 -35.93 52.76 -4.99
N ASP B 217 -37.01 52.34 -5.62
CA ASP B 217 -37.09 52.30 -7.07
C ASP B 217 -38.13 53.34 -7.46
N LYS B 218 -37.79 54.21 -8.41
CA LYS B 218 -38.72 55.23 -8.84
C LYS B 218 -38.83 55.22 -10.36
N LYS B 219 -39.98 54.80 -10.85
CA LYS B 219 -40.23 54.74 -12.29
C LYS B 219 -40.47 56.16 -12.78
N ILE B 220 -39.91 56.50 -13.94
CA ILE B 220 -40.09 57.83 -14.50
C ILE B 220 -41.33 57.85 -15.39
N VAL B 221 -42.35 58.57 -14.94
CA VAL B 221 -43.61 58.66 -15.67
C VAL B 221 -43.90 60.08 -16.14
N PRO B 222 -44.39 60.22 -17.38
CA PRO B 222 -44.73 61.51 -18.01
C PRO B 222 -45.60 62.39 -17.13
N ASP C 1 -34.84 16.79 1.06
CA ASP C 1 -34.27 17.66 -0.02
C ASP C 1 -34.04 16.86 -1.29
N ILE C 2 -33.90 17.57 -2.40
CA ILE C 2 -33.67 16.94 -3.69
C ILE C 2 -32.32 16.21 -3.69
N VAL C 3 -32.37 14.91 -3.94
CA VAL C 3 -31.16 14.09 -3.98
C VAL C 3 -30.52 14.21 -5.36
N MET C 4 -29.20 14.38 -5.38
CA MET C 4 -28.46 14.49 -6.63
C MET C 4 -27.42 13.39 -6.71
N SER C 5 -27.29 12.80 -7.88
CA SER C 5 -26.32 11.73 -8.06
C SER C 5 -25.54 11.98 -9.34
N GLN C 6 -24.23 11.84 -9.25
CA GLN C 6 -23.36 12.07 -10.38
C GLN C 6 -22.71 10.77 -10.80
N SER C 7 -22.38 10.68 -12.09
CA SER C 7 -21.74 9.49 -12.62
C SER C 7 -20.88 9.84 -13.84
N PRO C 8 -19.69 9.25 -13.97
CA PRO C 8 -19.10 8.29 -13.03
C PRO C 8 -18.34 9.07 -11.96
N SER C 9 -18.11 8.45 -10.81
CA SER C 9 -17.40 9.12 -9.73
C SER C 9 -16.04 9.61 -10.22
N SER C 10 -15.48 8.90 -11.18
CA SER C 10 -14.17 9.28 -11.70
C SER C 10 -13.93 8.78 -13.12
N LEU C 11 -13.16 9.55 -13.90
CA LEU C 11 -12.83 9.13 -15.26
C LEU C 11 -11.48 9.70 -15.67
N ALA C 12 -10.80 8.95 -16.52
CA ALA C 12 -9.48 9.31 -17.03
C ALA C 12 -9.58 9.55 -18.53
N VAL C 13 -8.93 10.61 -19.00
CA VAL C 13 -8.98 10.96 -20.42
C VAL C 13 -7.66 11.58 -20.87
N SER C 14 -7.39 11.52 -22.16
CA SER C 14 -6.16 12.09 -22.69
C SER C 14 -6.45 13.42 -23.36
N ALA C 15 -5.45 14.31 -23.36
CA ALA C 15 -5.64 15.60 -23.98
C ALA C 15 -6.19 15.41 -25.38
N GLY C 16 -7.16 16.23 -25.75
CA GLY C 16 -7.75 16.15 -27.07
C GLY C 16 -8.91 15.19 -27.24
N GLU C 17 -9.25 14.45 -26.20
CA GLU C 17 -10.36 13.52 -26.33
C GLU C 17 -11.66 14.13 -25.79
N ARG C 18 -12.78 13.51 -26.13
CA ARG C 18 -14.09 13.98 -25.68
C ARG C 18 -14.44 13.35 -24.34
N VAL C 19 -15.13 14.11 -23.50
CA VAL C 19 -15.53 13.61 -22.20
C VAL C 19 -16.96 14.00 -21.86
N THR C 20 -17.73 13.05 -21.35
CA THR C 20 -19.10 13.33 -20.96
C THR C 20 -19.33 12.74 -19.58
N MET C 21 -20.13 13.42 -18.77
CA MET C 21 -20.43 12.94 -17.42
C MET C 21 -21.88 13.28 -17.15
N THR C 22 -22.55 12.45 -16.35
CA THR C 22 -23.96 12.69 -16.07
C THR C 22 -24.32 13.10 -14.65
N CYS C 23 -25.53 13.63 -14.50
CA CYS C 23 -26.04 14.09 -13.24
C CYS C 23 -27.54 13.84 -13.23
N LYS C 24 -28.00 13.08 -12.24
CA LYS C 24 -29.41 12.74 -12.13
C LYS C 24 -30.04 13.43 -10.93
N SER C 25 -31.30 13.82 -11.09
CA SER C 25 -32.06 14.51 -10.06
C SER C 25 -33.16 13.58 -9.50
N SER C 26 -33.44 13.69 -8.21
CA SER C 26 -34.47 12.86 -7.60
C SER C 26 -35.86 13.32 -8.05
N GLN C 27 -35.93 14.55 -8.54
CA GLN C 27 -37.19 15.11 -9.04
C GLN C 27 -36.87 16.20 -10.05
N SER C 28 -37.85 16.58 -10.87
CA SER C 28 -37.63 17.60 -11.88
C SER C 28 -37.06 18.88 -11.30
N LEU C 29 -36.20 19.53 -12.08
CA LEU C 29 -35.58 20.77 -11.66
C LEU C 29 -36.12 21.89 -12.53
N PHE C 30 -37.17 21.56 -13.29
CA PHE C 30 -37.82 22.52 -14.18
C PHE C 30 -38.83 23.35 -13.39
N ASN C 31 -38.76 24.66 -13.56
CA ASN C 31 -39.65 25.60 -12.89
C ASN C 31 -40.56 26.23 -13.93
N SER C 32 -41.85 25.89 -13.87
CA SER C 32 -42.82 26.41 -14.83
C SER C 32 -42.96 27.94 -14.84
N LYS C 33 -42.79 28.59 -13.69
CA LYS C 33 -42.92 30.04 -13.61
C LYS C 33 -41.83 30.78 -14.38
N THR C 34 -40.58 30.41 -14.14
CA THR C 34 -39.45 31.05 -14.82
C THR C 34 -39.08 30.27 -16.09
N ARG C 35 -39.55 29.02 -16.16
CA ARG C 35 -39.28 28.15 -17.29
C ARG C 35 -37.79 27.93 -17.51
N ARG C 36 -37.15 27.33 -16.52
CA ARG C 36 -35.72 27.03 -16.58
C ARG C 36 -35.39 25.83 -15.72
N ASN C 37 -34.37 25.08 -16.13
CA ASN C 37 -33.97 23.92 -15.33
C ASN C 37 -32.87 24.44 -14.43
N TYR C 38 -33.08 24.33 -13.13
CA TYR C 38 -32.09 24.84 -12.19
C TYR C 38 -31.00 23.86 -11.83
N LEU C 39 -30.11 23.65 -12.79
CA LEU C 39 -28.99 22.75 -12.65
C LEU C 39 -27.77 23.51 -13.12
N ALA C 40 -26.74 23.57 -12.28
CA ALA C 40 -25.52 24.25 -12.62
C ALA C 40 -24.33 23.31 -12.45
N TRP C 41 -23.28 23.59 -13.21
CA TRP C 41 -22.06 22.79 -13.14
C TRP C 41 -20.93 23.65 -12.61
N TYR C 42 -20.19 23.12 -11.65
CA TYR C 42 -19.09 23.87 -11.08
C TYR C 42 -17.81 23.09 -11.28
N GLN C 43 -16.73 23.81 -11.52
CA GLN C 43 -15.45 23.21 -11.73
C GLN C 43 -14.55 23.63 -10.59
N GLN C 44 -13.90 22.65 -9.97
CA GLN C 44 -13.01 22.93 -8.87
C GLN C 44 -11.65 22.31 -9.14
N LYS C 45 -10.70 23.13 -9.54
CA LYS C 45 -9.36 22.63 -9.79
C LYS C 45 -8.68 22.43 -8.44
N PRO C 46 -7.58 21.67 -8.40
CA PRO C 46 -6.86 21.40 -7.16
C PRO C 46 -6.47 22.63 -6.34
N GLY C 47 -6.88 22.62 -5.07
CA GLY C 47 -6.54 23.73 -4.18
C GLY C 47 -7.26 25.03 -4.43
N GLN C 48 -8.27 25.02 -5.28
CA GLN C 48 -8.96 26.26 -5.57
C GLN C 48 -10.41 26.15 -5.19
N SER C 49 -11.06 27.31 -5.07
CA SER C 49 -12.47 27.36 -4.76
C SER C 49 -13.20 26.90 -6.01
N PRO C 50 -14.42 26.37 -5.85
CA PRO C 50 -15.18 25.92 -7.02
C PRO C 50 -15.44 27.12 -7.93
N LYS C 51 -15.64 26.87 -9.21
CA LYS C 51 -15.90 27.93 -10.17
C LYS C 51 -17.09 27.56 -11.05
N LEU C 52 -18.01 28.51 -11.21
CA LEU C 52 -19.21 28.33 -12.01
C LEU C 52 -18.87 28.15 -13.48
N LEU C 53 -19.43 27.11 -14.09
CA LEU C 53 -19.17 26.90 -15.50
C LEU C 53 -20.44 27.08 -16.29
N ILE C 54 -21.48 26.36 -15.87
CA ILE C 54 -22.75 26.39 -16.55
C ILE C 54 -23.95 26.46 -15.60
N TYR C 55 -24.96 27.23 -15.98
CA TYR C 55 -26.18 27.35 -15.19
C TYR C 55 -27.42 27.17 -16.08
N TRP C 56 -28.57 26.99 -15.46
CA TRP C 56 -29.83 26.77 -16.17
C TRP C 56 -29.69 25.57 -17.11
N ALA C 57 -28.85 24.63 -16.71
CA ALA C 57 -28.61 23.39 -17.45
C ALA C 57 -27.76 23.50 -18.71
N SER C 58 -27.89 24.60 -19.45
CA SER C 58 -27.13 24.76 -20.69
C SER C 58 -26.54 26.13 -20.99
N THR C 59 -26.67 27.08 -20.07
CA THR C 59 -26.09 28.39 -20.35
C THR C 59 -24.69 28.49 -19.80
N ARG C 60 -23.73 28.83 -20.67
CA ARG C 60 -22.33 28.98 -20.27
C ARG C 60 -22.13 30.31 -19.55
N GLU C 61 -21.38 30.29 -18.46
CA GLU C 61 -21.07 31.50 -17.70
C GLU C 61 -20.10 32.32 -18.55
N SER C 62 -20.08 33.63 -18.34
CA SER C 62 -19.20 34.49 -19.12
C SER C 62 -17.74 34.12 -18.91
N GLY C 63 -17.00 34.01 -20.01
CA GLY C 63 -15.59 33.69 -19.94
C GLY C 63 -15.29 32.21 -19.88
N VAL C 64 -16.33 31.39 -19.96
CA VAL C 64 -16.14 29.95 -19.92
C VAL C 64 -15.90 29.41 -21.32
N PRO C 65 -14.80 28.67 -21.51
CA PRO C 65 -14.44 28.10 -22.80
C PRO C 65 -15.62 27.41 -23.46
N ASP C 66 -15.73 27.56 -24.78
CA ASP C 66 -16.81 26.96 -25.54
C ASP C 66 -16.78 25.42 -25.55
N ARG C 67 -15.65 24.81 -25.20
CA ARG C 67 -15.58 23.35 -25.20
C ARG C 67 -16.44 22.71 -24.11
N PHE C 68 -16.81 23.49 -23.09
CA PHE C 68 -17.66 22.97 -22.03
C PHE C 68 -19.11 23.18 -22.48
N THR C 69 -19.92 22.14 -22.42
CA THR C 69 -21.30 22.26 -22.85
C THR C 69 -22.24 21.51 -21.92
N GLY C 70 -23.25 22.21 -21.42
CA GLY C 70 -24.21 21.58 -20.54
C GLY C 70 -25.49 21.30 -21.31
N SER C 71 -26.11 20.16 -21.02
CA SER C 71 -27.33 19.78 -21.70
C SER C 71 -28.20 18.93 -20.78
N GLY C 72 -29.46 18.72 -21.21
CA GLY C 72 -30.37 17.92 -20.42
C GLY C 72 -31.53 18.73 -19.85
N SER C 73 -32.50 18.03 -19.28
CA SER C 73 -33.67 18.70 -18.71
C SER C 73 -34.38 17.75 -17.77
N GLY C 74 -35.27 18.30 -16.95
CA GLY C 74 -36.01 17.48 -16.01
C GLY C 74 -35.18 16.87 -14.90
N THR C 75 -34.84 15.59 -15.03
CA THR C 75 -34.07 14.91 -14.01
C THR C 75 -32.75 14.30 -14.49
N GLU C 76 -32.46 14.43 -15.78
CA GLU C 76 -31.21 13.89 -16.30
C GLU C 76 -30.41 14.94 -17.06
N PHE C 77 -29.21 15.21 -16.57
CA PHE C 77 -28.37 16.22 -17.19
C PHE C 77 -27.00 15.69 -17.55
N THR C 78 -26.36 16.34 -18.51
CA THR C 78 -25.06 15.92 -18.97
C THR C 78 -24.14 17.10 -19.22
N LEU C 79 -22.86 16.93 -18.87
CA LEU C 79 -21.84 17.95 -19.11
C LEU C 79 -20.82 17.31 -20.05
N THR C 80 -20.53 17.98 -21.15
CA THR C 80 -19.58 17.47 -22.13
C THR C 80 -18.41 18.42 -22.33
N ILE C 81 -17.21 17.86 -22.39
CA ILE C 81 -16.02 18.67 -22.63
C ILE C 81 -15.53 18.13 -23.97
N SER C 82 -15.86 18.85 -25.04
CA SER C 82 -15.53 18.46 -26.40
C SER C 82 -14.11 17.99 -26.65
N SER C 83 -13.13 18.75 -26.17
CA SER C 83 -11.73 18.37 -26.38
C SER C 83 -10.91 18.72 -25.14
N VAL C 84 -10.82 17.77 -24.23
CA VAL C 84 -10.08 17.98 -22.99
C VAL C 84 -8.65 18.48 -23.12
N GLN C 85 -8.26 19.31 -22.16
CA GLN C 85 -6.92 19.86 -22.07
C GLN C 85 -6.46 19.46 -20.67
N ALA C 86 -5.16 19.29 -20.48
CA ALA C 86 -4.65 18.90 -19.16
C ALA C 86 -5.15 19.87 -18.09
N GLU C 87 -5.23 21.15 -18.45
CA GLU C 87 -5.66 22.19 -17.52
C GLU C 87 -7.08 21.96 -17.01
N ASP C 88 -7.82 21.10 -17.68
CA ASP C 88 -9.19 20.79 -17.26
C ASP C 88 -9.21 19.84 -16.08
N LEU C 89 -8.04 19.43 -15.61
CA LEU C 89 -7.91 18.54 -14.46
C LEU C 89 -8.67 19.17 -13.29
N ALA C 90 -9.66 18.46 -12.76
CA ALA C 90 -10.45 18.97 -11.66
C ALA C 90 -11.59 18.05 -11.26
N VAL C 91 -12.39 18.50 -10.31
CA VAL C 91 -13.56 17.73 -9.88
C VAL C 91 -14.74 18.57 -10.35
N TYR C 92 -15.67 17.95 -11.06
CA TYR C 92 -16.83 18.67 -11.56
C TYR C 92 -18.06 18.31 -10.72
N TYR C 93 -18.78 19.33 -10.28
CA TYR C 93 -19.98 19.11 -9.48
C TYR C 93 -21.23 19.70 -10.10
N CYS C 94 -22.35 19.00 -10.01
CA CYS C 94 -23.59 19.57 -10.49
C CYS C 94 -24.29 19.98 -9.20
N LYS C 95 -25.14 20.98 -9.28
CA LYS C 95 -25.84 21.51 -8.12
C LYS C 95 -27.23 21.96 -8.53
N GLN C 96 -28.25 21.45 -7.86
CA GLN C 96 -29.61 21.85 -8.18
C GLN C 96 -29.95 23.12 -7.41
N SER C 97 -30.75 23.97 -8.03
CA SER C 97 -31.16 25.25 -7.47
C SER C 97 -32.69 25.42 -7.56
N TYR C 98 -33.41 24.33 -7.79
CA TYR C 98 -34.86 24.40 -7.91
C TYR C 98 -35.49 24.83 -6.59
N ASN C 99 -35.09 24.16 -5.52
CA ASN C 99 -35.58 24.49 -4.18
C ASN C 99 -34.43 24.20 -3.24
N LEU C 100 -33.92 25.25 -2.58
CA LEU C 100 -32.77 25.13 -1.69
C LEU C 100 -31.62 24.77 -2.63
N ARG C 101 -30.54 24.18 -2.12
CA ARG C 101 -29.45 23.80 -3.02
C ARG C 101 -28.88 22.47 -2.59
N THR C 102 -28.50 21.65 -3.58
CA THR C 102 -27.91 20.34 -3.33
C THR C 102 -26.85 20.05 -4.39
N PHE C 103 -25.72 19.54 -3.96
CA PHE C 103 -24.60 19.21 -4.84
C PHE C 103 -24.50 17.72 -5.07
N GLY C 104 -24.05 17.32 -6.26
CA GLY C 104 -23.87 15.89 -6.52
C GLY C 104 -22.52 15.47 -5.93
N GLY C 105 -22.22 14.18 -5.93
CA GLY C 105 -20.96 13.73 -5.36
C GLY C 105 -19.73 14.13 -6.16
N GLY C 106 -19.95 14.72 -7.33
CA GLY C 106 -18.85 15.15 -8.16
C GLY C 106 -18.27 14.06 -9.02
N THR C 107 -17.53 14.48 -10.06
CA THR C 107 -16.87 13.56 -10.97
C THR C 107 -15.41 14.01 -11.06
N LYS C 108 -14.49 13.16 -10.63
CA LYS C 108 -13.07 13.48 -10.66
C LYS C 108 -12.55 13.24 -12.06
N LEU C 109 -11.98 14.27 -12.69
CA LEU C 109 -11.45 14.12 -14.05
C LEU C 109 -9.94 14.01 -13.95
N GLU C 110 -9.39 12.88 -14.36
CA GLU C 110 -7.96 12.67 -14.28
C GLU C 110 -7.32 12.69 -15.69
N ILE C 111 -6.07 13.14 -15.76
CA ILE C 111 -5.39 13.23 -17.03
C ILE C 111 -4.49 12.03 -17.36
N LYS C 112 -4.81 11.33 -18.43
CA LYS C 112 -4.02 10.17 -18.85
C LYS C 112 -2.72 10.61 -19.52
N ARG C 113 -1.72 9.74 -19.45
CA ARG C 113 -0.43 10.02 -20.06
C ARG C 113 0.36 8.73 -20.16
N ALA C 114 1.54 8.83 -20.74
CA ALA C 114 2.39 7.67 -20.92
C ALA C 114 2.99 7.26 -19.58
N ASP C 115 3.36 5.98 -19.46
CA ASP C 115 3.96 5.49 -18.23
C ASP C 115 5.31 6.16 -17.98
N ALA C 116 5.66 6.25 -16.71
CA ALA C 116 6.95 6.83 -16.32
C ALA C 116 7.39 6.17 -15.01
N ALA C 117 8.66 5.79 -14.98
CA ALA C 117 9.26 5.17 -13.80
C ALA C 117 9.49 6.23 -12.74
N PRO C 118 9.41 5.83 -11.46
CA PRO C 118 9.63 6.79 -10.39
C PRO C 118 11.11 7.09 -10.17
N THR C 119 11.39 8.29 -9.69
CA THR C 119 12.77 8.67 -9.37
C THR C 119 12.81 8.52 -7.86
N VAL C 120 13.61 7.57 -7.38
CA VAL C 120 13.69 7.31 -5.95
C VAL C 120 14.88 7.97 -5.26
N SER C 121 14.60 8.56 -4.09
CA SER C 121 15.60 9.23 -3.29
C SER C 121 15.37 8.85 -1.84
N ILE C 122 16.43 8.44 -1.15
CA ILE C 122 16.29 8.07 0.26
C ILE C 122 17.07 9.08 1.09
N PHE C 123 16.56 9.40 2.28
CA PHE C 123 17.22 10.36 3.16
C PHE C 123 17.33 9.88 4.59
N PRO C 124 18.53 9.96 5.17
CA PRO C 124 18.78 9.53 6.55
C PRO C 124 18.19 10.60 7.47
N PRO C 125 17.84 10.20 8.70
CA PRO C 125 17.27 11.16 9.66
C PRO C 125 18.18 12.36 9.80
N SER C 126 17.60 13.55 9.92
CA SER C 126 18.40 14.76 10.08
C SER C 126 19.04 14.76 11.46
N SER C 127 20.18 15.44 11.59
CA SER C 127 20.89 15.51 12.87
C SER C 127 20.05 16.15 13.95
N GLU C 128 19.31 17.21 13.61
CA GLU C 128 18.49 17.88 14.62
C GLU C 128 17.34 17.02 15.11
N GLN C 129 16.77 16.20 14.24
CA GLN C 129 15.68 15.34 14.69
C GLN C 129 16.28 14.27 15.62
N LEU C 130 17.54 13.92 15.37
CA LEU C 130 18.19 12.91 16.19
C LEU C 130 18.47 13.43 17.60
N THR C 131 19.03 14.63 17.69
CA THR C 131 19.34 15.22 18.98
C THR C 131 18.08 15.34 19.84
N SER C 132 16.92 15.46 19.19
CA SER C 132 15.65 15.57 19.91
C SER C 132 15.09 14.19 20.29
N GLY C 133 15.78 13.12 19.91
CA GLY C 133 15.33 11.79 20.23
C GLY C 133 14.48 11.10 19.19
N GLY C 134 14.33 11.71 18.01
CA GLY C 134 13.53 11.11 16.96
C GLY C 134 14.34 10.70 15.75
N ALA C 135 13.82 9.75 14.98
CA ALA C 135 14.51 9.27 13.79
C ALA C 135 13.57 8.86 12.66
N SER C 136 13.38 9.78 11.71
CA SER C 136 12.50 9.52 10.58
C SER C 136 13.31 9.36 9.30
N VAL C 137 13.15 8.21 8.65
CA VAL C 137 13.84 7.96 7.39
C VAL C 137 12.83 8.22 6.27
N VAL C 138 13.15 9.15 5.39
CA VAL C 138 12.24 9.50 4.30
C VAL C 138 12.70 8.98 2.94
N CYS C 139 11.73 8.57 2.14
CA CYS C 139 12.00 8.07 0.80
C CYS C 139 11.00 8.65 -0.18
N PHE C 140 11.50 9.31 -1.22
CA PHE C 140 10.63 9.90 -2.22
C PHE C 140 10.61 9.08 -3.51
N LEU C 141 9.42 8.85 -4.05
CA LEU C 141 9.25 8.15 -5.31
C LEU C 141 8.55 9.21 -6.15
N ASN C 142 9.32 9.94 -6.96
CA ASN C 142 8.75 11.04 -7.73
C ASN C 142 8.50 10.86 -9.23
N ASN C 143 7.50 11.60 -9.69
CA ASN C 143 7.09 11.64 -11.09
C ASN C 143 6.96 10.30 -11.80
N PHE C 144 6.05 9.46 -11.33
CA PHE C 144 5.83 8.18 -11.97
C PHE C 144 4.38 8.14 -12.43
N TYR C 145 4.06 7.16 -13.28
CA TYR C 145 2.71 7.00 -13.78
C TYR C 145 2.62 5.61 -14.39
N PRO C 146 1.52 4.87 -14.16
CA PRO C 146 0.32 5.25 -13.38
C PRO C 146 0.52 5.35 -11.87
N LYS C 147 -0.55 5.72 -11.16
CA LYS C 147 -0.52 5.90 -9.70
C LYS C 147 -0.16 4.72 -8.82
N ASP C 148 -0.54 3.51 -9.22
CA ASP C 148 -0.24 2.32 -8.43
C ASP C 148 1.25 2.10 -8.27
N ILE C 149 1.70 1.93 -7.03
CA ILE C 149 3.11 1.72 -6.77
C ILE C 149 3.26 1.07 -5.40
N ASN C 150 4.37 0.38 -5.19
CA ASN C 150 4.60 -0.27 -3.90
C ASN C 150 5.98 0.04 -3.36
N VAL C 151 6.06 0.21 -2.05
CA VAL C 151 7.31 0.49 -1.39
C VAL C 151 7.54 -0.52 -0.29
N LYS C 152 8.78 -0.99 -0.19
CA LYS C 152 9.15 -1.94 0.85
C LYS C 152 10.37 -1.39 1.55
N TRP C 153 10.35 -1.38 2.89
CA TRP C 153 11.48 -0.90 3.65
C TRP C 153 12.27 -2.08 4.17
N LYS C 154 13.59 -2.02 4.04
CA LYS C 154 14.45 -3.08 4.53
C LYS C 154 15.56 -2.54 5.42
N ILE C 155 15.58 -3.02 6.66
CA ILE C 155 16.59 -2.62 7.64
C ILE C 155 17.56 -3.80 7.82
N ASP C 156 18.79 -3.63 7.35
CA ASP C 156 19.80 -4.67 7.43
C ASP C 156 19.32 -5.93 6.70
N GLY C 157 18.66 -5.72 5.56
CA GLY C 157 18.18 -6.85 4.77
C GLY C 157 16.84 -7.44 5.17
N SER C 158 16.26 -6.95 6.27
CA SER C 158 14.97 -7.47 6.73
C SER C 158 13.83 -6.49 6.50
N GLU C 159 12.74 -7.00 5.93
CA GLU C 159 11.58 -6.18 5.65
C GLU C 159 10.95 -5.61 6.91
N ARG C 160 10.72 -4.29 6.90
CA ARG C 160 10.12 -3.58 8.02
C ARG C 160 8.70 -3.18 7.60
N GLN C 161 7.71 -3.55 8.40
CA GLN C 161 6.33 -3.22 8.07
C GLN C 161 5.57 -2.49 9.18
N ASN C 162 6.30 -1.85 10.09
CA ASN C 162 5.70 -1.13 11.19
C ASN C 162 6.26 0.28 11.29
N GLY C 163 5.38 1.25 11.46
CA GLY C 163 5.82 2.64 11.57
C GLY C 163 6.06 3.31 10.23
N VAL C 164 5.45 2.77 9.18
CA VAL C 164 5.59 3.31 7.83
C VAL C 164 4.33 4.05 7.41
N LEU C 165 4.49 5.29 6.99
CA LEU C 165 3.35 6.09 6.55
C LEU C 165 3.61 6.67 5.16
N ASN C 166 2.73 6.34 4.23
CA ASN C 166 2.83 6.81 2.85
C ASN C 166 1.82 7.89 2.52
N SER C 167 2.19 8.77 1.61
CA SER C 167 1.32 9.86 1.17
C SER C 167 1.49 10.06 -0.33
N TRP C 168 0.37 10.13 -1.05
CA TRP C 168 0.37 10.32 -2.50
C TRP C 168 -0.06 11.74 -2.86
N THR C 169 0.64 12.37 -3.79
CA THR C 169 0.26 13.71 -4.25
C THR C 169 -0.79 13.49 -5.33
N ASP C 170 -1.43 14.58 -5.74
CA ASP C 170 -2.42 14.50 -6.81
C ASP C 170 -1.59 14.58 -8.09
N GLN C 171 -2.22 14.52 -9.25
CA GLN C 171 -1.46 14.61 -10.48
C GLN C 171 -0.75 15.94 -10.58
N ASP C 172 0.53 15.89 -10.94
CA ASP C 172 1.32 17.10 -11.07
C ASP C 172 0.69 18.02 -12.12
N SER C 173 0.59 19.31 -11.81
CA SER C 173 -0.02 20.27 -12.73
C SER C 173 0.79 20.45 -14.00
N LYS C 174 2.05 20.04 -13.97
CA LYS C 174 2.93 20.19 -15.12
C LYS C 174 3.00 18.97 -16.05
N ASP C 175 3.35 17.80 -15.51
CA ASP C 175 3.48 16.60 -16.33
C ASP C 175 2.47 15.48 -16.06
N SER C 176 1.48 15.76 -15.22
CA SER C 176 0.44 14.79 -14.88
C SER C 176 0.91 13.48 -14.23
N THR C 177 2.11 13.48 -13.67
CA THR C 177 2.60 12.28 -13.00
C THR C 177 2.20 12.31 -11.54
N TYR C 178 2.51 11.24 -10.82
CA TYR C 178 2.21 11.15 -9.41
C TYR C 178 3.51 11.05 -8.67
N SER C 179 3.48 11.33 -7.38
CA SER C 179 4.66 11.24 -6.54
C SER C 179 4.20 10.69 -5.19
N MET C 180 5.07 9.96 -4.52
CA MET C 180 4.69 9.39 -3.24
C MET C 180 5.79 9.50 -2.22
N SER C 181 5.39 9.78 -1.00
CA SER C 181 6.34 9.91 0.10
C SER C 181 6.19 8.69 1.02
N SER C 182 7.31 8.17 1.49
CA SER C 182 7.28 7.04 2.40
C SER C 182 8.19 7.39 3.57
N THR C 183 7.60 7.48 4.76
CA THR C 183 8.35 7.84 5.94
C THR C 183 8.38 6.75 7.00
N LEU C 184 9.59 6.30 7.32
CA LEU C 184 9.78 5.28 8.35
C LEU C 184 10.16 6.03 9.61
N THR C 185 9.31 5.96 10.62
CA THR C 185 9.57 6.65 11.87
C THR C 185 10.05 5.70 12.97
N LEU C 186 11.26 5.98 13.46
CA LEU C 186 11.89 5.19 14.51
C LEU C 186 12.39 6.08 15.64
N THR C 187 12.81 5.47 16.73
CA THR C 187 13.34 6.19 17.88
C THR C 187 14.84 6.29 17.64
N LYS C 188 15.50 7.30 18.22
CA LYS C 188 16.93 7.44 18.02
C LYS C 188 17.66 6.14 18.35
N ASP C 189 17.28 5.50 19.46
CA ASP C 189 17.91 4.25 19.86
C ASP C 189 17.65 3.15 18.84
N GLU C 190 16.39 2.98 18.47
CA GLU C 190 15.99 1.97 17.50
C GLU C 190 16.74 2.16 16.18
N TYR C 191 16.83 3.40 15.73
CA TYR C 191 17.51 3.73 14.48
C TYR C 191 18.99 3.37 14.53
N GLU C 192 19.60 3.41 15.71
CA GLU C 192 21.01 3.10 15.84
C GLU C 192 21.34 1.62 16.08
N ARG C 193 20.34 0.82 16.41
CA ARG C 193 20.55 -0.61 16.63
C ARG C 193 20.75 -1.34 15.30
N HIS C 194 20.73 -0.60 14.21
CA HIS C 194 20.89 -1.17 12.87
C HIS C 194 21.73 -0.23 12.01
N ASN C 195 22.21 -0.71 10.86
CA ASN C 195 23.05 0.12 9.99
C ASN C 195 22.57 0.26 8.54
N SER C 196 22.00 -0.81 7.99
CA SER C 196 21.53 -0.80 6.61
C SER C 196 20.07 -0.39 6.46
N TYR C 197 19.84 0.72 5.75
CA TYR C 197 18.48 1.22 5.51
C TYR C 197 18.20 1.28 4.03
N THR C 198 17.23 0.49 3.58
CA THR C 198 16.89 0.43 2.17
C THR C 198 15.43 0.69 1.83
N CYS C 199 15.23 1.42 0.73
CA CYS C 199 13.90 1.76 0.23
C CYS C 199 13.76 1.08 -1.14
N GLU C 200 12.74 0.25 -1.30
CA GLU C 200 12.51 -0.45 -2.57
C GLU C 200 11.18 -0.10 -3.22
N ALA C 201 11.24 0.41 -4.44
CA ALA C 201 10.02 0.78 -5.15
C ALA C 201 9.74 -0.18 -6.28
N THR C 202 8.49 -0.62 -6.38
CA THR C 202 8.06 -1.54 -7.42
C THR C 202 6.93 -0.88 -8.19
N HIS C 203 7.15 -0.68 -9.48
CA HIS C 203 6.17 -0.03 -10.34
C HIS C 203 6.05 -0.82 -11.63
N LYS C 204 4.87 -0.80 -12.25
CA LYS C 204 4.65 -1.55 -13.49
C LYS C 204 5.64 -1.26 -14.60
N THR C 205 6.38 -0.16 -14.48
CA THR C 205 7.34 0.20 -15.51
C THR C 205 8.59 -0.68 -15.52
N SER C 206 8.66 -1.65 -14.61
CA SER C 206 9.81 -2.54 -14.55
C SER C 206 9.61 -3.74 -13.62
N THR C 207 10.13 -4.89 -14.03
CA THR C 207 10.04 -6.09 -13.21
C THR C 207 11.08 -5.99 -12.11
N SER C 208 12.10 -5.16 -12.35
CA SER C 208 13.18 -4.96 -11.38
C SER C 208 12.85 -3.80 -10.44
N PRO C 209 12.84 -4.07 -9.13
CA PRO C 209 12.53 -3.01 -8.17
C PRO C 209 13.63 -1.96 -8.20
N ILE C 210 13.28 -0.71 -7.93
CA ILE C 210 14.27 0.35 -7.90
C ILE C 210 14.72 0.47 -6.45
N VAL C 211 16.00 0.25 -6.20
CA VAL C 211 16.53 0.27 -4.85
C VAL C 211 17.43 1.45 -4.51
N LYS C 212 17.25 2.00 -3.31
CA LYS C 212 18.06 3.10 -2.81
C LYS C 212 18.29 2.86 -1.33
N SER C 213 19.50 3.13 -0.86
CA SER C 213 19.82 2.91 0.54
C SER C 213 21.07 3.66 1.01
N PHE C 214 21.32 3.55 2.31
CA PHE C 214 22.47 4.18 2.94
C PHE C 214 22.78 3.45 4.24
N ASN C 215 23.84 3.90 4.91
CA ASN C 215 24.26 3.31 6.18
C ASN C 215 24.45 4.44 7.19
N ARG C 216 24.08 4.20 8.44
CA ARG C 216 24.22 5.21 9.49
C ARG C 216 25.58 5.91 9.45
N ASN C 217 26.64 5.12 9.42
CA ASN C 217 28.00 5.67 9.37
C ASN C 217 28.37 6.12 7.96
N GLU D 1 -14.05 44.70 -8.91
CA GLU D 1 -14.02 43.22 -8.75
C GLU D 1 -14.63 42.79 -7.41
N VAL D 2 -15.41 41.73 -7.43
CA VAL D 2 -16.05 41.22 -6.22
C VAL D 2 -15.13 40.36 -5.35
N ASN D 3 -15.11 40.67 -4.05
CA ASN D 3 -14.29 39.93 -3.11
C ASN D 3 -15.06 39.43 -1.89
N LEU D 4 -14.81 38.18 -1.53
CA LEU D 4 -15.41 37.55 -0.38
C LEU D 4 -14.28 36.91 0.41
N VAL D 5 -14.12 37.31 1.66
CA VAL D 5 -13.06 36.74 2.49
C VAL D 5 -13.60 36.26 3.82
N GLU D 6 -13.56 34.94 4.02
CA GLU D 6 -14.03 34.33 5.24
C GLU D 6 -12.89 34.31 6.24
N SER D 7 -13.21 34.31 7.53
CA SER D 7 -12.20 34.22 8.58
C SER D 7 -12.96 33.69 9.78
N GLY D 8 -12.24 33.27 10.83
CA GLY D 8 -12.89 32.76 12.02
C GLY D 8 -12.69 31.26 12.17
N GLY D 9 -12.25 30.62 11.11
CA GLY D 9 -12.04 29.18 11.18
C GLY D 9 -10.93 28.87 12.16
N GLY D 10 -10.89 27.63 12.62
CA GLY D 10 -9.87 27.24 13.57
C GLY D 10 -10.18 25.91 14.22
N LEU D 11 -9.50 25.63 15.33
CA LEU D 11 -9.70 24.38 16.03
C LEU D 11 -10.68 24.56 17.19
N VAL D 12 -11.65 23.65 17.27
CA VAL D 12 -12.64 23.68 18.34
C VAL D 12 -12.99 22.25 18.71
N GLN D 13 -13.20 22.01 19.99
CA GLN D 13 -13.55 20.68 20.48
C GLN D 13 -14.96 20.28 20.10
N PRO D 14 -15.23 18.96 20.08
CA PRO D 14 -16.57 18.47 19.74
C PRO D 14 -17.47 19.08 20.81
N GLY D 15 -18.65 19.56 20.42
CA GLY D 15 -19.55 20.17 21.37
C GLY D 15 -19.33 21.67 21.49
N GLY D 16 -18.23 22.16 20.93
CA GLY D 16 -17.93 23.58 21.01
C GLY D 16 -18.65 24.46 20.00
N SER D 17 -18.30 25.74 20.00
CA SER D 17 -18.91 26.71 19.10
C SER D 17 -17.87 27.49 18.32
N LEU D 18 -18.29 28.05 17.20
CA LEU D 18 -17.39 28.81 16.37
C LEU D 18 -18.23 29.77 15.55
N ARG D 19 -17.70 30.96 15.31
CA ARG D 19 -18.42 31.96 14.54
C ARG D 19 -17.58 32.38 13.34
N LEU D 20 -18.09 32.12 12.14
CA LEU D 20 -17.37 32.51 10.94
C LEU D 20 -17.92 33.81 10.40
N SER D 21 -17.06 34.58 9.76
CA SER D 21 -17.49 35.83 9.18
C SER D 21 -17.06 35.89 7.72
N CYS D 22 -17.71 36.72 6.95
CA CYS D 22 -17.38 36.86 5.55
C CYS D 22 -17.48 38.33 5.19
N ALA D 23 -16.33 38.99 5.05
CA ALA D 23 -16.31 40.40 4.70
C ALA D 23 -16.38 40.47 3.18
N THR D 24 -17.11 41.44 2.65
CA THR D 24 -17.25 41.55 1.20
C THR D 24 -17.00 42.95 0.68
N SER D 25 -16.69 43.03 -0.62
CA SER D 25 -16.48 44.33 -1.26
C SER D 25 -16.69 44.17 -2.77
N GLY D 26 -16.81 45.29 -3.47
CA GLY D 26 -16.98 45.22 -4.92
C GLY D 26 -18.38 44.98 -5.44
N PHE D 27 -19.37 45.04 -4.56
CA PHE D 27 -20.77 44.86 -4.97
C PHE D 27 -21.71 45.26 -3.86
N THR D 28 -22.99 45.40 -4.19
CA THR D 28 -23.99 45.80 -3.22
C THR D 28 -24.45 44.58 -2.46
N PHE D 29 -23.94 44.42 -1.24
CA PHE D 29 -24.28 43.30 -0.38
C PHE D 29 -25.79 43.19 -0.15
N ILE D 30 -26.45 44.31 0.15
CA ILE D 30 -27.90 44.27 0.43
C ILE D 30 -28.84 43.83 -0.68
N ASP D 31 -28.39 43.79 -1.93
CA ASP D 31 -29.30 43.34 -3.00
C ASP D 31 -29.28 41.81 -3.12
N ASN D 32 -28.30 41.17 -2.49
CA ASN D 32 -28.12 39.74 -2.61
C ASN D 32 -28.50 38.79 -1.50
N TYR D 33 -28.71 37.54 -1.92
CA TYR D 33 -28.98 36.40 -1.04
C TYR D 33 -27.55 35.93 -0.89
N MET D 34 -27.19 35.37 0.25
CA MET D 34 -25.84 34.87 0.40
C MET D 34 -25.89 33.45 0.94
N SER D 35 -25.04 32.58 0.42
CA SER D 35 -25.01 31.21 0.91
C SER D 35 -23.68 30.84 1.53
N TRP D 36 -23.69 29.78 2.34
CA TRP D 36 -22.49 29.23 2.94
C TRP D 36 -22.41 27.82 2.39
N VAL D 37 -21.21 27.42 1.98
CA VAL D 37 -20.97 26.08 1.45
C VAL D 37 -19.74 25.54 2.18
N ARG D 38 -19.70 24.23 2.41
CA ARG D 38 -18.53 23.66 3.09
C ARG D 38 -18.06 22.44 2.35
N GLN D 39 -16.86 21.99 2.68
CA GLN D 39 -16.31 20.83 2.02
C GLN D 39 -15.30 20.14 2.91
N PRO D 40 -15.63 18.91 3.36
CA PRO D 40 -14.72 18.16 4.22
C PRO D 40 -13.50 17.78 3.37
N PRO D 41 -12.35 17.54 4.01
CA PRO D 41 -11.14 17.17 3.27
C PRO D 41 -11.42 16.06 2.26
N GLY D 42 -11.08 16.30 1.00
CA GLY D 42 -11.31 15.31 -0.03
C GLY D 42 -12.75 14.86 -0.24
N LYS D 43 -13.70 15.64 0.24
CA LYS D 43 -15.12 15.29 0.08
C LYS D 43 -15.86 16.26 -0.83
N ALA D 44 -17.14 15.97 -1.04
CA ALA D 44 -17.99 16.79 -1.89
C ALA D 44 -18.48 18.08 -1.25
N LEU D 45 -18.74 19.06 -2.10
CA LEU D 45 -19.27 20.33 -1.65
C LEU D 45 -20.60 20.05 -0.95
N GLU D 46 -20.97 20.90 -0.01
CA GLU D 46 -22.23 20.73 0.70
C GLU D 46 -22.83 22.09 1.02
N TRP D 47 -23.98 22.36 0.46
CA TRP D 47 -24.63 23.63 0.73
C TRP D 47 -25.12 23.56 2.16
N LEU D 48 -24.88 24.63 2.94
CA LEU D 48 -25.29 24.71 4.34
C LEU D 48 -26.57 25.51 4.54
N GLY D 49 -26.71 26.59 3.78
CA GLY D 49 -27.89 27.42 3.91
C GLY D 49 -27.69 28.79 3.30
N PHE D 50 -28.74 29.60 3.30
CA PHE D 50 -28.61 30.94 2.77
C PHE D 50 -29.52 31.91 3.51
N ILE D 51 -29.27 33.19 3.35
CA ILE D 51 -30.12 34.17 3.99
C ILE D 51 -30.61 35.12 2.90
N ARG D 52 -31.93 35.30 2.85
CA ARG D 52 -32.54 36.18 1.85
C ARG D 52 -32.21 37.66 2.12
N ASN D 53 -32.51 38.53 1.15
CA ASN D 53 -32.24 39.94 1.36
C ASN D 53 -33.40 40.61 2.11
N LYS D 54 -33.28 41.93 2.33
CA LYS D 54 -34.29 42.68 3.06
C LYS D 54 -35.68 42.61 2.44
N VAL D 55 -35.75 42.76 1.12
CA VAL D 55 -37.02 42.72 0.39
C VAL D 55 -37.73 41.39 0.62
N ASN D 56 -36.95 40.33 0.82
CA ASN D 56 -37.52 39.01 1.04
C ASN D 56 -37.58 38.54 2.50
N GLY D 57 -37.68 39.50 3.41
CA GLY D 57 -37.83 39.19 4.82
C GLY D 57 -36.63 38.80 5.66
N TYR D 58 -35.43 38.84 5.09
CA TYR D 58 -34.24 38.47 5.83
C TYR D 58 -34.36 37.07 6.42
N THR D 59 -35.16 36.20 5.80
CA THR D 59 -35.32 34.85 6.34
C THR D 59 -34.21 33.92 5.86
N THR D 60 -34.18 32.70 6.42
CA THR D 60 -33.14 31.73 6.12
C THR D 60 -33.58 30.31 5.78
N GLU D 61 -32.70 29.58 5.11
CA GLU D 61 -32.93 28.19 4.72
C GLU D 61 -31.64 27.45 5.04
N TYR D 62 -31.76 26.20 5.45
CA TYR D 62 -30.61 25.40 5.83
C TYR D 62 -30.64 23.96 5.29
N GLY D 63 -29.45 23.38 5.16
CA GLY D 63 -29.36 22.00 4.73
C GLY D 63 -29.87 21.22 5.93
N PRO D 64 -30.40 20.00 5.74
CA PRO D 64 -30.92 19.18 6.82
C PRO D 64 -30.02 18.85 8.02
N SER D 65 -28.74 18.64 7.77
CA SER D 65 -27.83 18.27 8.86
C SER D 65 -27.39 19.37 9.82
N VAL D 66 -27.64 20.63 9.49
CA VAL D 66 -27.19 21.70 10.35
C VAL D 66 -28.28 22.59 10.94
N LYS D 67 -29.51 22.45 10.44
CA LYS D 67 -30.61 23.26 10.94
C LYS D 67 -30.67 23.17 12.46
N GLY D 68 -30.73 24.32 13.13
CA GLY D 68 -30.80 24.36 14.58
C GLY D 68 -29.46 24.63 15.26
N ARG D 69 -28.39 24.01 14.78
CA ARG D 69 -27.05 24.19 15.35
C ARG D 69 -26.33 25.35 14.67
N PHE D 70 -26.58 25.50 13.37
CA PHE D 70 -25.95 26.56 12.59
C PHE D 70 -26.96 27.68 12.38
N THR D 71 -26.47 28.91 12.43
CA THR D 71 -27.32 30.06 12.25
C THR D 71 -26.65 31.09 11.34
N ILE D 72 -27.27 31.40 10.21
CA ILE D 72 -26.72 32.40 9.32
C ILE D 72 -27.35 33.75 9.64
N SER D 73 -26.58 34.80 9.49
CA SER D 73 -27.09 36.13 9.75
C SER D 73 -26.28 37.12 8.92
N ARG D 74 -26.76 38.35 8.80
CA ARG D 74 -26.04 39.35 8.02
C ARG D 74 -26.07 40.73 8.65
N ASP D 75 -25.09 41.54 8.30
CA ASP D 75 -25.00 42.91 8.79
C ASP D 75 -24.91 43.78 7.53
N ASP D 76 -26.06 44.17 7.00
CA ASP D 76 -26.08 44.99 5.80
C ASP D 76 -25.37 46.34 5.92
N SER D 77 -25.24 46.86 7.14
CA SER D 77 -24.55 48.13 7.30
C SER D 77 -23.04 47.94 7.09
N GLN D 78 -22.59 46.70 7.25
CA GLN D 78 -21.18 46.40 7.09
C GLN D 78 -20.85 45.52 5.88
N SER D 79 -21.89 44.98 5.24
CA SER D 79 -21.71 44.11 4.09
C SER D 79 -20.91 42.89 4.53
N ILE D 80 -21.30 42.35 5.69
CA ILE D 80 -20.65 41.17 6.24
C ILE D 80 -21.69 40.07 6.47
N LEU D 81 -21.32 38.85 6.15
CA LEU D 81 -22.18 37.69 6.35
C LEU D 81 -21.54 36.85 7.47
N TYR D 82 -22.36 36.24 8.31
CA TYR D 82 -21.87 35.42 9.41
C TYR D 82 -22.48 34.03 9.39
N LEU D 83 -21.83 33.10 10.10
CA LEU D 83 -22.34 31.74 10.26
C LEU D 83 -21.91 31.37 11.69
N GLN D 84 -22.91 31.28 12.57
CA GLN D 84 -22.69 30.91 13.97
C GLN D 84 -22.96 29.43 14.07
N MET D 85 -21.99 28.68 14.61
CA MET D 85 -22.13 27.24 14.74
C MET D 85 -22.06 26.80 16.20
N ASN D 86 -23.01 25.96 16.62
CA ASN D 86 -23.08 25.44 17.99
C ASN D 86 -23.01 23.92 17.91
N THR D 87 -22.74 23.27 19.03
CA THR D 87 -22.70 21.81 19.10
C THR D 87 -21.95 21.19 17.95
N LEU D 88 -20.75 21.66 17.69
CA LEU D 88 -19.98 21.13 16.58
C LEU D 88 -19.65 19.66 16.72
N ARG D 89 -19.55 18.99 15.58
CA ARG D 89 -19.26 17.57 15.52
C ARG D 89 -18.05 17.34 14.64
N THR D 90 -17.43 16.19 14.82
CA THR D 90 -16.27 15.81 14.05
C THR D 90 -16.54 15.98 12.55
N GLU D 91 -17.70 15.52 12.09
CA GLU D 91 -18.04 15.63 10.69
C GLU D 91 -18.24 17.08 10.21
N ASP D 92 -18.17 18.05 11.12
CA ASP D 92 -18.32 19.46 10.76
C ASP D 92 -16.98 20.06 10.31
N SER D 93 -15.91 19.28 10.45
CA SER D 93 -14.59 19.72 10.04
C SER D 93 -14.60 19.84 8.52
N ALA D 94 -14.27 21.02 8.01
CA ALA D 94 -14.27 21.22 6.58
C ALA D 94 -13.83 22.63 6.27
N THR D 95 -13.75 22.94 4.99
CA THR D 95 -13.39 24.28 4.56
C THR D 95 -14.72 24.98 4.37
N TYR D 96 -14.90 26.13 5.00
CA TYR D 96 -16.16 26.82 4.86
C TYR D 96 -16.06 27.96 3.88
N TYR D 97 -16.94 27.92 2.87
CA TYR D 97 -16.98 28.94 1.82
C TYR D 97 -18.22 29.85 1.89
N CYS D 98 -17.95 31.12 1.61
CA CYS D 98 -18.92 32.17 1.56
C CYS D 98 -19.18 32.38 0.07
N VAL D 99 -20.43 32.45 -0.34
CA VAL D 99 -20.72 32.64 -1.77
C VAL D 99 -21.89 33.58 -2.07
N ARG D 100 -21.81 34.31 -3.16
CA ARG D 100 -22.93 35.18 -3.51
C ARG D 100 -23.92 34.28 -4.23
N ASP D 101 -25.17 34.30 -3.80
CA ASP D 101 -26.20 33.48 -4.40
C ASP D 101 -27.01 34.44 -5.26
N ASN D 102 -26.52 34.65 -6.48
CA ASN D 102 -27.13 35.56 -7.44
C ASN D 102 -28.55 35.12 -7.78
N GLY D 103 -29.51 36.01 -7.52
CA GLY D 103 -30.90 35.72 -7.80
C GLY D 103 -31.46 36.56 -8.93
N SER D 104 -30.64 37.45 -9.48
CA SER D 104 -31.05 38.31 -10.59
C SER D 104 -31.59 37.45 -11.73
N ASP D 105 -32.67 37.92 -12.38
CA ASP D 105 -33.28 37.19 -13.50
C ASP D 105 -33.55 35.72 -13.18
N TYR D 106 -33.65 35.39 -11.89
CA TYR D 106 -33.89 34.02 -11.47
C TYR D 106 -32.76 33.05 -11.86
N ARG D 107 -31.53 33.56 -11.90
CA ARG D 107 -30.37 32.74 -12.21
C ARG D 107 -30.18 31.66 -11.14
N TRP D 108 -30.07 32.10 -9.88
CA TRP D 108 -29.88 31.22 -8.72
C TRP D 108 -28.68 30.27 -8.84
N TYR D 109 -27.50 30.86 -8.79
CA TYR D 109 -26.27 30.09 -8.88
C TYR D 109 -25.18 30.80 -8.07
N PHE D 110 -24.07 30.10 -7.81
CA PHE D 110 -22.96 30.66 -7.04
C PHE D 110 -21.87 31.20 -7.97
N ASP D 111 -21.97 32.47 -8.36
CA ASP D 111 -21.01 33.06 -9.27
C ASP D 111 -19.71 33.59 -8.68
N VAL D 112 -19.70 33.95 -7.41
CA VAL D 112 -18.47 34.43 -6.79
C VAL D 112 -18.29 33.72 -5.44
N TRP D 113 -17.11 33.13 -5.24
CA TRP D 113 -16.79 32.38 -4.04
C TRP D 113 -15.60 32.96 -3.26
N GLY D 114 -15.57 32.73 -1.95
CA GLY D 114 -14.43 33.17 -1.17
C GLY D 114 -13.36 32.09 -1.28
N ALA D 115 -12.21 32.29 -0.64
CA ALA D 115 -11.16 31.30 -0.71
C ALA D 115 -11.43 30.22 0.32
N GLY D 116 -12.36 30.50 1.22
CA GLY D 116 -12.73 29.56 2.25
C GLY D 116 -11.88 29.69 3.51
N THR D 117 -12.42 29.21 4.63
CA THR D 117 -11.72 29.21 5.91
C THR D 117 -11.87 27.79 6.45
N THR D 118 -10.81 27.23 7.01
CA THR D 118 -10.88 25.86 7.48
C THR D 118 -11.25 25.69 8.94
N VAL D 119 -12.21 24.82 9.18
CA VAL D 119 -12.69 24.52 10.54
C VAL D 119 -12.35 23.09 10.90
N THR D 120 -11.75 22.93 12.07
CA THR D 120 -11.39 21.61 12.53
C THR D 120 -12.02 21.36 13.89
N VAL D 121 -12.82 20.31 13.98
CA VAL D 121 -13.45 19.96 15.24
C VAL D 121 -12.77 18.68 15.71
N SER D 122 -11.96 18.79 16.75
CA SER D 122 -11.23 17.64 17.28
C SER D 122 -10.86 17.88 18.75
N SER D 123 -10.53 16.79 19.45
CA SER D 123 -10.15 16.89 20.86
C SER D 123 -8.66 17.19 21.03
N ALA D 124 -7.89 17.00 19.97
CA ALA D 124 -6.46 17.25 19.99
C ALA D 124 -6.20 18.74 20.17
N LYS D 125 -4.99 19.11 20.58
CA LYS D 125 -4.69 20.51 20.78
C LYS D 125 -3.78 21.05 19.67
N THR D 126 -3.76 22.36 19.50
CA THR D 126 -2.93 22.94 18.46
C THR D 126 -1.46 22.77 18.83
N THR D 127 -0.66 22.39 17.84
CA THR D 127 0.76 22.18 18.05
C THR D 127 1.54 22.67 16.85
N PRO D 128 2.56 23.51 17.08
CA PRO D 128 3.37 24.02 15.97
C PRO D 128 4.21 22.89 15.38
N PRO D 129 4.59 23.01 14.11
CA PRO D 129 5.39 21.99 13.43
C PRO D 129 6.89 22.06 13.70
N SER D 130 7.55 20.90 13.57
CA SER D 130 8.99 20.81 13.73
C SER D 130 9.48 20.58 12.30
N VAL D 131 10.16 21.56 11.72
CA VAL D 131 10.65 21.45 10.36
C VAL D 131 12.09 20.92 10.28
N TYR D 132 12.27 19.72 9.75
CA TYR D 132 13.59 19.12 9.63
C TYR D 132 14.07 19.09 8.18
N PRO D 133 15.34 19.44 7.94
CA PRO D 133 15.88 19.43 6.58
C PRO D 133 16.15 18.00 6.08
N LEU D 134 16.12 17.83 4.76
CA LEU D 134 16.35 16.53 4.15
C LEU D 134 17.29 16.62 2.95
N ALA D 135 18.59 16.63 3.23
CA ALA D 135 19.60 16.70 2.18
C ALA D 135 20.18 15.31 1.90
N PRO D 136 20.73 15.12 0.68
CA PRO D 136 21.32 13.84 0.27
C PRO D 136 22.56 13.43 1.05
N ASN D 143 24.00 12.41 -12.44
CA ASN D 143 23.35 13.22 -11.41
C ASN D 143 23.26 14.68 -11.84
N SER D 144 22.60 14.93 -12.97
CA SER D 144 22.46 16.29 -13.48
C SER D 144 21.55 17.10 -12.56
N MET D 145 20.76 16.40 -11.76
CA MET D 145 19.84 17.07 -10.83
C MET D 145 19.89 16.43 -9.44
N VAL D 146 19.58 17.23 -8.43
CA VAL D 146 19.57 16.75 -7.06
C VAL D 146 18.21 17.02 -6.40
N THR D 147 17.76 16.07 -5.58
CA THR D 147 16.48 16.20 -4.91
C THR D 147 16.68 16.46 -3.42
N LEU D 148 16.10 17.57 -2.96
CA LEU D 148 16.20 17.95 -1.55
C LEU D 148 14.82 17.87 -0.92
N GLY D 149 14.78 17.68 0.39
CA GLY D 149 13.50 17.58 1.05
C GLY D 149 13.35 18.40 2.31
N CYS D 150 12.16 18.30 2.90
CA CYS D 150 11.83 19.03 4.10
C CYS D 150 10.74 18.24 4.83
N LEU D 151 11.03 17.84 6.07
CA LEU D 151 10.08 17.08 6.87
C LEU D 151 9.37 17.97 7.90
N VAL D 152 8.05 18.12 7.76
CA VAL D 152 7.25 18.93 8.67
C VAL D 152 6.48 17.95 9.54
N LYS D 153 7.00 17.73 10.75
CA LYS D 153 6.42 16.76 11.65
C LYS D 153 5.75 17.26 12.94
N GLY D 154 4.76 16.49 13.39
CA GLY D 154 4.04 16.77 14.63
C GLY D 154 3.31 18.09 14.82
N TYR D 155 2.41 18.44 13.92
CA TYR D 155 1.66 19.69 14.09
C TYR D 155 0.16 19.43 14.05
N PHE D 156 -0.60 20.41 14.52
CA PHE D 156 -2.06 20.29 14.53
C PHE D 156 -2.66 21.65 14.78
N PRO D 157 -3.72 21.99 14.04
CA PRO D 157 -4.35 21.16 13.03
C PRO D 157 -3.82 21.56 11.65
N GLU D 158 -4.48 21.07 10.61
CA GLU D 158 -4.12 21.46 9.25
C GLU D 158 -4.68 22.89 9.14
N PRO D 159 -4.17 23.69 8.19
CA PRO D 159 -3.12 23.29 7.26
C PRO D 159 -1.82 24.05 7.51
N VAL D 160 -0.80 23.69 6.75
CA VAL D 160 0.49 24.35 6.80
C VAL D 160 0.74 24.68 5.34
N THR D 161 1.45 25.77 5.09
CA THR D 161 1.75 26.15 3.72
C THR D 161 3.26 26.04 3.62
N VAL D 162 3.71 25.28 2.62
CA VAL D 162 5.13 25.08 2.41
C VAL D 162 5.60 25.68 1.08
N THR D 163 6.74 26.36 1.13
CA THR D 163 7.31 26.96 -0.07
C THR D 163 8.82 26.77 -0.04
N TRP D 164 9.47 27.09 -1.16
CA TRP D 164 10.92 26.98 -1.26
C TRP D 164 11.48 28.31 -1.73
N ASN D 165 12.38 28.88 -0.93
CA ASN D 165 12.99 30.17 -1.25
C ASN D 165 11.90 31.24 -1.39
N SER D 166 11.03 31.30 -0.38
CA SER D 166 9.95 32.26 -0.32
C SER D 166 9.05 32.28 -1.56
N GLY D 167 8.92 31.13 -2.23
CA GLY D 167 8.09 31.06 -3.41
C GLY D 167 8.86 31.15 -4.70
N SER D 168 10.14 31.47 -4.59
CA SER D 168 11.03 31.59 -5.75
C SER D 168 11.08 30.27 -6.51
N LEU D 169 11.30 29.17 -5.79
CA LEU D 169 11.34 27.84 -6.39
C LEU D 169 9.92 27.28 -6.46
N SER D 170 9.38 27.18 -7.67
CA SER D 170 8.03 26.66 -7.83
C SER D 170 8.00 25.37 -8.65
N SER D 171 8.97 25.22 -9.55
CA SER D 171 9.04 24.03 -10.40
C SER D 171 9.79 22.90 -9.72
N GLY D 172 9.42 21.66 -10.07
CA GLY D 172 10.08 20.50 -9.49
C GLY D 172 9.79 20.32 -8.01
N VAL D 173 8.66 20.86 -7.55
CA VAL D 173 8.27 20.74 -6.15
C VAL D 173 7.11 19.77 -5.93
N HIS D 174 7.22 18.99 -4.87
CA HIS D 174 6.17 18.04 -4.50
C HIS D 174 5.91 18.15 -3.01
N THR D 175 4.73 18.67 -2.66
CA THR D 175 4.37 18.79 -1.25
C THR D 175 3.27 17.76 -1.05
N PHE D 176 3.61 16.74 -0.27
CA PHE D 176 2.69 15.65 0.00
C PHE D 176 1.60 15.93 1.02
N PRO D 177 0.41 15.34 0.81
CA PRO D 177 -0.71 15.53 1.73
C PRO D 177 -0.29 15.05 3.12
N ALA D 178 -0.68 15.79 4.16
CA ALA D 178 -0.33 15.40 5.52
C ALA D 178 -1.05 14.13 5.94
N VAL D 179 -0.41 13.36 6.80
CA VAL D 179 -1.00 12.14 7.32
C VAL D 179 -1.16 12.32 8.82
N LEU D 180 -2.32 11.93 9.34
CA LEU D 180 -2.62 12.05 10.75
C LEU D 180 -2.14 10.83 11.53
N GLN D 181 -1.26 11.06 12.51
CA GLN D 181 -0.71 9.98 13.32
C GLN D 181 -0.76 10.35 14.80
N SER D 182 -1.75 9.81 15.52
CA SER D 182 -1.90 10.09 16.95
C SER D 182 -2.08 11.58 17.24
N ASP D 183 -3.14 12.15 16.69
CA ASP D 183 -3.45 13.57 16.88
C ASP D 183 -2.39 14.53 16.36
N LEU D 184 -1.48 14.03 15.53
CA LEU D 184 -0.44 14.87 14.96
C LEU D 184 -0.22 14.61 13.47
N TYR D 185 -0.15 15.69 12.71
CA TYR D 185 0.05 15.61 11.26
C TYR D 185 1.52 15.63 10.91
N THR D 186 1.87 14.93 9.84
CA THR D 186 3.22 14.89 9.35
C THR D 186 3.18 14.90 7.83
N LEU D 187 3.99 15.75 7.23
CA LEU D 187 4.05 15.83 5.79
C LEU D 187 5.48 16.15 5.41
N SER D 188 5.78 16.05 4.13
CA SER D 188 7.10 16.36 3.65
C SER D 188 6.96 17.04 2.31
N SER D 189 8.04 17.68 1.88
CA SER D 189 8.04 18.36 0.60
C SER D 189 9.39 18.14 -0.03
N SER D 190 9.40 17.79 -1.30
CA SER D 190 10.66 17.58 -1.98
C SER D 190 10.76 18.61 -3.10
N VAL D 191 11.98 19.00 -3.40
CA VAL D 191 12.25 19.94 -4.47
C VAL D 191 13.45 19.41 -5.24
N THR D 192 13.37 19.49 -6.56
CA THR D 192 14.44 19.00 -7.40
C THR D 192 15.02 20.16 -8.19
N VAL D 193 16.32 20.36 -8.07
CA VAL D 193 17.00 21.45 -8.76
C VAL D 193 18.30 20.97 -9.42
N PRO D 194 18.79 21.74 -10.39
CA PRO D 194 20.04 21.36 -11.08
C PRO D 194 21.16 21.26 -10.05
N SER D 195 21.98 20.21 -10.16
CA SER D 195 23.09 20.01 -9.23
C SER D 195 24.05 21.21 -9.25
N SER D 196 23.99 22.00 -10.32
CA SER D 196 24.85 23.16 -10.46
C SER D 196 24.36 24.33 -9.62
N THR D 197 23.14 24.26 -9.12
CA THR D 197 22.58 25.34 -8.31
C THR D 197 22.53 25.00 -6.82
N TRP D 198 23.21 23.93 -6.42
CA TRP D 198 23.22 23.54 -5.02
C TRP D 198 24.41 22.63 -4.73
N PRO D 199 25.12 22.87 -3.62
CA PRO D 199 24.91 23.91 -2.60
C PRO D 199 25.25 25.31 -3.09
N SER D 200 25.55 25.44 -4.39
CA SER D 200 25.88 26.73 -4.98
C SER D 200 24.92 27.80 -4.46
N GLU D 201 23.68 27.75 -4.92
CA GLU D 201 22.65 28.69 -4.49
C GLU D 201 21.98 28.10 -3.25
N THR D 202 21.54 28.96 -2.34
CA THR D 202 20.87 28.48 -1.13
C THR D 202 19.48 27.99 -1.44
N VAL D 203 19.09 26.91 -0.76
CA VAL D 203 17.77 26.34 -0.93
C VAL D 203 17.15 26.31 0.46
N THR D 204 16.08 27.08 0.64
CA THR D 204 15.42 27.15 1.94
C THR D 204 13.96 26.71 1.91
N CYS D 205 13.61 25.95 2.95
CA CYS D 205 12.27 25.42 3.12
C CYS D 205 11.48 26.38 4.02
N ASN D 206 10.35 26.88 3.52
CA ASN D 206 9.52 27.80 4.30
C ASN D 206 8.21 27.12 4.74
N VAL D 207 8.00 27.06 6.05
CA VAL D 207 6.80 26.44 6.59
C VAL D 207 6.01 27.42 7.45
N ALA D 208 4.75 27.65 7.08
CA ALA D 208 3.90 28.55 7.83
C ALA D 208 2.72 27.78 8.42
N HIS D 209 2.47 27.98 9.70
CA HIS D 209 1.38 27.29 10.39
C HIS D 209 0.56 28.31 11.16
N PRO D 210 -0.35 29.02 10.47
CA PRO D 210 -1.21 30.04 11.07
C PRO D 210 -1.88 29.63 12.36
N ALA D 211 -2.32 28.37 12.44
CA ALA D 211 -2.99 27.87 13.64
C ALA D 211 -2.23 28.19 14.91
N SER D 212 -0.91 28.04 14.86
CA SER D 212 -0.08 28.31 16.03
C SER D 212 0.80 29.53 15.84
N SER D 213 0.44 30.38 14.87
CA SER D 213 1.21 31.58 14.58
C SER D 213 2.70 31.24 14.46
N THR D 214 2.99 30.18 13.70
CA THR D 214 4.36 29.74 13.52
C THR D 214 4.85 29.95 12.09
N LYS D 215 6.13 30.28 11.98
CA LYS D 215 6.76 30.50 10.69
C LYS D 215 8.20 30.03 10.85
N VAL D 216 8.56 28.96 10.16
CA VAL D 216 9.90 28.43 10.24
C VAL D 216 10.59 28.31 8.90
N ASP D 217 11.84 28.78 8.84
CA ASP D 217 12.64 28.70 7.62
C ASP D 217 13.75 27.71 7.91
N LYS D 218 13.95 26.76 7.02
CA LYS D 218 15.01 25.77 7.22
C LYS D 218 15.85 25.66 5.96
N LYS D 219 17.09 26.14 6.07
CA LYS D 219 18.04 26.10 4.95
C LYS D 219 18.52 24.68 4.79
N ILE D 220 18.63 24.21 3.55
CA ILE D 220 19.10 22.85 3.30
C ILE D 220 20.62 22.84 3.15
N VAL D 221 21.29 22.25 4.13
CA VAL D 221 22.74 22.19 4.13
C VAL D 221 23.27 20.77 4.01
N PRO D 222 24.33 20.57 3.20
CA PRO D 222 24.96 19.26 2.97
C PRO D 222 25.31 18.51 4.27
N ASP E 1 26.40 -14.65 14.14
CA ASP E 1 27.41 -13.55 14.25
C ASP E 1 27.74 -12.94 12.90
N ILE E 2 28.01 -13.80 11.93
CA ILE E 2 28.35 -13.36 10.57
C ILE E 2 27.11 -12.91 9.82
N VAL E 3 27.18 -11.71 9.22
CA VAL E 3 26.06 -11.16 8.47
C VAL E 3 26.15 -11.52 6.99
N MET E 4 25.05 -12.04 6.46
CA MET E 4 24.98 -12.42 5.04
C MET E 4 23.96 -11.54 4.35
N SER E 5 24.30 -11.06 3.16
CA SER E 5 23.38 -10.21 2.40
C SER E 5 23.48 -10.60 0.94
N GLN E 6 22.33 -10.64 0.27
CA GLN E 6 22.29 -11.02 -1.13
C GLN E 6 21.70 -9.94 -2.01
N SER E 7 22.07 -9.94 -3.28
CA SER E 7 21.54 -8.96 -4.20
C SER E 7 21.41 -9.60 -5.58
N PRO E 8 20.33 -9.27 -6.32
CA PRO E 8 19.24 -8.37 -5.93
C PRO E 8 18.14 -9.12 -5.14
N SER E 9 17.14 -8.39 -4.66
CA SER E 9 16.06 -9.02 -3.91
C SER E 9 15.29 -9.92 -4.87
N SER E 10 15.12 -9.42 -6.09
CA SER E 10 14.45 -10.17 -7.12
C SER E 10 14.88 -9.62 -8.46
N LEU E 11 14.66 -10.42 -9.49
CA LEU E 11 14.98 -10.04 -10.85
C LEU E 11 14.17 -11.00 -11.70
N ALA E 12 13.80 -10.59 -12.89
CA ALA E 12 13.04 -11.44 -13.78
C ALA E 12 13.91 -11.68 -14.98
N VAL E 13 13.76 -12.86 -15.58
CA VAL E 13 14.56 -13.21 -16.72
C VAL E 13 13.80 -14.08 -17.71
N SER E 14 14.16 -13.96 -18.98
CA SER E 14 13.55 -14.75 -20.04
C SER E 14 14.34 -16.04 -20.17
N ALA E 15 13.65 -17.12 -20.51
CA ALA E 15 14.32 -18.41 -20.67
C ALA E 15 15.50 -18.28 -21.63
N GLY E 16 16.55 -19.06 -21.37
CA GLY E 16 17.73 -19.04 -22.24
C GLY E 16 18.76 -17.99 -21.91
N GLU E 17 18.41 -17.06 -21.03
CA GLU E 17 19.35 -16.00 -20.70
C GLU E 17 20.21 -16.30 -19.49
N ARG E 18 21.27 -15.51 -19.33
CA ARG E 18 22.20 -15.65 -18.22
C ARG E 18 21.67 -14.88 -17.02
N VAL E 19 21.97 -15.38 -15.82
CA VAL E 19 21.54 -14.76 -14.58
C VAL E 19 22.68 -14.85 -13.57
N THR E 20 22.93 -13.76 -12.86
CA THR E 20 23.98 -13.79 -11.85
C THR E 20 23.44 -13.13 -10.62
N MET E 21 23.75 -13.68 -9.45
CA MET E 21 23.30 -13.09 -8.21
C MET E 21 24.46 -13.05 -7.22
N THR E 22 24.41 -12.08 -6.32
CA THR E 22 25.49 -11.89 -5.36
C THR E 22 25.14 -12.17 -3.91
N CYS E 23 26.18 -12.55 -3.17
CA CYS E 23 26.07 -12.82 -1.75
C CYS E 23 27.36 -12.26 -1.16
N LYS E 24 27.22 -11.47 -0.12
CA LYS E 24 28.35 -10.85 0.56
C LYS E 24 28.33 -11.26 2.03
N SER E 25 29.49 -11.61 2.57
CA SER E 25 29.57 -12.00 3.97
C SER E 25 30.31 -10.91 4.75
N SER E 26 29.97 -10.76 6.02
CA SER E 26 30.58 -9.74 6.86
C SER E 26 32.03 -10.05 7.24
N GLN E 27 32.54 -11.19 6.79
CA GLN E 27 33.91 -11.58 7.07
C GLN E 27 34.28 -12.76 6.19
N SER E 28 35.58 -12.97 6.03
CA SER E 28 36.04 -14.09 5.21
C SER E 28 35.45 -15.39 5.74
N LEU E 29 35.05 -16.26 4.82
CA LEU E 29 34.47 -17.55 5.17
C LEU E 29 35.46 -18.63 4.82
N PHE E 30 36.74 -18.25 4.74
CA PHE E 30 37.79 -19.21 4.41
C PHE E 30 38.39 -19.83 5.67
N ASN E 31 38.43 -21.16 5.71
CA ASN E 31 39.00 -21.88 6.84
C ASN E 31 40.43 -22.27 6.42
N SER E 32 41.43 -21.80 7.18
CA SER E 32 42.83 -22.09 6.87
C SER E 32 43.21 -23.56 7.06
N LYS E 33 42.59 -24.21 8.03
CA LYS E 33 42.87 -25.62 8.30
C LYS E 33 42.27 -26.54 7.22
N THR E 34 40.98 -26.36 6.93
CA THR E 34 40.30 -27.18 5.93
C THR E 34 40.56 -26.70 4.52
N ARG E 35 40.94 -25.44 4.40
CA ARG E 35 41.23 -24.84 3.10
C ARG E 35 40.00 -24.80 2.19
N ARG E 36 38.90 -24.24 2.67
CA ARG E 36 37.69 -24.14 1.85
C ARG E 36 36.86 -22.93 2.23
N ASN E 37 36.09 -22.40 1.28
CA ASN E 37 35.22 -21.26 1.56
C ASN E 37 33.84 -21.82 1.90
N TYR E 38 33.42 -21.64 3.15
CA TYR E 38 32.13 -22.15 3.57
C TYR E 38 30.91 -21.34 3.13
N LEU E 39 30.67 -21.34 1.83
CA LEU E 39 29.54 -20.63 1.27
C LEU E 39 28.73 -21.63 0.46
N ALA E 40 27.45 -21.75 0.77
CA ALA E 40 26.62 -22.70 0.05
C ALA E 40 25.41 -22.02 -0.54
N TRP E 41 24.95 -22.54 -1.68
CA TRP E 41 23.79 -22.00 -2.36
C TRP E 41 22.67 -23.05 -2.32
N TYR E 42 21.50 -22.64 -1.82
CA TYR E 42 20.35 -23.52 -1.74
C TYR E 42 19.26 -23.00 -2.66
N GLN E 43 18.47 -23.91 -3.21
CA GLN E 43 17.39 -23.53 -4.09
C GLN E 43 16.04 -23.96 -3.52
N GLN E 44 15.08 -23.05 -3.50
CA GLN E 44 13.77 -23.35 -2.96
C GLN E 44 12.68 -22.96 -3.94
N LYS E 45 12.11 -23.98 -4.57
CA LYS E 45 11.04 -23.76 -5.53
C LYS E 45 9.77 -23.59 -4.73
N PRO E 46 8.70 -23.12 -5.36
CA PRO E 46 7.43 -22.92 -4.65
C PRO E 46 6.85 -24.18 -4.01
N GLY E 47 6.46 -24.04 -2.75
CA GLY E 47 5.87 -25.14 -2.00
C GLY E 47 6.80 -26.26 -1.60
N GLN E 48 8.08 -26.16 -1.98
CA GLN E 48 9.03 -27.21 -1.64
C GLN E 48 10.04 -26.78 -0.59
N SER E 49 10.74 -27.76 -0.04
CA SER E 49 11.79 -27.51 0.94
C SER E 49 13.04 -27.07 0.17
N PRO E 50 13.96 -26.36 0.84
CA PRO E 50 15.17 -25.93 0.14
C PRO E 50 15.99 -27.14 -0.30
N LYS E 51 16.75 -26.98 -1.38
CA LYS E 51 17.58 -28.07 -1.90
C LYS E 51 19.03 -27.60 -2.09
N LEU E 52 20.00 -28.36 -1.59
CA LEU E 52 21.40 -27.99 -1.74
C LEU E 52 21.85 -28.04 -3.20
N LEU E 53 22.42 -26.93 -3.68
CA LEU E 53 22.90 -26.84 -5.05
C LEU E 53 24.41 -26.72 -5.11
N ILE E 54 24.97 -25.91 -4.23
CA ILE E 54 26.40 -25.68 -4.22
C ILE E 54 26.98 -25.48 -2.83
N TYR E 55 28.18 -26.01 -2.63
CA TYR E 55 28.87 -25.86 -1.36
C TYR E 55 30.34 -25.54 -1.61
N TRP E 56 31.04 -25.10 -0.58
CA TRP E 56 32.44 -24.74 -0.74
C TRP E 56 32.58 -23.69 -1.84
N ALA E 57 31.54 -22.87 -1.96
CA ALA E 57 31.45 -21.77 -2.93
C ALA E 57 31.34 -22.15 -4.41
N SER E 58 32.04 -23.21 -4.80
CA SER E 58 32.04 -23.60 -6.21
C SER E 58 31.83 -25.06 -6.51
N THR E 59 31.77 -25.91 -5.49
CA THR E 59 31.53 -27.33 -5.76
C THR E 59 30.05 -27.56 -5.96
N ARG E 60 29.72 -28.20 -7.07
CA ARG E 60 28.34 -28.48 -7.40
C ARG E 60 27.89 -29.83 -6.87
N GLU E 61 26.80 -29.85 -6.12
CA GLU E 61 26.26 -31.08 -5.54
C GLU E 61 25.81 -32.01 -6.65
N SER E 62 26.04 -33.30 -6.46
CA SER E 62 25.66 -34.29 -7.46
C SER E 62 24.22 -34.14 -7.90
N GLY E 63 23.98 -34.36 -9.19
CA GLY E 63 22.63 -34.26 -9.72
C GLY E 63 22.22 -32.85 -10.10
N VAL E 64 23.04 -31.86 -9.75
CA VAL E 64 22.74 -30.47 -10.06
C VAL E 64 23.29 -30.13 -11.45
N PRO E 65 22.43 -29.62 -12.34
CA PRO E 65 22.84 -29.24 -13.70
C PRO E 65 24.08 -28.36 -13.66
N ASP E 66 24.86 -28.37 -14.74
CA ASP E 66 26.07 -27.56 -14.78
C ASP E 66 25.84 -26.11 -15.17
N ARG E 67 24.61 -25.75 -15.49
CA ARG E 67 24.32 -24.36 -15.85
C ARG E 67 24.35 -23.51 -14.59
N PHE E 68 24.33 -24.18 -13.43
CA PHE E 68 24.41 -23.51 -12.15
C PHE E 68 25.88 -23.52 -11.75
N THR E 69 26.46 -22.34 -11.59
CA THR E 69 27.87 -22.28 -11.23
C THR E 69 28.11 -21.30 -10.11
N GLY E 70 28.74 -21.80 -9.04
CA GLY E 70 29.05 -20.94 -7.91
C GLY E 70 30.48 -20.46 -8.10
N SER E 71 30.80 -19.28 -7.58
CA SER E 71 32.15 -18.75 -7.70
C SER E 71 32.38 -17.70 -6.62
N GLY E 72 33.62 -17.21 -6.50
CA GLY E 72 33.91 -16.19 -5.50
C GLY E 72 34.81 -16.66 -4.36
N SER E 73 35.26 -15.72 -3.55
CA SER E 73 36.13 -16.03 -2.41
C SER E 73 36.18 -14.89 -1.41
N GLY E 74 36.49 -15.22 -0.16
CA GLY E 74 36.58 -14.20 0.86
C GLY E 74 35.22 -13.70 1.33
N THR E 75 34.88 -12.47 0.91
CA THR E 75 33.62 -11.86 1.32
C THR E 75 32.56 -11.69 0.22
N GLU E 76 32.90 -12.02 -1.02
CA GLU E 76 31.95 -11.85 -2.10
C GLU E 76 31.79 -13.11 -2.95
N PHE E 77 30.56 -13.61 -3.03
CA PHE E 77 30.28 -14.82 -3.79
C PHE E 77 29.24 -14.60 -4.89
N THR E 78 29.24 -15.48 -5.87
CA THR E 78 28.32 -15.33 -6.98
C THR E 78 27.74 -16.65 -7.45
N LEU E 79 26.46 -16.60 -7.82
CA LEU E 79 25.81 -17.76 -8.36
C LEU E 79 25.41 -17.38 -9.77
N THR E 80 25.79 -18.21 -10.72
CA THR E 80 25.46 -17.93 -12.11
C THR E 80 24.67 -19.07 -12.70
N ILE E 81 23.59 -18.71 -13.39
CA ILE E 81 22.75 -19.67 -14.04
C ILE E 81 22.80 -19.32 -15.52
N SER E 82 23.59 -20.06 -16.28
CA SER E 82 23.69 -19.79 -17.70
C SER E 82 22.48 -20.45 -18.35
N SER E 83 21.89 -19.78 -19.35
CA SER E 83 20.74 -20.34 -20.03
C SER E 83 19.68 -20.84 -19.04
N VAL E 84 19.05 -19.92 -18.31
CA VAL E 84 18.02 -20.28 -17.33
C VAL E 84 16.81 -20.89 -18.01
N GLN E 85 16.11 -21.76 -17.27
CA GLN E 85 14.92 -22.41 -17.80
C GLN E 85 13.75 -21.99 -16.93
N ALA E 86 12.55 -22.11 -17.46
CA ALA E 86 11.36 -21.75 -16.70
C ALA E 86 11.34 -22.44 -15.34
N GLU E 87 11.72 -23.71 -15.31
CA GLU E 87 11.71 -24.49 -14.07
C GLU E 87 12.67 -23.97 -13.03
N ASP E 88 13.56 -23.06 -13.40
CA ASP E 88 14.49 -22.52 -12.43
C ASP E 88 13.86 -21.48 -11.49
N LEU E 89 12.58 -21.20 -11.72
CA LEU E 89 11.84 -20.25 -10.90
C LEU E 89 11.96 -20.68 -9.44
N ALA E 90 12.54 -19.82 -8.61
CA ALA E 90 12.72 -20.15 -7.21
C ALA E 90 13.40 -19.02 -6.46
N VAL E 91 13.57 -19.21 -5.16
CA VAL E 91 14.28 -18.24 -4.36
C VAL E 91 15.60 -18.92 -4.07
N TYR E 92 16.70 -18.22 -4.33
CA TYR E 92 18.03 -18.76 -4.11
C TYR E 92 18.67 -18.11 -2.88
N TYR E 93 19.06 -18.96 -1.94
CA TYR E 93 19.67 -18.50 -0.71
C TYR E 93 21.13 -18.93 -0.58
N CYS E 94 21.98 -18.04 -0.08
CA CYS E 94 23.37 -18.43 0.15
C CYS E 94 23.42 -18.67 1.64
N LYS E 95 24.36 -19.49 2.06
CA LYS E 95 24.49 -19.80 3.48
C LYS E 95 25.96 -19.99 3.83
N GLN E 96 26.39 -19.37 4.92
CA GLN E 96 27.77 -19.54 5.34
C GLN E 96 27.74 -20.54 6.49
N SER E 97 28.76 -21.39 6.53
CA SER E 97 28.86 -22.37 7.60
C SER E 97 30.32 -22.40 8.08
N TYR E 98 30.94 -21.23 8.07
CA TYR E 98 32.32 -21.08 8.54
C TYR E 98 32.30 -21.20 10.07
N ASN E 99 31.32 -20.54 10.68
CA ASN E 99 31.14 -20.58 12.12
C ASN E 99 29.63 -20.46 12.35
N LEU E 100 29.04 -21.49 12.93
CA LEU E 100 27.59 -21.54 13.12
C LEU E 100 27.07 -21.46 11.68
N ARG E 101 25.83 -21.03 11.45
CA ARG E 101 25.35 -20.94 10.08
C ARG E 101 24.45 -19.72 9.92
N THR E 102 24.54 -19.07 8.76
CA THR E 102 23.70 -17.89 8.52
C THR E 102 23.24 -17.88 7.07
N PHE E 103 21.97 -17.58 6.87
CA PHE E 103 21.38 -17.51 5.52
C PHE E 103 21.28 -16.06 5.06
N GLY E 104 21.33 -15.84 3.76
CA GLY E 104 21.18 -14.48 3.25
C GLY E 104 19.68 -14.27 3.13
N GLY E 105 19.24 -13.11 2.68
CA GLY E 105 17.82 -12.87 2.57
C GLY E 105 17.22 -13.53 1.35
N GLY E 106 18.09 -14.08 0.50
CA GLY E 106 17.63 -14.74 -0.71
C GLY E 106 17.35 -13.83 -1.90
N THR E 107 17.48 -14.38 -3.09
CA THR E 107 17.21 -13.68 -4.31
C THR E 107 16.11 -14.41 -5.04
N LYS E 108 14.97 -13.75 -5.21
CA LYS E 108 13.83 -14.34 -5.89
C LYS E 108 13.99 -14.21 -7.40
N LEU E 109 14.09 -15.34 -8.08
CA LEU E 109 14.22 -15.37 -9.55
C LEU E 109 12.83 -15.57 -10.17
N GLU E 110 12.43 -14.63 -11.02
CA GLU E 110 11.13 -14.70 -11.68
C GLU E 110 11.29 -14.87 -13.18
N ILE E 111 10.26 -15.39 -13.83
CA ILE E 111 10.32 -15.63 -15.26
C ILE E 111 9.54 -14.61 -16.07
N LYS E 112 10.12 -14.17 -17.18
CA LYS E 112 9.47 -13.22 -18.06
C LYS E 112 8.75 -13.97 -19.17
N ARG E 113 7.70 -13.36 -19.72
CA ARG E 113 6.92 -13.97 -20.79
C ARG E 113 6.18 -12.86 -21.53
N ALA E 114 5.46 -13.22 -22.59
CA ALA E 114 4.69 -12.26 -23.37
C ALA E 114 3.46 -11.81 -22.56
N ASP E 115 2.89 -10.67 -22.90
CA ASP E 115 1.72 -10.20 -22.18
C ASP E 115 0.61 -11.23 -22.37
N ALA E 116 -0.36 -11.22 -21.45
CA ALA E 116 -1.48 -12.15 -21.54
C ALA E 116 -2.67 -11.52 -20.82
N ALA E 117 -3.82 -11.48 -21.48
CA ALA E 117 -5.02 -10.88 -20.89
C ALA E 117 -5.63 -11.86 -19.89
N PRO E 118 -6.26 -11.34 -18.83
CA PRO E 118 -6.86 -12.22 -17.83
C PRO E 118 -8.17 -12.81 -18.31
N THR E 119 -8.50 -13.99 -17.79
CA THR E 119 -9.76 -14.64 -18.13
C THR E 119 -10.60 -14.38 -16.89
N VAL E 120 -11.66 -13.60 -17.04
CA VAL E 120 -12.50 -13.23 -15.92
C VAL E 120 -13.76 -14.07 -15.77
N SER E 121 -14.02 -14.46 -14.52
CA SER E 121 -15.19 -15.26 -14.19
C SER E 121 -15.79 -14.71 -12.90
N ILE E 122 -17.09 -14.49 -12.90
CA ILE E 122 -17.75 -13.98 -11.71
C ILE E 122 -18.70 -15.05 -11.19
N PHE E 123 -18.82 -15.14 -9.86
CA PHE E 123 -19.69 -16.13 -9.25
C PHE E 123 -20.57 -15.57 -8.16
N PRO E 124 -21.88 -15.86 -8.25
CA PRO E 124 -22.86 -15.40 -7.27
C PRO E 124 -22.66 -16.20 -5.98
N PRO E 125 -23.06 -15.64 -4.82
CA PRO E 125 -22.91 -16.35 -3.55
C PRO E 125 -23.59 -17.71 -3.64
N SER E 126 -22.98 -18.73 -3.04
CA SER E 126 -23.56 -20.06 -3.05
C SER E 126 -24.82 -20.09 -2.17
N SER E 127 -25.75 -20.98 -2.50
CA SER E 127 -26.98 -21.09 -1.73
C SER E 127 -26.73 -21.43 -0.27
N GLU E 128 -25.78 -22.33 -0.01
CA GLU E 128 -25.50 -22.70 1.37
C GLU E 128 -24.89 -21.57 2.19
N GLN E 129 -24.09 -20.70 1.56
CA GLN E 129 -23.52 -19.59 2.30
C GLN E 129 -24.65 -18.62 2.61
N LEU E 130 -25.65 -18.57 1.72
CA LEU E 130 -26.79 -17.68 1.92
C LEU E 130 -27.66 -18.12 3.09
N THR E 131 -28.00 -19.41 3.13
CA THR E 131 -28.83 -19.92 4.19
C THR E 131 -28.19 -19.68 5.55
N SER E 132 -26.85 -19.58 5.58
CA SER E 132 -26.14 -19.34 6.83
C SER E 132 -26.05 -17.85 7.17
N GLY E 133 -26.60 -17.01 6.30
CA GLY E 133 -26.59 -15.57 6.54
C GLY E 133 -25.42 -14.80 5.93
N GLY E 134 -24.61 -15.47 5.12
CA GLY E 134 -23.48 -14.81 4.49
C GLY E 134 -23.63 -14.69 2.98
N ALA E 135 -22.91 -13.74 2.39
CA ALA E 135 -22.97 -13.53 0.94
C ALA E 135 -21.65 -13.03 0.36
N SER E 136 -20.87 -13.96 -0.19
CA SER E 136 -19.59 -13.61 -0.79
C SER E 136 -19.66 -13.75 -2.31
N VAL E 137 -19.34 -12.66 -3.00
CA VAL E 137 -19.33 -12.68 -4.47
C VAL E 137 -17.87 -12.80 -4.88
N VAL E 138 -17.55 -13.85 -5.61
CA VAL E 138 -16.18 -14.09 -6.03
C VAL E 138 -15.94 -13.81 -7.50
N CYS E 139 -14.77 -13.26 -7.79
CA CYS E 139 -14.40 -12.96 -9.16
C CYS E 139 -12.96 -13.41 -9.41
N PHE E 140 -12.75 -14.23 -10.42
CA PHE E 140 -11.41 -14.70 -10.75
C PHE E 140 -10.88 -14.02 -12.00
N LEU E 141 -9.62 -13.58 -11.94
CA LEU E 141 -8.93 -12.97 -13.06
C LEU E 141 -7.75 -13.93 -13.24
N ASN E 142 -7.88 -14.89 -14.15
CA ASN E 142 -6.84 -15.88 -14.34
C ASN E 142 -5.89 -15.80 -15.53
N ASN E 143 -4.69 -16.32 -15.30
CA ASN E 143 -3.63 -16.41 -16.30
C ASN E 143 -3.34 -15.14 -17.10
N PHE E 144 -2.96 -14.07 -16.41
CA PHE E 144 -2.63 -12.83 -17.10
C PHE E 144 -1.17 -12.49 -16.81
N TYR E 145 -0.63 -11.56 -17.57
CA TYR E 145 0.76 -11.14 -17.40
C TYR E 145 0.95 -9.83 -18.14
N PRO E 146 1.66 -8.87 -17.54
CA PRO E 146 2.33 -8.90 -16.22
C PRO E 146 1.40 -8.89 -15.00
N LYS E 147 2.00 -8.94 -13.81
CA LYS E 147 1.27 -9.01 -12.55
C LYS E 147 0.33 -7.87 -12.18
N ASP E 148 0.67 -6.64 -12.56
CA ASP E 148 -0.16 -5.49 -12.25
C ASP E 148 -1.54 -5.59 -12.89
N ILE E 149 -2.57 -5.43 -12.07
CA ILE E 149 -3.94 -5.51 -12.57
C ILE E 149 -4.86 -4.81 -11.58
N ASN E 150 -6.01 -4.34 -12.08
CA ASN E 150 -6.96 -3.65 -11.21
C ASN E 150 -8.36 -4.20 -11.36
N VAL E 151 -9.06 -4.27 -10.24
CA VAL E 151 -10.42 -4.77 -10.23
C VAL E 151 -11.33 -3.74 -9.60
N LYS E 152 -12.50 -3.56 -10.19
CA LYS E 152 -13.48 -2.61 -9.67
C LYS E 152 -14.80 -3.37 -9.54
N TRP E 153 -15.45 -3.24 -8.39
CA TRP E 153 -16.74 -3.89 -8.19
C TRP E 153 -17.86 -2.88 -8.35
N LYS E 154 -18.90 -3.25 -9.09
CA LYS E 154 -20.02 -2.37 -9.29
C LYS E 154 -21.34 -3.05 -8.96
N ILE E 155 -22.07 -2.48 -8.01
CA ILE E 155 -23.36 -3.01 -7.60
C ILE E 155 -24.45 -2.07 -8.12
N ASP E 156 -25.22 -2.55 -9.08
CA ASP E 156 -26.28 -1.77 -9.70
C ASP E 156 -25.69 -0.51 -10.35
N GLY E 157 -24.51 -0.66 -10.95
CA GLY E 157 -23.86 0.46 -11.61
C GLY E 157 -23.03 1.37 -10.74
N SER E 158 -23.03 1.15 -9.43
CA SER E 158 -22.25 1.97 -8.51
C SER E 158 -21.01 1.26 -7.96
N GLU E 159 -19.87 1.94 -8.02
CA GLU E 159 -18.62 1.38 -7.55
C GLU E 159 -18.65 1.08 -6.05
N ARG E 160 -18.27 -0.14 -5.71
CA ARG E 160 -18.22 -0.60 -4.32
C ARG E 160 -16.75 -0.70 -3.92
N GLN E 161 -16.37 -0.06 -2.82
CA GLN E 161 -14.97 -0.09 -2.38
C GLN E 161 -14.79 -0.54 -0.94
N ASN E 162 -15.79 -1.23 -0.38
CA ASN E 162 -15.72 -1.69 0.99
C ASN E 162 -16.05 -3.18 1.07
N GLY E 163 -15.24 -3.92 1.84
CA GLY E 163 -15.45 -5.34 1.98
C GLY E 163 -14.88 -6.17 0.84
N VAL E 164 -13.91 -5.60 0.14
CA VAL E 164 -13.26 -6.28 -0.98
C VAL E 164 -11.87 -6.76 -0.58
N LEU E 165 -11.60 -8.04 -0.79
CA LEU E 165 -10.30 -8.62 -0.46
C LEU E 165 -9.72 -9.36 -1.66
N ASN E 166 -8.54 -8.92 -2.09
CA ASN E 166 -7.87 -9.51 -3.23
C ASN E 166 -6.67 -10.37 -2.81
N SER E 167 -6.38 -11.37 -3.61
CA SER E 167 -5.26 -12.28 -3.36
C SER E 167 -4.61 -12.64 -4.70
N TRP E 168 -3.29 -12.54 -4.75
CA TRP E 168 -2.52 -12.85 -5.95
C TRP E 168 -1.75 -14.15 -5.80
N THR E 169 -1.80 -15.00 -6.82
CA THR E 169 -1.03 -16.25 -6.78
C THR E 169 0.38 -15.91 -7.25
N ASP E 170 1.30 -16.85 -7.06
CA ASP E 170 2.67 -16.66 -7.50
C ASP E 170 2.62 -17.04 -8.98
N GLN E 171 3.74 -16.94 -9.69
CA GLN E 171 3.75 -17.30 -11.09
C GLN E 171 3.38 -18.78 -11.26
N ASP E 172 2.49 -19.05 -12.20
CA ASP E 172 2.05 -20.42 -12.48
C ASP E 172 3.26 -21.26 -12.90
N SER E 173 3.39 -22.44 -12.32
CA SER E 173 4.51 -23.33 -12.63
C SER E 173 4.49 -23.81 -14.07
N LYS E 174 3.34 -23.69 -14.73
CA LYS E 174 3.20 -24.13 -16.11
C LYS E 174 3.44 -23.04 -17.17
N ASP E 175 2.69 -21.94 -17.11
CA ASP E 175 2.84 -20.87 -18.10
C ASP E 175 3.38 -19.53 -17.58
N SER E 176 3.83 -19.51 -16.34
CA SER E 176 4.40 -18.31 -15.72
C SER E 176 3.48 -17.08 -15.64
N THR E 177 2.18 -17.30 -15.73
CA THR E 177 1.24 -16.19 -15.65
C THR E 177 0.84 -15.99 -14.19
N TYR E 178 0.07 -14.95 -13.94
CA TYR E 178 -0.42 -14.67 -12.59
C TYR E 178 -1.93 -14.78 -12.62
N SER E 179 -2.51 -14.94 -11.44
CA SER E 179 -3.96 -15.04 -11.31
C SER E 179 -4.32 -14.29 -10.05
N MET E 180 -5.51 -13.71 -10.03
CA MET E 180 -5.93 -12.97 -8.86
C MET E 180 -7.37 -13.27 -8.50
N SER E 181 -7.63 -13.30 -7.21
CA SER E 181 -8.97 -13.55 -6.70
C SER E 181 -9.49 -12.26 -6.07
N SER E 182 -10.75 -11.96 -6.33
CA SER E 182 -11.35 -10.78 -5.73
C SER E 182 -12.67 -11.23 -5.11
N THR E 183 -12.76 -11.07 -3.80
CA THR E 183 -13.95 -11.48 -3.06
C THR E 183 -14.68 -10.33 -2.38
N LEU E 184 -15.94 -10.13 -2.78
CA LEU E 184 -16.78 -9.08 -2.19
C LEU E 184 -17.65 -9.77 -1.15
N THR E 185 -17.43 -9.43 0.11
CA THR E 185 -18.20 -10.04 1.19
C THR E 185 -19.31 -9.13 1.71
N LEU E 186 -20.53 -9.62 1.59
CA LEU E 186 -21.73 -8.91 2.04
C LEU E 186 -22.60 -9.79 2.94
N THR E 187 -23.60 -9.19 3.55
CA THR E 187 -24.52 -9.92 4.41
C THR E 187 -25.67 -10.36 3.50
N LYS E 188 -26.36 -11.44 3.88
CA LYS E 188 -27.46 -11.92 3.05
C LYS E 188 -28.44 -10.79 2.73
N ASP E 189 -28.78 -9.99 3.73
CA ASP E 189 -29.71 -8.88 3.54
C ASP E 189 -29.13 -7.84 2.58
N GLU E 190 -27.88 -7.44 2.84
CA GLU E 190 -27.20 -6.45 2.01
C GLU E 190 -27.14 -6.92 0.56
N TYR E 191 -26.79 -8.18 0.37
CA TYR E 191 -26.69 -8.77 -0.96
C TYR E 191 -28.02 -8.74 -1.71
N GLU E 192 -29.12 -8.80 -0.97
CA GLU E 192 -30.44 -8.81 -1.61
C GLU E 192 -31.06 -7.43 -1.86
N ARG E 193 -30.50 -6.40 -1.24
CA ARG E 193 -31.01 -5.04 -1.43
C ARG E 193 -30.60 -4.49 -2.80
N HIS E 194 -29.92 -5.31 -3.58
CA HIS E 194 -29.47 -4.92 -4.91
C HIS E 194 -29.59 -6.09 -5.87
N ASN E 195 -29.48 -5.83 -7.18
CA ASN E 195 -29.63 -6.90 -8.16
C ASN E 195 -28.47 -7.06 -9.15
N SER E 196 -27.85 -5.95 -9.54
CA SER E 196 -26.74 -5.97 -10.49
C SER E 196 -25.36 -6.06 -9.84
N TYR E 197 -24.64 -7.15 -10.13
CA TYR E 197 -23.30 -7.35 -9.58
C TYR E 197 -22.29 -7.50 -10.70
N THR E 198 -21.35 -6.55 -10.76
CA THR E 198 -20.36 -6.55 -11.82
C THR E 198 -18.90 -6.50 -11.36
N CYS E 199 -18.08 -7.26 -12.07
CA CYS E 199 -16.65 -7.34 -11.80
C CYS E 199 -15.92 -6.76 -13.02
N GLU E 200 -15.09 -5.75 -12.81
CA GLU E 200 -14.36 -5.13 -13.93
C GLU E 200 -12.86 -5.24 -13.76
N ALA E 201 -12.20 -5.86 -14.74
CA ALA E 201 -10.76 -6.02 -14.69
C ALA E 201 -10.06 -5.12 -15.72
N THR E 202 -9.05 -4.40 -15.25
CA THR E 202 -8.28 -3.51 -16.13
C THR E 202 -6.82 -3.95 -16.12
N HIS E 203 -6.33 -4.32 -17.29
CA HIS E 203 -4.96 -4.80 -17.42
C HIS E 203 -4.33 -4.12 -18.63
N LYS E 204 -3.01 -3.94 -18.60
CA LYS E 204 -2.31 -3.27 -19.69
C LYS E 204 -2.54 -3.90 -21.06
N THR E 205 -3.08 -5.10 -21.09
CA THR E 205 -3.31 -5.77 -22.37
C THR E 205 -4.50 -5.20 -23.14
N SER E 206 -5.16 -4.20 -22.58
CA SER E 206 -6.29 -3.58 -23.27
C SER E 206 -6.75 -2.29 -22.62
N THR E 207 -7.18 -1.34 -23.44
CA THR E 207 -7.67 -0.07 -22.93
C THR E 207 -9.10 -0.28 -22.48
N SER E 208 -9.72 -1.34 -23.00
CA SER E 208 -11.10 -1.69 -22.65
C SER E 208 -11.13 -2.64 -21.47
N PRO E 209 -11.81 -2.26 -20.38
CA PRO E 209 -11.88 -3.15 -19.21
C PRO E 209 -12.66 -4.41 -19.57
N ILE E 210 -12.31 -5.53 -18.94
CA ILE E 210 -13.02 -6.78 -19.18
C ILE E 210 -14.11 -6.86 -18.12
N VAL E 211 -15.36 -6.91 -18.58
CA VAL E 211 -16.49 -6.93 -17.66
C VAL E 211 -17.26 -8.25 -17.60
N LYS E 212 -17.65 -8.62 -16.39
CA LYS E 212 -18.41 -9.83 -16.14
C LYS E 212 -19.41 -9.51 -15.04
N SER E 213 -20.63 -10.01 -15.17
CA SER E 213 -21.65 -9.73 -14.17
C SER E 213 -22.83 -10.70 -14.21
N PHE E 214 -23.73 -10.53 -13.25
CA PHE E 214 -24.92 -11.35 -13.14
C PHE E 214 -25.96 -10.60 -12.32
N ASN E 215 -27.14 -11.20 -12.18
CA ASN E 215 -28.22 -10.61 -11.39
C ASN E 215 -28.73 -11.66 -10.41
N ARG E 216 -29.10 -11.23 -9.20
CA ARG E 216 -29.60 -12.15 -8.18
C ARG E 216 -30.62 -13.14 -8.74
N ASN E 217 -31.63 -12.62 -9.44
CA ASN E 217 -32.67 -13.46 -10.02
C ASN E 217 -32.20 -14.11 -11.31
N GLU F 1 17.19 -44.39 0.97
CA GLU F 1 16.52 -43.05 0.96
C GLU F 1 16.48 -42.47 2.38
N VAL F 2 17.08 -41.31 2.55
CA VAL F 2 17.09 -40.66 3.85
C VAL F 2 15.75 -39.94 4.03
N ASN F 3 15.11 -40.17 5.17
CA ASN F 3 13.82 -39.54 5.44
C ASN F 3 13.83 -38.78 6.76
N LEU F 4 13.30 -37.56 6.71
CA LEU F 4 13.19 -36.72 7.89
C LEU F 4 11.76 -36.21 7.90
N VAL F 5 11.03 -36.50 8.97
CA VAL F 5 9.63 -36.06 9.08
C VAL F 5 9.37 -35.32 10.39
N GLU F 6 9.03 -34.04 10.28
CA GLU F 6 8.77 -33.22 11.47
C GLU F 6 7.34 -33.36 11.96
N SER F 7 7.14 -33.19 13.27
CA SER F 7 5.83 -33.27 13.91
C SER F 7 5.78 -32.38 15.14
N GLY F 8 4.59 -32.16 15.66
CA GLY F 8 4.45 -31.36 16.86
C GLY F 8 4.07 -29.90 16.65
N GLY F 9 4.21 -29.40 15.43
CA GLY F 9 3.88 -28.01 15.17
C GLY F 9 2.38 -27.78 15.12
N GLY F 10 1.94 -26.69 15.71
CA GLY F 10 0.52 -26.37 15.71
C GLY F 10 0.27 -24.98 16.27
N LEU F 11 -0.96 -24.73 16.68
CA LEU F 11 -1.32 -23.45 17.26
C LEU F 11 -0.94 -23.43 18.73
N VAL F 12 -0.31 -22.35 19.15
CA VAL F 12 0.12 -22.18 20.53
C VAL F 12 0.02 -20.71 20.89
N GLN F 13 -0.35 -20.42 22.13
CA GLN F 13 -0.50 -19.03 22.55
C GLN F 13 0.80 -18.32 22.85
N PRO F 14 0.82 -16.99 22.63
CA PRO F 14 2.03 -16.22 22.90
C PRO F 14 2.50 -16.57 24.32
N GLY F 15 3.81 -16.71 24.51
CA GLY F 15 4.34 -17.04 25.81
C GLY F 15 4.29 -18.51 26.15
N GLY F 16 3.56 -19.29 25.34
CA GLY F 16 3.45 -20.71 25.58
C GLY F 16 4.64 -21.51 25.09
N SER F 17 4.58 -22.83 25.31
CA SER F 17 5.65 -23.75 24.90
C SER F 17 5.23 -24.75 23.84
N LEU F 18 6.22 -25.39 23.23
CA LEU F 18 5.95 -26.39 22.21
C LEU F 18 7.20 -27.20 21.93
N ARG F 19 7.04 -28.49 21.73
CA ARG F 19 8.17 -29.35 21.42
C ARG F 19 7.98 -30.00 20.08
N LEU F 20 8.94 -29.81 19.18
CA LEU F 20 8.85 -30.42 17.86
C LEU F 20 9.75 -31.63 17.85
N SER F 21 9.36 -32.62 17.04
CA SER F 21 10.13 -33.83 16.92
C SER F 21 10.42 -34.09 15.44
N CYS F 22 11.48 -34.83 15.18
CA CYS F 22 11.86 -35.15 13.83
C CYS F 22 12.33 -36.59 13.78
N ALA F 23 11.47 -37.47 13.24
CA ALA F 23 11.79 -38.89 13.11
C ALA F 23 12.67 -39.07 11.87
N THR F 24 13.61 -40.00 11.94
CA THR F 24 14.49 -40.18 10.80
C THR F 24 14.65 -41.64 10.45
N SER F 25 15.07 -41.91 9.22
CA SER F 25 15.29 -43.29 8.80
C SER F 25 16.14 -43.26 7.55
N GLY F 26 16.91 -44.32 7.34
CA GLY F 26 17.74 -44.37 6.15
C GLY F 26 19.19 -43.97 6.33
N PHE F 27 19.60 -43.60 7.54
CA PHE F 27 20.99 -43.23 7.75
C PHE F 27 21.35 -43.39 9.22
N THR F 28 22.65 -43.40 9.51
CA THR F 28 23.09 -43.57 10.89
C THR F 28 23.06 -42.25 11.64
N PHE F 29 21.97 -42.05 12.36
CA PHE F 29 21.71 -40.84 13.14
C PHE F 29 22.88 -40.46 14.05
N ILE F 30 23.34 -41.41 14.87
CA ILE F 30 24.44 -41.15 15.79
C ILE F 30 25.65 -40.47 15.18
N ASP F 31 25.92 -40.74 13.91
CA ASP F 31 27.08 -40.15 13.27
C ASP F 31 26.92 -38.67 12.94
N ASN F 32 25.68 -38.21 12.92
CA ASN F 32 25.43 -36.84 12.49
C ASN F 32 25.14 -35.70 13.44
N TYR F 33 25.41 -34.50 12.91
CA TYR F 33 25.13 -33.24 13.56
C TYR F 33 23.78 -32.99 12.90
N MET F 34 22.83 -32.41 13.64
CA MET F 34 21.53 -32.11 13.07
C MET F 34 21.23 -30.65 13.35
N SER F 35 20.55 -30.00 12.41
CA SER F 35 20.18 -28.60 12.58
C SER F 35 18.68 -28.41 12.41
N TRP F 36 18.19 -27.30 12.91
CA TRP F 36 16.79 -26.92 12.75
C TRP F 36 16.89 -25.56 12.05
N VAL F 37 15.99 -25.36 11.09
CA VAL F 37 15.92 -24.14 10.30
C VAL F 37 14.43 -23.82 10.25
N ARG F 38 14.08 -22.55 10.18
CA ARG F 38 12.68 -22.22 10.11
C ARG F 38 12.47 -21.15 9.07
N GLN F 39 11.23 -20.96 8.65
CA GLN F 39 10.95 -19.97 7.65
C GLN F 39 9.56 -19.41 7.84
N PRO F 40 9.48 -18.14 8.27
CA PRO F 40 8.17 -17.51 8.47
C PRO F 40 7.51 -17.43 7.09
N PRO F 41 6.18 -17.31 7.07
CA PRO F 41 5.46 -17.23 5.79
C PRO F 41 6.04 -16.16 4.85
N GLY F 42 6.43 -16.57 3.65
CA GLY F 42 6.98 -15.65 2.67
C GLY F 42 8.30 -14.99 2.99
N LYS F 43 8.87 -15.28 4.15
CA LYS F 43 10.15 -14.69 4.55
C LYS F 43 11.35 -15.58 4.25
N ALA F 44 12.53 -15.16 4.68
CA ALA F 44 13.75 -15.90 4.43
C ALA F 44 14.02 -17.02 5.42
N LEU F 45 14.83 -17.99 4.98
CA LEU F 45 15.22 -19.12 5.82
C LEU F 45 16.04 -18.54 6.96
N GLU F 46 15.95 -19.15 8.13
CA GLU F 46 16.70 -18.69 9.28
C GLU F 46 17.21 -19.88 10.07
N TRP F 47 18.53 -19.96 10.26
CA TRP F 47 19.11 -21.07 11.01
C TRP F 47 18.79 -20.91 12.49
N LEU F 48 18.30 -21.99 13.11
CA LEU F 48 17.95 -21.95 14.52
C LEU F 48 19.07 -22.48 15.41
N GLY F 49 19.69 -23.58 14.99
CA GLY F 49 20.78 -24.13 15.77
C GLY F 49 21.07 -25.56 15.40
N PHE F 50 22.07 -26.15 16.04
CA PHE F 50 22.39 -27.53 15.76
C PHE F 50 22.84 -28.24 17.01
N ILE F 51 22.85 -29.57 16.94
CA ILE F 51 23.30 -30.37 18.07
C ILE F 51 24.39 -31.26 17.52
N ARG F 52 25.50 -31.33 18.23
CA ARG F 52 26.63 -32.15 17.81
C ARG F 52 26.36 -33.63 18.06
N ASN F 53 27.10 -34.52 17.39
CA ASN F 53 26.90 -35.94 17.63
C ASN F 53 27.56 -36.36 18.94
N LYS F 54 27.31 -37.60 19.36
CA LYS F 54 27.88 -38.12 20.61
C LYS F 54 29.38 -37.86 20.76
N VAL F 55 30.16 -38.27 19.77
CA VAL F 55 31.60 -38.09 19.79
C VAL F 55 32.01 -36.65 20.12
N ASN F 56 31.20 -35.68 19.73
CA ASN F 56 31.50 -34.28 20.02
C ASN F 56 30.78 -33.75 21.25
N GLY F 57 30.37 -34.65 22.13
CA GLY F 57 29.70 -34.25 23.36
C GLY F 57 28.26 -33.79 23.37
N TYR F 58 27.53 -33.96 22.27
CA TYR F 58 26.13 -33.54 22.24
C TYR F 58 25.93 -32.07 22.57
N THR F 59 26.99 -31.28 22.50
CA THR F 59 26.87 -29.87 22.80
C THR F 59 26.03 -29.19 21.71
N THR F 60 25.49 -28.01 22.00
CA THR F 60 24.63 -27.30 21.07
C THR F 60 25.01 -25.83 20.81
N GLU F 61 24.64 -25.34 19.63
CA GLU F 61 24.88 -23.96 19.21
C GLU F 61 23.57 -23.37 18.69
N TYR F 62 23.36 -22.08 18.89
CA TYR F 62 22.12 -21.44 18.45
C TYR F 62 22.28 -20.17 17.62
N GLY F 63 21.19 -19.77 16.98
CA GLY F 63 21.19 -18.57 16.18
C GLY F 63 20.79 -17.44 17.10
N PRO F 64 21.19 -16.19 16.81
CA PRO F 64 20.87 -15.01 17.62
C PRO F 64 19.42 -14.93 18.11
N SER F 65 18.48 -15.09 17.19
CA SER F 65 17.06 -14.98 17.53
C SER F 65 16.51 -15.98 18.56
N VAL F 66 17.14 -17.14 18.69
CA VAL F 66 16.62 -18.15 19.62
C VAL F 66 17.55 -18.67 20.69
N LYS F 67 18.73 -18.08 20.82
CA LYS F 67 19.68 -18.52 21.84
C LYS F 67 19.11 -18.29 23.24
N GLY F 68 19.13 -19.34 24.08
CA GLY F 68 18.63 -19.23 25.43
C GLY F 68 17.13 -19.40 25.63
N ARG F 69 16.39 -19.48 24.52
CA ARG F 69 14.94 -19.63 24.56
C ARG F 69 14.53 -20.98 23.96
N PHE F 70 15.33 -21.48 23.02
CA PHE F 70 15.07 -22.75 22.35
C PHE F 70 16.12 -23.78 22.76
N THR F 71 15.69 -25.03 22.90
CA THR F 71 16.61 -26.10 23.29
C THR F 71 16.52 -27.25 22.32
N ILE F 72 17.66 -27.65 21.76
CA ILE F 72 17.70 -28.77 20.84
C ILE F 72 18.24 -29.98 21.59
N SER F 73 17.63 -31.13 21.37
CA SER F 73 18.07 -32.36 22.00
C SER F 73 17.89 -33.50 20.98
N ARG F 74 18.39 -34.67 21.32
CA ARG F 74 18.30 -35.81 20.42
C ARG F 74 18.22 -37.11 21.19
N ASP F 75 17.65 -38.14 20.57
CA ASP F 75 17.54 -39.45 21.20
C ASP F 75 18.13 -40.43 20.21
N ASP F 76 19.43 -40.69 20.36
CA ASP F 76 20.12 -41.60 19.45
C ASP F 76 19.59 -43.01 19.40
N SER F 77 19.00 -43.49 20.49
CA SER F 77 18.46 -44.84 20.52
C SER F 77 17.23 -44.92 19.61
N GLN F 78 16.54 -43.81 19.46
CA GLN F 78 15.34 -43.76 18.63
C GLN F 78 15.54 -43.01 17.30
N SER F 79 16.69 -42.36 17.13
CA SER F 79 16.97 -41.62 15.91
C SER F 79 15.98 -40.47 15.74
N ILE F 80 15.68 -39.78 16.84
CA ILE F 80 14.76 -38.66 16.79
C ILE F 80 15.47 -37.40 17.27
N LEU F 81 15.14 -36.30 16.60
CA LEU F 81 15.70 -34.99 16.90
C LEU F 81 14.56 -34.16 17.47
N TYR F 82 14.86 -33.31 18.45
CA TYR F 82 13.84 -32.48 19.08
C TYR F 82 14.18 -30.99 19.09
N LEU F 83 13.15 -30.18 19.25
CA LEU F 83 13.31 -28.75 19.38
C LEU F 83 12.25 -28.34 20.40
N GLN F 84 12.71 -27.97 21.58
CA GLN F 84 11.83 -27.53 22.66
C GLN F 84 11.76 -26.01 22.54
N MET F 85 10.58 -25.47 22.26
CA MET F 85 10.47 -24.02 22.13
C MET F 85 9.74 -23.44 23.33
N ASN F 86 10.36 -22.44 23.95
CA ASN F 86 9.77 -21.80 25.13
C ASN F 86 9.57 -20.30 24.93
N THR F 87 8.63 -19.74 25.67
CA THR F 87 8.33 -18.31 25.60
C THR F 87 8.13 -17.90 24.15
N LEU F 88 7.21 -18.58 23.47
CA LEU F 88 6.94 -18.31 22.06
C LEU F 88 6.28 -16.97 21.81
N ARG F 89 6.65 -16.35 20.69
CA ARG F 89 6.11 -15.05 20.35
C ARG F 89 5.59 -15.04 18.93
N THR F 90 4.81 -14.03 18.60
CA THR F 90 4.26 -13.89 17.27
C THR F 90 5.31 -14.18 16.20
N GLU F 91 6.51 -13.64 16.40
CA GLU F 91 7.60 -13.80 15.44
C GLU F 91 8.02 -15.25 15.21
N ASP F 92 7.69 -16.13 16.15
CA ASP F 92 8.08 -17.54 16.03
C ASP F 92 7.17 -18.35 15.11
N SER F 93 6.08 -17.76 14.65
CA SER F 93 5.15 -18.43 13.72
C SER F 93 5.93 -18.73 12.45
N ALA F 94 6.07 -20.00 12.10
CA ALA F 94 6.84 -20.36 10.92
C ALA F 94 6.83 -21.85 10.62
N THR F 95 7.37 -22.19 9.45
CA THR F 95 7.49 -23.59 9.05
C THR F 95 8.85 -23.96 9.60
N TYR F 96 8.91 -25.03 10.38
CA TYR F 96 10.17 -25.46 10.97
C TYR F 96 10.70 -26.69 10.28
N TYR F 97 11.95 -26.61 9.84
CA TYR F 97 12.60 -27.72 9.14
C TYR F 97 13.68 -28.39 9.96
N CYS F 98 13.71 -29.70 9.81
CA CYS F 98 14.67 -30.58 10.43
C CYS F 98 15.68 -30.80 9.30
N VAL F 99 16.97 -30.75 9.59
CA VAL F 99 17.94 -30.96 8.54
C VAL F 99 19.17 -31.74 8.99
N ARG F 100 19.72 -32.56 8.11
CA ARG F 100 20.93 -33.28 8.46
C ARG F 100 22.06 -32.29 8.17
N ASP F 101 22.89 -32.04 9.16
CA ASP F 101 24.00 -31.11 9.06
C ASP F 101 25.27 -31.94 8.84
N ASN F 102 25.51 -32.28 7.58
CA ASN F 102 26.63 -33.10 7.17
C ASN F 102 28.01 -32.48 7.39
N GLY F 103 28.76 -33.04 8.35
CA GLY F 103 30.09 -32.53 8.65
C GLY F 103 31.21 -33.41 8.09
N SER F 104 30.83 -34.45 7.36
CA SER F 104 31.78 -35.37 6.75
C SER F 104 32.72 -34.62 5.78
N ASP F 105 34.03 -34.81 5.94
CA ASP F 105 35.03 -34.15 5.08
C ASP F 105 34.95 -32.63 5.24
N TYR F 106 34.48 -32.18 6.39
CA TYR F 106 34.34 -30.76 6.67
C TYR F 106 33.44 -30.07 5.63
N ARG F 107 32.50 -30.81 5.06
CA ARG F 107 31.58 -30.25 4.07
C ARG F 107 30.73 -29.15 4.74
N TRP F 108 30.03 -29.52 5.81
CA TRP F 108 29.18 -28.61 6.55
C TRP F 108 28.08 -27.94 5.72
N TYR F 109 27.11 -28.73 5.32
CA TYR F 109 25.98 -28.23 4.56
C TYR F 109 24.73 -29.07 4.84
N PHE F 110 23.58 -28.49 4.54
CA PHE F 110 22.30 -29.14 4.76
C PHE F 110 21.93 -29.97 3.53
N ASP F 111 22.26 -31.27 3.52
CA ASP F 111 21.96 -32.09 2.34
C ASP F 111 20.65 -32.86 2.34
N VAL F 112 19.92 -32.83 3.44
CA VAL F 112 18.64 -33.52 3.49
C VAL F 112 17.70 -32.65 4.32
N TRP F 113 16.49 -32.47 3.83
CA TRP F 113 15.51 -31.65 4.52
C TRP F 113 14.20 -32.39 4.69
N GLY F 114 13.53 -32.14 5.81
CA GLY F 114 12.23 -32.74 6.01
C GLY F 114 11.27 -31.84 5.22
N ALA F 115 9.97 -32.16 5.27
CA ALA F 115 8.98 -31.37 4.56
C ALA F 115 8.57 -30.17 5.41
N GLY F 116 8.91 -30.20 6.69
CA GLY F 116 8.58 -29.10 7.58
C GLY F 116 7.29 -29.30 8.35
N THR F 117 7.15 -28.58 9.45
CA THR F 117 5.96 -28.63 10.29
C THR F 117 5.63 -27.17 10.64
N THR F 118 4.34 -26.82 10.56
CA THR F 118 3.93 -25.43 10.82
C THR F 118 3.54 -25.07 12.24
N VAL F 119 4.17 -24.02 12.76
CA VAL F 119 3.89 -23.53 14.09
C VAL F 119 3.23 -22.16 14.01
N THR F 120 2.05 -22.01 14.60
CA THR F 120 1.38 -20.71 14.60
C THR F 120 1.20 -20.23 16.02
N VAL F 121 1.85 -19.10 16.33
CA VAL F 121 1.76 -18.53 17.67
C VAL F 121 0.77 -17.39 17.61
N SER F 122 -0.40 -17.61 18.20
CA SER F 122 -1.47 -16.64 18.18
C SER F 122 -2.50 -16.89 19.27
N SER F 123 -3.27 -15.85 19.59
CA SER F 123 -4.31 -15.94 20.63
C SER F 123 -5.61 -16.51 20.07
N ALA F 124 -5.80 -16.36 18.76
CA ALA F 124 -7.01 -16.84 18.11
C ALA F 124 -7.21 -18.35 18.32
N LYS F 125 -8.46 -18.80 18.24
CA LYS F 125 -8.78 -20.21 18.45
C LYS F 125 -8.99 -20.90 17.11
N THR F 126 -8.61 -22.18 17.05
CA THR F 126 -8.77 -22.91 15.81
C THR F 126 -10.25 -22.97 15.42
N THR F 127 -10.52 -22.84 14.14
CA THR F 127 -11.88 -22.86 13.63
C THR F 127 -11.92 -23.58 12.30
N PRO F 128 -12.87 -24.50 12.13
CA PRO F 128 -12.97 -25.24 10.86
C PRO F 128 -13.44 -24.33 9.75
N PRO F 129 -13.09 -24.66 8.51
CA PRO F 129 -13.50 -23.83 7.38
C PRO F 129 -14.88 -24.21 6.84
N SER F 130 -15.56 -23.24 6.23
CA SER F 130 -16.85 -23.49 5.61
C SER F 130 -16.48 -23.58 4.13
N VAL F 131 -16.92 -24.63 3.46
CA VAL F 131 -16.59 -24.79 2.05
C VAL F 131 -17.80 -24.60 1.16
N TYR F 132 -17.80 -23.50 0.41
CA TYR F 132 -18.91 -23.19 -0.48
C TYR F 132 -18.51 -23.43 -1.94
N PRO F 133 -19.43 -24.02 -2.73
CA PRO F 133 -19.17 -24.29 -4.15
C PRO F 133 -19.44 -23.05 -4.97
N LEU F 134 -18.76 -22.92 -6.10
CA LEU F 134 -18.96 -21.77 -6.98
C LEU F 134 -19.27 -22.26 -8.38
N ALA F 135 -20.55 -22.23 -8.73
CA ALA F 135 -20.99 -22.66 -10.04
C ALA F 135 -21.33 -21.39 -10.80
N PRO F 136 -21.05 -21.36 -12.12
CA PRO F 136 -21.32 -20.17 -12.95
C PRO F 136 -22.78 -19.73 -12.94
N ASN F 143 -17.27 -20.38 -25.57
CA ASN F 143 -17.13 -20.98 -24.25
C ASN F 143 -16.66 -22.43 -24.32
N SER F 144 -15.49 -22.64 -24.93
CA SER F 144 -14.94 -23.98 -25.06
C SER F 144 -14.53 -24.52 -23.69
N MET F 145 -14.36 -23.62 -22.73
CA MET F 145 -13.97 -24.02 -21.38
C MET F 145 -14.79 -23.29 -20.33
N VAL F 146 -14.95 -23.93 -19.17
CA VAL F 146 -15.71 -23.35 -18.07
C VAL F 146 -14.85 -23.30 -16.80
N THR F 147 -15.00 -22.23 -16.03
CA THR F 147 -14.23 -22.06 -14.81
C THR F 147 -15.14 -22.24 -13.60
N LEU F 148 -14.76 -23.15 -12.72
CA LEU F 148 -15.52 -23.43 -11.51
C LEU F 148 -14.68 -23.04 -10.32
N GLY F 149 -15.34 -22.76 -9.20
CA GLY F 149 -14.60 -22.35 -8.02
C GLY F 149 -15.00 -23.02 -6.73
N CYS F 150 -14.29 -22.65 -5.68
CA CYS F 150 -14.53 -23.20 -4.35
C CYS F 150 -14.08 -22.16 -3.33
N LEU F 151 -15.01 -21.74 -2.46
CA LEU F 151 -14.70 -20.75 -1.44
C LEU F 151 -14.52 -21.40 -0.07
N VAL F 152 -13.30 -21.29 0.48
CA VAL F 152 -12.98 -21.86 1.78
C VAL F 152 -12.89 -20.70 2.75
N LYS F 153 -13.97 -20.47 3.50
CA LYS F 153 -14.06 -19.33 4.39
C LYS F 153 -14.09 -19.59 5.91
N GLY F 154 -13.56 -18.61 6.64
CA GLY F 154 -13.56 -18.65 8.09
C GLY F 154 -12.87 -19.78 8.84
N TYR F 155 -11.60 -20.03 8.58
CA TYR F 155 -10.89 -21.08 9.29
C TYR F 155 -9.65 -20.55 9.95
N PHE F 156 -9.10 -21.32 10.88
CA PHE F 156 -7.90 -20.93 11.57
C PHE F 156 -7.33 -22.14 12.30
N PRO F 157 -6.01 -22.31 12.25
CA PRO F 157 -5.06 -21.45 11.56
C PRO F 157 -4.75 -22.06 10.20
N GLU F 158 -3.72 -21.54 9.55
CA GLU F 158 -3.29 -22.11 8.28
C GLU F 158 -2.58 -23.40 8.68
N PRO F 159 -2.44 -24.35 7.75
CA PRO F 159 -2.91 -24.24 6.37
C PRO F 159 -4.05 -25.21 6.08
N VAL F 160 -4.58 -25.11 4.86
CA VAL F 160 -5.61 -26.01 4.39
C VAL F 160 -5.02 -26.50 3.07
N THR F 161 -5.37 -27.72 2.70
CA THR F 161 -4.88 -28.27 1.44
C THR F 161 -6.12 -28.45 0.60
N VAL F 162 -6.09 -27.90 -0.61
CA VAL F 162 -7.22 -27.97 -1.51
C VAL F 162 -6.87 -28.75 -2.77
N THR F 163 -7.78 -29.63 -3.18
CA THR F 163 -7.59 -30.42 -4.39
C THR F 163 -8.89 -30.51 -5.15
N TRP F 164 -8.83 -31.05 -6.35
CA TRP F 164 -10.02 -31.23 -7.18
C TRP F 164 -10.10 -32.68 -7.64
N ASN F 165 -11.21 -33.34 -7.30
CA ASN F 165 -11.39 -34.74 -7.65
C ASN F 165 -10.27 -35.58 -7.05
N SER F 166 -10.05 -35.39 -5.75
CA SER F 166 -9.03 -36.12 -5.01
C SER F 166 -7.63 -36.07 -5.63
N GLY F 167 -7.33 -34.97 -6.31
CA GLY F 167 -6.02 -34.83 -6.94
C GLY F 167 -6.02 -35.18 -8.42
N SER F 168 -7.13 -35.75 -8.90
CA SER F 168 -7.25 -36.13 -10.30
C SER F 168 -7.07 -34.90 -11.20
N LEU F 169 -7.77 -33.82 -10.87
CA LEU F 169 -7.67 -32.57 -11.62
C LEU F 169 -6.50 -31.74 -11.09
N SER F 170 -5.43 -31.65 -11.87
CA SER F 170 -4.26 -30.90 -11.44
C SER F 170 -3.97 -29.69 -12.34
N SER F 171 -4.35 -29.79 -13.61
CA SER F 171 -4.12 -28.71 -14.56
C SER F 171 -5.25 -27.70 -14.54
N GLY F 172 -4.92 -26.45 -14.86
CA GLY F 172 -5.93 -25.40 -14.87
C GLY F 172 -6.45 -25.04 -13.50
N VAL F 173 -5.66 -25.31 -12.47
CA VAL F 173 -6.07 -25.02 -11.10
C VAL F 173 -5.31 -23.82 -10.52
N HIS F 174 -6.03 -23.00 -9.77
CA HIS F 174 -5.43 -21.84 -9.12
C HIS F 174 -5.96 -21.78 -7.69
N THR F 175 -5.08 -22.04 -6.73
CA THR F 175 -5.46 -21.98 -5.33
C THR F 175 -4.77 -20.73 -4.78
N PHE F 176 -5.57 -19.75 -4.43
CA PHE F 176 -5.07 -18.48 -3.95
C PHE F 176 -4.63 -18.46 -2.50
N PRO F 177 -3.60 -17.66 -2.19
CA PRO F 177 -3.09 -17.56 -0.82
C PRO F 177 -4.23 -17.07 0.07
N ALA F 178 -4.32 -17.62 1.28
CA ALA F 178 -5.36 -17.22 2.21
C ALA F 178 -5.12 -15.80 2.71
N VAL F 179 -6.21 -15.10 3.01
CA VAL F 179 -6.11 -13.74 3.54
C VAL F 179 -6.72 -13.77 4.94
N LEU F 180 -6.04 -13.13 5.87
CA LEU F 180 -6.50 -13.07 7.25
C LEU F 180 -7.45 -11.91 7.49
N GLN F 181 -8.67 -12.21 7.93
CA GLN F 181 -9.69 -11.20 8.18
C GLN F 181 -10.36 -11.43 9.53
N SER F 182 -9.95 -10.67 10.54
CA SER F 182 -10.52 -10.78 11.89
C SER F 182 -10.34 -12.18 12.48
N ASP F 183 -9.08 -12.59 12.61
CA ASP F 183 -8.74 -13.90 13.15
C ASP F 183 -9.24 -15.08 12.34
N LEU F 184 -9.67 -14.83 11.11
CA LEU F 184 -10.15 -15.92 10.25
C LEU F 184 -9.61 -15.81 8.84
N TYR F 185 -9.14 -16.94 8.32
CA TYR F 185 -8.60 -17.01 6.98
C TYR F 185 -9.67 -17.34 5.96
N THR F 186 -9.52 -16.82 4.76
CA THR F 186 -10.43 -17.08 3.67
C THR F 186 -9.60 -17.21 2.40
N LEU F 187 -9.87 -18.25 1.62
CA LEU F 187 -9.18 -18.43 0.36
C LEU F 187 -10.16 -19.05 -0.61
N SER F 188 -9.76 -19.12 -1.87
CA SER F 188 -10.62 -19.71 -2.86
C SER F 188 -9.73 -20.45 -3.83
N SER F 189 -10.34 -21.32 -4.62
CA SER F 189 -9.61 -22.09 -5.59
C SER F 189 -10.47 -22.19 -6.84
N SER F 190 -9.86 -21.96 -8.00
CA SER F 190 -10.61 -22.05 -9.23
C SER F 190 -10.00 -23.17 -10.07
N VAL F 191 -10.84 -23.79 -10.87
CA VAL F 191 -10.40 -24.85 -11.75
C VAL F 191 -11.08 -24.63 -13.08
N THR F 192 -10.33 -24.79 -14.16
CA THR F 192 -10.88 -24.60 -15.49
C THR F 192 -10.82 -25.92 -16.25
N VAL F 193 -11.97 -26.34 -16.75
CA VAL F 193 -12.05 -27.60 -17.49
C VAL F 193 -12.87 -27.44 -18.77
N PRO F 194 -12.71 -28.35 -19.72
CA PRO F 194 -13.47 -28.28 -20.97
C PRO F 194 -14.97 -28.31 -20.67
N SER F 195 -15.74 -27.46 -21.34
CA SER F 195 -17.18 -27.39 -21.12
C SER F 195 -17.83 -28.75 -21.40
N SER F 196 -17.13 -29.58 -22.16
CA SER F 196 -17.64 -30.91 -22.50
C SER F 196 -17.53 -31.90 -21.36
N THR F 197 -16.74 -31.55 -20.34
CA THR F 197 -16.56 -32.43 -19.20
C THR F 197 -17.32 -31.97 -17.95
N TRP F 198 -18.23 -31.01 -18.11
CA TRP F 198 -19.01 -30.52 -16.98
C TRP F 198 -20.27 -29.83 -17.47
N PRO F 199 -21.42 -30.10 -16.82
CA PRO F 199 -21.64 -31.02 -15.68
C PRO F 199 -21.49 -32.49 -16.03
N SER F 200 -21.08 -32.77 -17.27
CA SER F 200 -20.90 -34.14 -17.73
C SER F 200 -20.22 -34.97 -16.64
N GLU F 201 -18.92 -34.72 -16.42
CA GLU F 201 -18.15 -35.42 -15.39
C GLU F 201 -18.29 -34.61 -14.10
N THR F 202 -18.27 -35.30 -12.96
CA THR F 202 -18.38 -34.60 -11.68
C THR F 202 -17.08 -33.87 -11.35
N VAL F 203 -17.24 -32.70 -10.75
CA VAL F 203 -16.10 -31.90 -10.34
C VAL F 203 -16.30 -31.64 -8.87
N THR F 204 -15.38 -32.16 -8.06
CA THR F 204 -15.48 -32.00 -6.61
C THR F 204 -14.29 -31.29 -5.99
N CYS F 205 -14.61 -30.40 -5.06
CA CYS F 205 -13.63 -29.62 -4.34
C CYS F 205 -13.28 -30.33 -3.04
N ASN F 206 -12.00 -30.62 -2.81
CA ASN F 206 -11.59 -31.30 -1.59
C ASN F 206 -10.79 -30.37 -0.69
N VAL F 207 -11.28 -30.17 0.53
CA VAL F 207 -10.63 -29.29 1.48
C VAL F 207 -10.26 -30.02 2.77
N ALA F 208 -8.98 -30.03 3.10
CA ALA F 208 -8.52 -30.69 4.31
C ALA F 208 -7.91 -29.66 5.24
N HIS F 209 -8.33 -29.69 6.51
CA HIS F 209 -7.83 -28.77 7.51
C HIS F 209 -7.41 -29.55 8.74
N PRO F 210 -6.19 -30.11 8.72
CA PRO F 210 -5.65 -30.90 9.83
C PRO F 210 -5.79 -30.27 11.20
N ALA F 211 -5.59 -28.96 11.28
CA ALA F 211 -5.69 -28.24 12.55
C ALA F 211 -6.96 -28.58 13.31
N SER F 212 -8.07 -28.70 12.59
CA SER F 212 -9.33 -29.03 13.23
C SER F 212 -9.84 -30.41 12.83
N SER F 213 -8.94 -31.24 12.32
CA SER F 213 -9.30 -32.59 11.89
C SER F 213 -10.54 -32.55 11.00
N THR F 214 -10.54 -31.63 10.04
CA THR F 214 -11.66 -31.47 9.14
C THR F 214 -11.33 -31.90 7.71
N LYS F 215 -12.31 -32.49 7.05
CA LYS F 215 -12.17 -32.93 5.68
C LYS F 215 -13.53 -32.73 5.02
N VAL F 216 -13.61 -31.80 4.08
CA VAL F 216 -14.87 -31.53 3.41
C VAL F 216 -14.78 -31.65 1.90
N ASP F 217 -15.74 -32.35 1.32
CA ASP F 217 -15.82 -32.53 -0.13
C ASP F 217 -17.04 -31.75 -0.58
N LYS F 218 -16.87 -30.93 -1.62
CA LYS F 218 -18.00 -30.15 -2.12
C LYS F 218 -18.08 -30.31 -3.62
N LYS F 219 -19.13 -31.00 -4.06
CA LYS F 219 -19.37 -31.24 -5.49
C LYS F 219 -19.89 -29.93 -6.10
N ILE F 220 -19.39 -29.60 -7.29
CA ILE F 220 -19.83 -28.37 -7.96
C ILE F 220 -21.05 -28.69 -8.83
N VAL F 221 -22.20 -28.16 -8.43
CA VAL F 221 -23.45 -28.39 -9.15
C VAL F 221 -24.02 -27.11 -9.75
N PRO F 222 -24.52 -27.17 -10.98
CA PRO F 222 -25.11 -26.03 -11.71
C PRO F 222 -26.16 -25.27 -10.90
N ASP G 1 -9.94 -64.31 8.07
CA ASP G 1 -10.41 -65.72 7.91
C ASP G 1 -10.05 -66.25 6.54
N ILE G 2 -9.54 -65.40 5.66
CA ILE G 2 -9.17 -65.83 4.32
C ILE G 2 -7.73 -66.32 4.28
N VAL G 3 -7.56 -67.61 4.02
CA VAL G 3 -6.24 -68.22 3.98
C VAL G 3 -5.57 -68.14 2.61
N MET G 4 -4.34 -67.66 2.62
CA MET G 4 -3.57 -67.51 1.40
C MET G 4 -2.39 -68.46 1.50
N SER G 5 -2.06 -69.10 0.39
CA SER G 5 -0.92 -70.01 0.37
C SER G 5 -0.22 -69.84 -0.97
N GLN G 6 1.11 -69.75 -0.94
CA GLN G 6 1.88 -69.59 -2.18
C GLN G 6 2.75 -70.80 -2.43
N SER G 7 3.18 -70.95 -3.68
CA SER G 7 4.06 -72.05 -4.04
C SER G 7 4.82 -71.69 -5.31
N PRO G 8 6.06 -72.17 -5.43
CA PRO G 8 6.70 -72.99 -4.38
C PRO G 8 7.26 -72.07 -3.30
N SER G 9 7.83 -72.66 -2.26
CA SER G 9 8.44 -71.88 -1.19
C SER G 9 9.57 -71.08 -1.82
N SER G 10 10.29 -71.72 -2.73
CA SER G 10 11.40 -71.07 -3.41
C SER G 10 11.78 -71.83 -4.66
N LEU G 11 12.42 -71.11 -5.57
CA LEU G 11 12.91 -71.69 -6.80
C LEU G 11 14.06 -70.82 -7.28
N ALA G 12 14.94 -71.42 -8.07
CA ALA G 12 16.11 -70.73 -8.60
C ALA G 12 16.00 -70.72 -10.11
N VAL G 13 16.52 -69.67 -10.69
CA VAL G 13 16.46 -69.52 -12.13
C VAL G 13 17.65 -68.71 -12.59
N SER G 14 18.07 -68.93 -13.82
CA SER G 14 19.19 -68.20 -14.42
C SER G 14 18.66 -66.92 -15.05
N ALA G 15 19.50 -65.90 -15.12
CA ALA G 15 19.08 -64.64 -15.72
C ALA G 15 18.62 -64.87 -17.15
N GLY G 16 17.45 -64.33 -17.49
CA GLY G 16 16.94 -64.48 -18.84
C GLY G 16 15.85 -65.51 -18.98
N GLU G 17 15.75 -66.42 -18.01
CA GLU G 17 14.73 -67.46 -18.07
C GLU G 17 13.38 -66.96 -17.56
N ARG G 18 12.36 -67.80 -17.69
CA ARG G 18 11.02 -67.47 -17.26
C ARG G 18 10.75 -68.06 -15.88
N VAL G 19 10.13 -67.27 -15.02
CA VAL G 19 9.78 -67.71 -13.68
C VAL G 19 8.28 -67.55 -13.48
N THR G 20 7.66 -68.57 -12.89
CA THR G 20 6.22 -68.55 -12.64
C THR G 20 5.94 -69.01 -11.20
N MET G 21 5.06 -68.29 -10.50
CA MET G 21 4.73 -68.67 -9.12
C MET G 21 3.25 -68.52 -8.84
N THR G 22 2.76 -69.34 -7.92
CA THR G 22 1.35 -69.37 -7.60
C THR G 22 0.92 -68.96 -6.20
N CYS G 23 -0.30 -68.44 -6.13
CA CYS G 23 -0.92 -68.00 -4.88
C CYS G 23 -2.39 -68.44 -4.93
N LYS G 24 -2.86 -69.05 -3.86
CA LYS G 24 -4.24 -69.50 -3.78
C LYS G 24 -4.94 -69.00 -2.51
N SER G 25 -6.19 -68.61 -2.65
CA SER G 25 -6.98 -68.12 -1.52
C SER G 25 -8.07 -69.12 -1.13
N SER G 26 -8.44 -69.11 0.15
CA SER G 26 -9.47 -70.02 0.64
C SER G 26 -10.83 -69.73 0.02
N GLN G 27 -11.06 -68.49 -0.40
CA GLN G 27 -12.32 -68.11 -1.02
C GLN G 27 -12.09 -67.07 -2.10
N SER G 28 -13.09 -66.87 -2.95
CA SER G 28 -12.97 -65.90 -4.04
C SER G 28 -12.58 -64.53 -3.51
N LEU G 29 -11.83 -63.79 -4.32
CA LEU G 29 -11.38 -62.45 -3.96
C LEU G 29 -11.98 -61.43 -4.92
N PHE G 30 -12.98 -61.86 -5.67
CA PHE G 30 -13.65 -61.02 -6.64
C PHE G 30 -14.81 -60.27 -5.98
N ASN G 31 -14.87 -58.96 -6.19
CA ASN G 31 -15.92 -58.15 -5.62
C ASN G 31 -16.88 -57.78 -6.76
N SER G 32 -18.10 -58.34 -6.70
CA SER G 32 -19.09 -58.09 -7.74
C SER G 32 -19.49 -56.63 -7.88
N LYS G 33 -19.33 -55.85 -6.81
CA LYS G 33 -19.68 -54.43 -6.85
C LYS G 33 -18.63 -53.64 -7.61
N THR G 34 -17.37 -53.73 -7.18
CA THR G 34 -16.28 -53.01 -7.83
C THR G 34 -15.78 -53.72 -9.08
N ARG G 35 -16.09 -55.01 -9.18
CA ARG G 35 -15.69 -55.84 -10.32
C ARG G 35 -14.19 -56.05 -10.48
N ARG G 36 -13.50 -56.26 -9.36
CA ARG G 36 -12.07 -56.50 -9.40
C ARG G 36 -11.71 -57.62 -8.43
N ASN G 37 -10.61 -58.30 -8.71
CA ASN G 37 -10.15 -59.37 -7.84
C ASN G 37 -9.14 -58.70 -6.92
N TYR G 38 -9.39 -58.72 -5.63
CA TYR G 38 -8.50 -58.07 -4.67
C TYR G 38 -7.33 -58.93 -4.23
N LEU G 39 -6.39 -59.10 -5.15
CA LEU G 39 -5.19 -59.88 -4.91
C LEU G 39 -4.05 -59.01 -5.40
N ALA G 40 -3.03 -58.84 -4.57
CA ALA G 40 -1.90 -58.02 -4.96
C ALA G 40 -0.57 -58.73 -4.79
N TRP G 41 0.41 -58.29 -5.57
CA TRP G 41 1.74 -58.88 -5.48
C TRP G 41 2.74 -57.84 -5.00
N TYR G 42 3.53 -58.22 -4.00
CA TYR G 42 4.54 -57.32 -3.45
C TYR G 42 5.88 -58.00 -3.55
N GLN G 43 6.91 -57.18 -3.82
CA GLN G 43 8.26 -57.67 -3.96
C GLN G 43 9.13 -57.13 -2.83
N GLN G 44 9.85 -58.02 -2.15
CA GLN G 44 10.72 -57.57 -1.08
C GLN G 44 12.14 -58.05 -1.26
N LYS G 45 13.02 -57.13 -1.68
CA LYS G 45 14.42 -57.43 -1.86
C LYS G 45 15.06 -57.39 -0.48
N PRO G 46 16.21 -58.06 -0.30
CA PRO G 46 16.90 -58.12 0.99
C PRO G 46 17.13 -56.76 1.67
N GLY G 47 16.77 -56.69 2.95
CA GLY G 47 16.97 -55.46 3.70
C GLY G 47 16.14 -54.25 3.32
N GLN G 48 15.16 -54.45 2.44
CA GLN G 48 14.31 -53.36 2.02
C GLN G 48 12.87 -53.62 2.44
N SER G 49 12.05 -52.58 2.38
CA SER G 49 10.65 -52.72 2.71
C SER G 49 9.99 -53.26 1.45
N PRO G 50 8.85 -53.94 1.59
CA PRO G 50 8.14 -54.48 0.43
C PRO G 50 7.73 -53.36 -0.52
N LYS G 51 7.65 -53.67 -1.81
CA LYS G 51 7.24 -52.69 -2.80
C LYS G 51 6.06 -53.28 -3.56
N LEU G 52 5.01 -52.48 -3.77
CA LEU G 52 3.84 -52.96 -4.50
C LEU G 52 4.26 -53.24 -5.93
N LEU G 53 3.86 -54.39 -6.44
CA LEU G 53 4.19 -54.77 -7.81
C LEU G 53 2.96 -54.76 -8.71
N ILE G 54 2.00 -55.60 -8.35
CA ILE G 54 0.77 -55.74 -9.12
C ILE G 54 -0.44 -55.65 -8.18
N TYR G 55 -1.53 -55.07 -8.66
CA TYR G 55 -2.74 -54.99 -7.85
C TYR G 55 -3.94 -55.40 -8.72
N TRP G 56 -5.07 -55.61 -8.06
CA TRP G 56 -6.27 -56.03 -8.78
C TRP G 56 -5.95 -57.26 -9.60
N ALA G 57 -5.09 -58.12 -9.07
CA ALA G 57 -4.71 -59.36 -9.74
C ALA G 57 -3.81 -59.20 -10.97
N SER G 58 -4.11 -58.23 -11.83
CA SER G 58 -3.30 -58.06 -13.03
C SER G 58 -2.93 -56.65 -13.42
N THR G 59 -3.22 -55.67 -12.59
CA THR G 59 -2.83 -54.32 -12.96
C THR G 59 -1.45 -53.97 -12.41
N ARG G 60 -0.54 -53.72 -13.34
CA ARG G 60 0.83 -53.36 -13.02
C ARG G 60 0.89 -51.97 -12.40
N GLU G 61 1.62 -51.82 -11.30
CA GLU G 61 1.75 -50.54 -10.61
C GLU G 61 2.69 -49.68 -11.45
N SER G 62 2.58 -48.36 -11.32
CA SER G 62 3.42 -47.45 -12.08
C SER G 62 4.90 -47.68 -11.79
N GLY G 63 5.73 -47.52 -12.81
CA GLY G 63 7.16 -47.70 -12.65
C GLY G 63 7.63 -49.15 -12.54
N VAL G 64 6.70 -50.08 -12.73
CA VAL G 64 7.02 -51.50 -12.65
C VAL G 64 7.22 -52.10 -14.03
N PRO G 65 8.40 -52.71 -14.25
CA PRO G 65 8.79 -53.36 -15.51
C PRO G 65 7.71 -54.30 -16.03
N ASP G 66 7.38 -54.18 -17.31
CA ASP G 66 6.37 -55.02 -17.90
C ASP G 66 6.73 -56.51 -17.90
N ARG G 67 7.97 -56.85 -17.53
CA ARG G 67 8.35 -58.26 -17.51
C ARG G 67 7.60 -58.97 -16.38
N PHE G 68 7.04 -58.18 -15.47
CA PHE G 68 6.26 -58.72 -14.36
C PHE G 68 4.80 -58.79 -14.80
N THR G 69 4.21 -59.97 -14.71
CA THR G 69 2.82 -60.14 -15.13
C THR G 69 2.00 -60.89 -14.11
N GLY G 70 0.88 -60.30 -13.72
CA GLY G 70 -0.02 -60.93 -12.77
C GLY G 70 -1.24 -61.40 -13.52
N SER G 71 -1.76 -62.57 -13.16
CA SER G 71 -2.93 -63.10 -13.83
C SER G 71 -3.72 -63.97 -12.87
N GLY G 72 -4.92 -64.37 -13.31
CA GLY G 72 -5.76 -65.20 -12.49
C GLY G 72 -7.03 -64.50 -12.03
N SER G 73 -7.89 -65.25 -11.35
CA SER G 73 -9.14 -64.72 -10.83
C SER G 73 -9.78 -65.77 -9.93
N GLY G 74 -10.80 -65.37 -9.19
CA GLY G 74 -11.45 -66.34 -8.32
C GLY G 74 -10.58 -66.65 -7.12
N THR G 75 -9.95 -67.82 -7.14
CA THR G 75 -9.09 -68.22 -6.02
C THR G 75 -7.68 -68.66 -6.41
N GLU G 76 -7.39 -68.66 -7.71
CA GLU G 76 -6.07 -69.08 -8.19
C GLU G 76 -5.38 -67.96 -8.92
N PHE G 77 -4.22 -67.54 -8.40
CA PHE G 77 -3.48 -66.43 -9.01
C PHE G 77 -2.04 -66.80 -9.30
N THR G 78 -1.50 -66.14 -10.32
CA THR G 78 -0.13 -66.40 -10.73
C THR G 78 0.64 -65.13 -11.02
N LEU G 79 1.93 -65.17 -10.72
CA LEU G 79 2.81 -64.06 -11.01
C LEU G 79 3.84 -64.60 -11.99
N THR G 80 4.00 -63.92 -13.10
CA THR G 80 4.96 -64.37 -14.11
C THR G 80 6.07 -63.37 -14.32
N ILE G 81 7.32 -63.83 -14.27
CA ILE G 81 8.44 -62.93 -14.52
C ILE G 81 9.15 -63.45 -15.77
N SER G 82 9.00 -62.74 -16.88
CA SER G 82 9.66 -63.14 -18.12
C SER G 82 11.04 -62.49 -18.11
N SER G 83 12.06 -63.21 -18.55
CA SER G 83 13.42 -62.66 -18.58
C SER G 83 13.87 -62.13 -17.21
N VAL G 84 14.00 -63.03 -16.25
CA VAL G 84 14.45 -62.66 -14.92
C VAL G 84 15.78 -61.92 -15.03
N GLN G 85 16.08 -61.13 -14.02
CA GLN G 85 17.34 -60.39 -13.95
C GLN G 85 17.88 -60.62 -12.55
N ALA G 86 19.19 -60.64 -12.40
CA ALA G 86 19.79 -60.85 -11.09
C ALA G 86 19.14 -59.94 -10.04
N GLU G 87 18.77 -58.74 -10.46
CA GLU G 87 18.16 -57.78 -9.56
C GLU G 87 16.77 -58.18 -9.06
N ASP G 88 16.14 -59.15 -9.75
CA ASP G 88 14.82 -59.59 -9.34
C ASP G 88 14.88 -60.53 -8.13
N LEU G 89 16.08 -60.74 -7.60
CA LEU G 89 16.23 -61.60 -6.44
C LEU G 89 15.43 -60.98 -5.27
N ALA G 90 14.51 -61.75 -4.69
CA ALA G 90 13.69 -61.24 -3.60
C ALA G 90 12.62 -62.24 -3.19
N VAL G 91 11.81 -61.87 -2.19
CA VAL G 91 10.71 -62.72 -1.78
C VAL G 91 9.46 -62.02 -2.33
N TYR G 92 8.60 -62.80 -2.96
CA TYR G 92 7.37 -62.27 -3.52
C TYR G 92 6.19 -62.78 -2.73
N TYR G 93 5.38 -61.85 -2.24
CA TYR G 93 4.21 -62.21 -1.47
C TYR G 93 2.97 -61.75 -2.18
N CYS G 94 1.91 -62.53 -2.06
CA CYS G 94 0.64 -62.12 -2.60
C CYS G 94 -0.10 -61.68 -1.36
N LYS G 95 -1.10 -60.83 -1.54
CA LYS G 95 -1.88 -60.33 -0.43
C LYS G 95 -3.27 -60.06 -0.94
N GLN G 96 -4.26 -60.56 -0.22
CA GLN G 96 -5.66 -60.34 -0.60
C GLN G 96 -6.20 -59.15 0.18
N SER G 97 -7.04 -58.35 -0.46
CA SER G 97 -7.64 -57.22 0.21
C SER G 97 -9.14 -57.19 -0.08
N TYR G 98 -9.71 -58.36 -0.31
CA TYR G 98 -11.15 -58.46 -0.57
C TYR G 98 -11.89 -58.12 0.73
N ASN G 99 -11.41 -58.69 1.84
CA ASN G 99 -11.97 -58.42 3.15
C ASN G 99 -10.85 -58.51 4.19
N LEU G 100 -10.51 -57.36 4.77
CA LEU G 100 -9.38 -57.23 5.69
C LEU G 100 -8.19 -57.50 4.77
N ARG G 101 -7.07 -57.98 5.32
CA ARG G 101 -5.93 -58.26 4.45
C ARG G 101 -5.15 -59.46 4.95
N THR G 102 -4.69 -60.28 4.02
CA THR G 102 -3.90 -61.45 4.37
C THR G 102 -2.80 -61.65 3.34
N PHE G 103 -1.59 -61.88 3.85
CA PHE G 103 -0.44 -62.13 3.01
C PHE G 103 -0.27 -63.63 2.88
N GLY G 104 0.32 -64.06 1.77
CA GLY G 104 0.61 -65.48 1.59
C GLY G 104 1.96 -65.66 2.24
N GLY G 105 2.48 -66.88 2.27
CA GLY G 105 3.78 -67.13 2.88
C GLY G 105 4.99 -66.68 2.09
N GLY G 106 4.77 -66.25 0.85
CA GLY G 106 5.87 -65.78 0.03
C GLY G 106 6.66 -66.85 -0.71
N THR G 107 7.09 -66.52 -1.92
CA THR G 107 7.89 -67.41 -2.74
C THR G 107 9.26 -66.75 -2.89
N LYS G 108 10.30 -67.42 -2.38
CA LYS G 108 11.67 -66.90 -2.45
C LYS G 108 12.31 -67.18 -3.81
N LEU G 109 12.66 -66.12 -4.53
CA LEU G 109 13.26 -66.22 -5.87
C LEU G 109 14.76 -66.11 -5.79
N GLU G 110 15.46 -67.17 -6.18
CA GLU G 110 16.91 -67.18 -6.13
C GLU G 110 17.51 -67.14 -7.53
N ILE G 111 18.80 -66.83 -7.60
CA ILE G 111 19.46 -66.73 -8.89
C ILE G 111 20.51 -67.78 -9.06
N LYS G 112 20.46 -68.49 -10.18
CA LYS G 112 21.44 -69.54 -10.49
C LYS G 112 22.65 -68.90 -11.16
N ARG G 113 23.79 -69.56 -11.08
CA ARG G 113 25.00 -69.06 -11.70
C ARG G 113 26.04 -70.17 -11.73
N ALA G 114 27.16 -69.94 -12.42
CA ALA G 114 28.21 -70.95 -12.52
C ALA G 114 28.92 -71.17 -11.19
N ASP G 115 29.51 -72.34 -11.03
CA ASP G 115 30.22 -72.67 -9.80
C ASP G 115 31.34 -71.68 -9.52
N ALA G 116 31.68 -71.54 -8.26
CA ALA G 116 32.74 -70.64 -7.84
C ALA G 116 33.30 -71.18 -6.54
N ALA G 117 34.63 -71.27 -6.47
CA ALA G 117 35.30 -71.77 -5.27
C ALA G 117 35.35 -70.66 -4.25
N PRO G 118 35.36 -71.00 -2.96
CA PRO G 118 35.40 -69.97 -1.93
C PRO G 118 36.81 -69.40 -1.73
N THR G 119 36.89 -68.15 -1.30
CA THR G 119 38.16 -67.53 -1.02
C THR G 119 38.24 -67.60 0.51
N VAL G 120 39.19 -68.38 1.02
CA VAL G 120 39.31 -68.54 2.46
C VAL G 120 40.36 -67.67 3.11
N SER G 121 39.99 -67.09 4.25
CA SER G 121 40.86 -66.22 5.01
C SER G 121 40.69 -66.57 6.48
N ILE G 122 41.81 -66.74 7.19
CA ILE G 122 41.75 -67.06 8.60
C ILE G 122 42.35 -65.90 9.38
N PHE G 123 41.79 -65.61 10.56
CA PHE G 123 42.27 -64.52 11.38
C PHE G 123 42.46 -64.91 12.83
N PRO G 124 43.64 -64.59 13.40
CA PRO G 124 43.96 -64.89 14.79
C PRO G 124 43.19 -63.92 15.67
N PRO G 125 42.92 -64.29 16.93
CA PRO G 125 42.19 -63.41 17.83
C PRO G 125 42.88 -62.06 17.93
N SER G 126 42.11 -60.99 18.00
CA SER G 126 42.69 -59.65 18.09
C SER G 126 43.32 -59.48 19.47
N SER G 127 44.33 -58.61 19.54
CA SER G 127 45.01 -58.38 20.81
C SER G 127 44.07 -57.82 21.88
N GLU G 128 43.17 -56.92 21.49
CA GLU G 128 42.24 -56.36 22.46
C GLU G 128 41.25 -57.38 23.00
N GLN G 129 40.84 -58.34 22.17
CA GLN G 129 39.91 -59.34 22.68
C GLN G 129 40.68 -60.23 23.65
N LEU G 130 41.98 -60.39 23.40
CA LEU G 130 42.80 -61.22 24.27
C LEU G 130 42.98 -60.59 25.65
N THR G 131 43.32 -59.31 25.67
CA THR G 131 43.52 -58.63 26.94
C THR G 131 42.26 -58.68 27.80
N SER G 132 41.10 -58.81 27.16
CA SER G 132 39.84 -58.87 27.89
C SER G 132 39.52 -60.29 28.33
N GLY G 133 40.38 -61.24 27.98
CA GLY G 133 40.17 -62.62 28.38
C GLY G 133 39.45 -63.51 27.38
N GLY G 134 39.19 -62.98 26.18
CA GLY G 134 38.51 -63.76 25.16
C GLY G 134 39.39 -64.08 23.98
N ALA G 135 39.03 -65.13 23.24
CA ALA G 135 39.80 -65.54 22.07
C ALA G 135 38.93 -66.15 20.98
N SER G 136 38.58 -65.34 19.99
CA SER G 136 37.76 -65.79 18.87
C SER G 136 38.59 -65.89 17.59
N VAL G 137 38.62 -67.06 16.99
CA VAL G 137 39.36 -67.26 15.74
C VAL G 137 38.32 -67.22 14.62
N VAL G 138 38.49 -66.31 13.68
CA VAL G 138 37.53 -66.17 12.60
C VAL G 138 38.05 -66.65 11.26
N CYS G 139 37.17 -67.27 10.49
CA CYS G 139 37.51 -67.77 9.19
C CYS G 139 36.43 -67.43 8.18
N PHE G 140 36.80 -66.75 7.10
CA PHE G 140 35.84 -66.36 6.08
C PHE G 140 35.98 -67.22 4.83
N LEU G 141 34.83 -67.68 4.32
CA LEU G 141 34.78 -68.47 3.09
C LEU G 141 33.92 -67.57 2.21
N ASN G 142 34.55 -66.77 1.37
CA ASN G 142 33.82 -65.82 0.53
C ASN G 142 33.60 -66.10 -0.94
N ASN G 143 32.48 -65.57 -1.43
CA ASN G 143 32.08 -65.67 -2.83
C ASN G 143 32.17 -67.04 -3.48
N PHE G 144 31.42 -68.00 -2.96
CA PHE G 144 31.42 -69.33 -3.53
C PHE G 144 30.01 -69.65 -3.99
N TYR G 145 29.87 -70.71 -4.79
CA TYR G 145 28.57 -71.13 -5.28
C TYR G 145 28.71 -72.54 -5.83
N PRO G 146 27.72 -73.42 -5.55
CA PRO G 146 26.49 -73.23 -4.79
C PRO G 146 26.68 -73.03 -3.28
N LYS G 147 25.56 -72.83 -2.58
CA LYS G 147 25.55 -72.56 -1.13
C LYS G 147 26.12 -73.62 -0.19
N ASP G 148 25.96 -74.89 -0.54
CA ASP G 148 26.45 -75.97 0.32
C ASP G 148 27.96 -75.92 0.47
N ILE G 149 28.43 -75.96 1.71
CA ILE G 149 29.85 -75.91 1.97
C ILE G 149 30.10 -76.43 3.38
N ASN G 150 31.31 -76.92 3.64
CA ASN G 150 31.64 -77.45 4.95
C ASN G 150 32.94 -76.90 5.45
N VAL G 151 32.99 -76.65 6.76
CA VAL G 151 34.19 -76.13 7.38
C VAL G 151 34.59 -77.03 8.53
N LYS G 152 35.88 -77.27 8.65
CA LYS G 152 36.41 -78.11 9.71
C LYS G 152 37.54 -77.32 10.38
N TRP G 153 37.51 -77.26 11.71
CA TRP G 153 38.54 -76.55 12.45
C TRP G 153 39.53 -77.55 13.02
N LYS G 154 40.82 -77.27 12.87
CA LYS G 154 41.84 -78.15 13.40
C LYS G 154 42.84 -77.39 14.26
N ILE G 155 42.95 -77.80 15.53
CA ILE G 155 43.88 -77.19 16.47
C ILE G 155 45.03 -78.17 16.70
N ASP G 156 46.21 -77.82 16.21
CA ASP G 156 47.39 -78.66 16.33
C ASP G 156 47.14 -80.02 15.66
N GLY G 157 46.44 -79.97 14.52
CA GLY G 157 46.15 -81.19 13.78
C GLY G 157 44.94 -82.00 14.22
N SER G 158 44.29 -81.57 15.31
CA SER G 158 43.11 -82.28 15.80
C SER G 158 41.81 -81.53 15.54
N GLU G 159 40.82 -82.24 15.01
CA GLU G 159 39.53 -81.63 14.69
C GLU G 159 38.82 -81.12 15.94
N ARG G 160 38.38 -79.87 15.87
CA ARG G 160 37.66 -79.22 16.95
C ARG G 160 36.20 -79.09 16.52
N GLN G 161 35.28 -79.57 17.35
CA GLN G 161 33.86 -79.50 17.01
C GLN G 161 33.00 -78.86 18.09
N ASN G 162 33.62 -78.08 18.97
CA ASN G 162 32.88 -77.42 20.04
C ASN G 162 33.19 -75.92 20.08
N GLY G 163 32.16 -75.11 20.19
CA GLY G 163 32.35 -73.66 20.23
C GLY G 163 32.48 -73.03 18.86
N VAL G 164 31.97 -73.72 17.84
CA VAL G 164 32.01 -73.22 16.48
C VAL G 164 30.65 -72.72 16.04
N LEU G 165 30.58 -71.49 15.56
CA LEU G 165 29.33 -70.91 15.08
C LEU G 165 29.49 -70.37 13.67
N ASN G 166 28.66 -70.88 12.77
CA ASN G 166 28.71 -70.46 11.37
C ASN G 166 27.52 -69.59 11.00
N SER G 167 27.72 -68.71 10.02
CA SER G 167 26.69 -67.81 9.56
C SER G 167 26.82 -67.66 8.04
N TRP G 168 25.70 -67.81 7.34
CA TRP G 168 25.66 -67.71 5.88
C TRP G 168 25.01 -66.40 5.44
N THR G 169 25.60 -65.72 4.46
CA THR G 169 25.00 -64.49 3.96
C THR G 169 24.00 -64.93 2.89
N ASP G 170 23.16 -63.99 2.44
CA ASP G 170 22.21 -64.27 1.38
C ASP G 170 23.02 -64.11 0.11
N GLN G 171 22.41 -64.33 -1.04
CA GLN G 171 23.15 -64.19 -2.30
C GLN G 171 23.61 -62.74 -2.46
N ASP G 172 24.88 -62.60 -2.81
CA ASP G 172 25.46 -61.27 -3.01
C ASP G 172 24.68 -60.54 -4.12
N SER G 173 24.34 -59.28 -3.86
CA SER G 173 23.58 -58.48 -4.82
C SER G 173 24.36 -58.21 -6.11
N LYS G 174 25.67 -58.41 -6.06
CA LYS G 174 26.52 -58.16 -7.22
C LYS G 174 26.79 -59.40 -8.10
N ASP G 175 27.35 -60.45 -7.51
CA ASP G 175 27.67 -61.66 -8.27
C ASP G 175 26.87 -62.93 -7.94
N SER G 176 25.83 -62.78 -7.11
CA SER G 176 24.98 -63.90 -6.72
C SER G 176 25.67 -65.07 -6.01
N THR G 177 26.85 -64.84 -5.45
CA THR G 177 27.54 -65.91 -4.75
C THR G 177 27.13 -65.87 -3.28
N TYR G 178 27.62 -66.84 -2.52
CA TYR G 178 27.33 -66.91 -1.09
C TYR G 178 28.65 -66.76 -0.36
N SER G 179 28.56 -66.42 0.92
CA SER G 179 29.74 -66.28 1.76
C SER G 179 29.37 -66.84 3.13
N MET G 180 30.36 -67.35 3.84
CA MET G 180 30.08 -67.92 5.14
C MET G 180 31.15 -67.56 6.14
N SER G 181 30.72 -67.30 7.36
CA SER G 181 31.62 -66.96 8.43
C SER G 181 31.68 -68.14 9.40
N SER G 182 32.88 -68.44 9.89
CA SER G 182 33.03 -69.51 10.86
C SER G 182 33.87 -68.95 11.99
N THR G 183 33.29 -68.92 13.18
CA THR G 183 33.96 -68.37 14.35
C THR G 183 34.18 -69.38 15.46
N LEU G 184 35.45 -69.63 15.79
CA LEU G 184 35.81 -70.54 16.86
C LEU G 184 36.07 -69.68 18.09
N THR G 185 35.22 -69.84 19.11
CA THR G 185 35.37 -69.05 20.32
C THR G 185 36.02 -69.86 21.45
N LEU G 186 37.14 -69.36 21.93
CA LEU G 186 37.91 -69.98 23.01
C LEU G 186 38.24 -68.96 24.09
N THR G 187 38.76 -69.44 25.21
CA THR G 187 39.16 -68.58 26.31
C THR G 187 40.62 -68.23 26.05
N LYS G 188 41.10 -67.11 26.58
CA LYS G 188 42.49 -66.73 26.37
C LYS G 188 43.42 -67.87 26.75
N ASP G 189 43.15 -68.50 27.89
CA ASP G 189 43.99 -69.62 28.35
C ASP G 189 43.93 -70.79 27.38
N GLU G 190 42.71 -71.20 27.03
CA GLU G 190 42.50 -72.31 26.11
C GLU G 190 43.21 -72.05 24.78
N TYR G 191 43.07 -70.84 24.27
CA TYR G 191 43.69 -70.45 23.00
C TYR G 191 45.21 -70.58 23.05
N GLU G 192 45.79 -70.37 24.22
CA GLU G 192 47.24 -70.42 24.36
C GLU G 192 47.82 -71.80 24.66
N ARG G 193 46.97 -72.75 25.04
CA ARG G 193 47.43 -74.11 25.32
C ARG G 193 47.74 -74.87 24.03
N HIS G 194 47.60 -74.18 22.90
CA HIS G 194 47.86 -74.78 21.59
C HIS G 194 48.53 -73.76 20.68
N ASN G 195 49.09 -74.20 19.55
CA ASN G 195 49.77 -73.29 18.65
C ASN G 195 49.28 -73.31 17.18
N SER G 196 48.89 -74.48 16.69
CA SER G 196 48.43 -74.61 15.31
C SER G 196 46.92 -74.45 15.15
N TYR G 197 46.50 -73.44 14.40
CA TYR G 197 45.08 -73.18 14.14
C TYR G 197 44.79 -73.23 12.66
N THR G 198 43.97 -74.20 12.26
CA THR G 198 43.64 -74.40 10.86
C THR G 198 42.15 -74.40 10.51
N CYS G 199 41.84 -73.76 9.39
CA CYS G 199 40.48 -73.68 8.87
C CYS G 199 40.44 -74.44 7.54
N GLU G 200 39.56 -75.43 7.42
CA GLU G 200 39.47 -76.22 6.19
C GLU G 200 38.10 -76.13 5.56
N ALA G 201 38.06 -75.68 4.31
CA ALA G 201 36.81 -75.55 3.59
C ALA G 201 36.68 -76.61 2.50
N THR G 202 35.53 -77.28 2.47
CA THR G 202 35.27 -78.30 1.47
C THR G 202 34.04 -77.88 0.66
N HIS G 203 34.24 -77.71 -0.64
CA HIS G 203 33.16 -77.29 -1.52
C HIS G 203 33.18 -78.15 -2.78
N LYS G 204 32.03 -78.35 -3.41
CA LYS G 204 31.93 -79.18 -4.60
C LYS G 204 32.86 -78.76 -5.74
N THR G 205 33.40 -77.56 -5.66
CA THR G 205 34.29 -77.08 -6.70
C THR G 205 35.67 -77.72 -6.66
N SER G 206 35.89 -78.64 -5.73
CA SER G 206 37.18 -79.31 -5.64
C SER G 206 37.18 -80.48 -4.67
N THR G 207 37.91 -81.53 -5.02
CA THR G 207 38.01 -82.71 -4.16
C THR G 207 39.03 -82.38 -3.07
N SER G 208 39.89 -81.40 -3.35
CA SER G 208 40.91 -80.97 -2.40
C SER G 208 40.38 -79.86 -1.51
N PRO G 209 40.39 -80.06 -0.19
CA PRO G 209 39.91 -79.01 0.72
C PRO G 209 40.82 -77.79 0.64
N ILE G 210 40.27 -76.61 0.85
CA ILE G 210 41.07 -75.39 0.83
C ILE G 210 41.48 -75.13 2.27
N VAL G 211 42.79 -75.13 2.52
CA VAL G 211 43.30 -74.95 3.87
C VAL G 211 44.00 -73.62 4.13
N LYS G 212 43.73 -73.05 5.31
CA LYS G 212 44.33 -71.81 5.74
C LYS G 212 44.61 -71.94 7.23
N SER G 213 45.76 -71.43 7.67
CA SER G 213 46.11 -71.53 9.09
C SER G 213 47.20 -70.57 9.52
N PHE G 214 47.48 -70.56 10.81
CA PHE G 214 48.49 -69.71 11.40
C PHE G 214 48.94 -70.32 12.73
N ASN G 215 49.91 -69.66 13.37
CA ASN G 215 50.42 -70.11 14.67
C ASN G 215 50.41 -68.92 15.62
N ARG G 216 50.09 -69.17 16.89
CA ARG G 216 50.06 -68.10 17.89
C ARG G 216 51.26 -67.18 17.81
N ASN G 217 52.45 -67.76 17.80
CA ASN G 217 53.69 -66.99 17.71
C ASN G 217 53.99 -66.55 16.27
N GLU H 1 6.72 -36.30 -2.60
CA GLU H 1 7.47 -37.44 -1.97
C GLU H 1 6.77 -37.84 -0.69
N VAL H 2 6.11 -38.99 -0.70
CA VAL H 2 5.42 -39.44 0.51
C VAL H 2 6.43 -40.09 1.46
N ASN H 3 6.37 -39.71 2.73
CA ASN H 3 7.26 -40.26 3.73
C ASN H 3 6.52 -40.87 4.92
N LEU H 4 7.02 -42.03 5.36
CA LEU H 4 6.47 -42.72 6.53
C LEU H 4 7.68 -43.08 7.37
N VAL H 5 7.71 -42.65 8.63
CA VAL H 5 8.83 -43.01 9.49
C VAL H 5 8.36 -43.49 10.84
N GLU H 6 8.57 -44.79 11.09
CA GLU H 6 8.17 -45.43 12.33
C GLU H 6 9.24 -45.23 13.41
N SER H 7 8.80 -45.12 14.65
CA SER H 7 9.74 -44.97 15.76
C SER H 7 9.11 -45.64 16.98
N GLY H 8 9.84 -45.69 18.07
CA GLY H 8 9.33 -46.30 19.28
C GLY H 8 9.67 -47.77 19.40
N GLY H 9 10.39 -48.30 18.42
CA GLY H 9 10.76 -49.70 18.46
C GLY H 9 11.89 -49.90 19.45
N GLY H 10 11.81 -50.96 20.23
CA GLY H 10 12.87 -51.22 21.18
C GLY H 10 12.76 -52.57 21.87
N LEU H 11 13.52 -52.72 22.95
CA LEU H 11 13.54 -53.94 23.72
C LEU H 11 12.55 -53.85 24.87
N VAL H 12 11.72 -54.88 25.00
CA VAL H 12 10.72 -54.95 26.04
C VAL H 12 10.62 -56.38 26.57
N GLN H 13 10.40 -56.51 27.87
CA GLN H 13 10.28 -57.81 28.51
C GLN H 13 8.93 -58.42 28.19
N PRO H 14 8.85 -59.76 28.19
CA PRO H 14 7.58 -60.44 27.90
C PRO H 14 6.53 -59.87 28.87
N GLY H 15 5.35 -59.53 28.37
CA GLY H 15 4.32 -58.97 29.23
C GLY H 15 4.37 -57.45 29.26
N GLY H 16 5.43 -56.88 28.69
CA GLY H 16 5.57 -55.44 28.68
C GLY H 16 4.68 -54.73 27.68
N SER H 17 4.89 -53.43 27.56
CA SER H 17 4.12 -52.60 26.64
C SER H 17 5.05 -51.75 25.81
N LEU H 18 4.55 -51.34 24.65
CA LEU H 18 5.32 -50.52 23.75
C LEU H 18 4.37 -49.67 22.93
N ARG H 19 4.80 -48.48 22.55
CA ARG H 19 3.97 -47.61 21.73
C ARG H 19 4.73 -47.18 20.50
N LEU H 20 4.29 -47.62 19.33
CA LEU H 20 4.95 -47.24 18.10
C LEU H 20 4.22 -46.06 17.48
N SER H 21 4.96 -45.17 16.83
CA SER H 21 4.31 -44.04 16.17
C SER H 21 4.80 -43.99 14.73
N CYS H 22 4.06 -43.32 13.87
CA CYS H 22 4.44 -43.24 12.48
C CYS H 22 4.17 -41.83 12.01
N ALA H 23 5.23 -41.04 11.91
CA ALA H 23 5.12 -39.66 11.45
C ALA H 23 5.11 -39.67 9.94
N THR H 24 4.24 -38.89 9.34
CA THR H 24 4.15 -38.87 7.90
C THR H 24 4.25 -37.47 7.31
N SER H 25 4.40 -37.42 5.99
CA SER H 25 4.47 -36.16 5.26
C SER H 25 4.34 -36.45 3.77
N GLY H 26 4.03 -35.41 3.00
CA GLY H 26 3.94 -35.58 1.56
C GLY H 26 2.61 -36.03 1.00
N PHE H 27 1.60 -36.14 1.85
CA PHE H 27 0.27 -36.51 1.39
C PHE H 27 -0.73 -36.13 2.48
N THR H 28 -2.01 -36.05 2.10
CA THR H 28 -3.08 -35.68 3.05
C THR H 28 -3.52 -36.89 3.87
N PHE H 29 -2.89 -37.03 5.04
CA PHE H 29 -3.13 -38.12 5.97
C PHE H 29 -4.59 -38.35 6.30
N ILE H 30 -5.34 -37.27 6.46
CA ILE H 30 -6.74 -37.41 6.86
C ILE H 30 -7.62 -38.16 5.89
N ASP H 31 -7.21 -38.23 4.62
CA ASP H 31 -7.99 -38.93 3.59
C ASP H 31 -7.82 -40.44 3.59
N ASN H 32 -6.71 -40.90 4.12
CA ASN H 32 -6.36 -42.32 4.09
C ASN H 32 -6.64 -43.26 5.23
N TYR H 33 -6.76 -44.54 4.86
CA TYR H 33 -6.90 -45.65 5.78
C TYR H 33 -5.41 -45.91 6.01
N MET H 34 -5.00 -46.37 7.19
CA MET H 34 -3.59 -46.67 7.46
C MET H 34 -3.52 -48.07 8.08
N SER H 35 -2.48 -48.82 7.76
CA SER H 35 -2.30 -50.16 8.31
C SER H 35 -0.91 -50.31 8.92
N TRP H 36 -0.78 -51.33 9.75
CA TRP H 36 0.49 -51.67 10.34
C TRP H 36 0.67 -53.08 9.81
N VAL H 37 1.90 -53.43 9.45
CA VAL H 37 2.25 -54.76 8.94
C VAL H 37 3.53 -55.11 9.70
N ARG H 38 3.72 -56.38 10.03
CA ARG H 38 4.92 -56.76 10.74
C ARG H 38 5.57 -57.97 10.11
N GLN H 39 6.83 -58.20 10.46
CA GLN H 39 7.56 -59.30 9.89
C GLN H 39 8.62 -59.80 10.86
N PRO H 40 8.39 -60.96 11.47
CA PRO H 40 9.42 -61.45 12.39
C PRO H 40 10.64 -61.73 11.52
N PRO H 41 11.84 -61.75 12.12
CA PRO H 41 13.06 -62.00 11.34
C PRO H 41 12.96 -63.31 10.54
N GLY H 42 13.29 -63.27 9.26
CA GLY H 42 13.24 -64.46 8.43
C GLY H 42 11.85 -65.05 8.19
N LYS H 43 10.81 -64.40 8.69
CA LYS H 43 9.46 -64.91 8.47
C LYS H 43 8.72 -64.05 7.47
N ALA H 44 7.44 -64.35 7.27
CA ALA H 44 6.60 -63.66 6.31
C ALA H 44 5.94 -62.40 6.84
N LEU H 45 5.46 -61.58 5.91
CA LEU H 45 4.75 -60.37 6.24
C LEU H 45 3.42 -60.79 6.84
N GLU H 46 3.00 -60.10 7.89
CA GLU H 46 1.73 -60.37 8.53
C GLU H 46 1.01 -59.05 8.78
N TRP H 47 -0.22 -58.94 8.27
CA TRP H 47 -1.02 -57.73 8.43
C TRP H 47 -1.51 -57.65 9.88
N LEU H 48 -1.29 -56.52 10.55
CA LEU H 48 -1.72 -56.35 11.93
C LEU H 48 -3.10 -55.75 12.12
N GLY H 49 -3.45 -54.78 11.27
CA GLY H 49 -4.75 -54.15 11.36
C GLY H 49 -4.68 -52.79 10.71
N PHE H 50 -5.83 -52.14 10.56
CA PHE H 50 -5.87 -50.79 9.98
C PHE H 50 -6.86 -49.93 10.71
N ILE H 51 -6.83 -48.64 10.41
CA ILE H 51 -7.77 -47.73 11.00
C ILE H 51 -8.34 -46.93 9.85
N ARG H 52 -9.65 -46.80 9.85
CA ARG H 52 -10.35 -46.10 8.80
C ARG H 52 -10.22 -44.59 8.95
N ASN H 53 -10.47 -43.86 7.87
CA ASN H 53 -10.40 -42.40 7.92
C ASN H 53 -11.65 -41.87 8.60
N LYS H 54 -11.70 -40.55 8.79
CA LYS H 54 -12.81 -39.90 9.47
C LYS H 54 -14.16 -40.15 8.84
N VAL H 55 -14.23 -40.01 7.53
CA VAL H 55 -15.49 -40.21 6.82
C VAL H 55 -16.04 -41.60 7.10
N ASN H 56 -15.15 -42.55 7.35
CA ASN H 56 -15.58 -43.90 7.63
C ASN H 56 -15.63 -44.26 9.12
N GLY H 57 -15.77 -43.24 9.95
CA GLY H 57 -15.92 -43.46 11.39
C GLY H 57 -14.75 -43.73 12.31
N TYR H 58 -13.52 -43.62 11.81
CA TYR H 58 -12.34 -43.84 12.63
C TYR H 58 -12.33 -45.24 13.25
N THR H 59 -13.05 -46.15 12.62
CA THR H 59 -13.14 -47.54 13.09
C THR H 59 -11.88 -48.35 12.76
N THR H 60 -11.67 -49.45 13.49
CA THR H 60 -10.50 -50.29 13.26
C THR H 60 -10.82 -51.75 12.98
N GLU H 61 -9.86 -52.41 12.33
CA GLU H 61 -9.95 -53.83 12.00
C GLU H 61 -8.59 -54.40 12.38
N TYR H 62 -8.57 -55.63 12.89
CA TYR H 62 -7.32 -56.25 13.30
C TYR H 62 -7.16 -57.67 12.80
N GLY H 63 -5.90 -58.10 12.73
CA GLY H 63 -5.59 -59.46 12.33
C GLY H 63 -6.00 -60.32 13.53
N PRO H 64 -6.12 -61.63 13.36
CA PRO H 64 -6.52 -62.57 14.42
C PRO H 64 -5.83 -62.56 15.80
N SER H 65 -4.52 -62.72 15.82
CA SER H 65 -3.75 -62.82 17.08
C SER H 65 -3.37 -61.57 17.88
N VAL H 66 -3.95 -60.41 17.56
CA VAL H 66 -3.58 -59.21 18.30
C VAL H 66 -4.72 -58.41 18.93
N LYS H 67 -5.97 -58.69 18.55
CA LYS H 67 -7.10 -57.94 19.12
C LYS H 67 -7.00 -57.86 20.62
N GLY H 68 -7.44 -56.73 21.17
CA GLY H 68 -7.41 -56.53 22.61
C GLY H 68 -6.04 -56.14 23.13
N ARG H 69 -4.99 -56.76 22.60
CA ARG H 69 -3.64 -56.45 23.03
C ARG H 69 -3.07 -55.25 22.30
N PHE H 70 -3.33 -55.20 21.00
CA PHE H 70 -2.83 -54.11 20.16
C PHE H 70 -3.95 -53.12 19.87
N THR H 71 -3.60 -51.84 19.81
CA THR H 71 -4.58 -50.79 19.53
C THR H 71 -4.03 -49.76 18.54
N ILE H 72 -4.76 -49.57 17.44
CA ILE H 72 -4.33 -48.61 16.42
C ILE H 72 -5.08 -47.32 16.59
N SER H 73 -4.38 -46.20 16.52
CA SER H 73 -5.04 -44.90 16.63
C SER H 73 -4.31 -43.91 15.73
N ARG H 74 -4.95 -42.77 15.49
CA ARG H 74 -4.36 -41.77 14.64
C ARG H 74 -4.65 -40.39 15.19
N ASP H 75 -3.76 -39.45 14.88
CA ASP H 75 -3.89 -38.07 15.29
C ASP H 75 -3.91 -37.31 13.97
N ASP H 76 -5.10 -37.03 13.46
CA ASP H 76 -5.18 -36.35 12.18
C ASP H 76 -4.59 -34.94 12.18
N SER H 77 -4.56 -34.27 13.32
CA SER H 77 -4.01 -32.92 13.35
C SER H 77 -2.50 -32.94 13.20
N GLN H 78 -1.88 -34.05 13.57
CA GLN H 78 -0.43 -34.16 13.51
C GLN H 78 0.04 -35.08 12.37
N SER H 79 -0.90 -35.81 11.77
CA SER H 79 -0.59 -36.72 10.68
C SER H 79 0.27 -37.89 11.16
N ILE H 80 0.00 -38.38 12.36
CA ILE H 80 0.75 -39.48 12.94
C ILE H 80 -0.13 -40.70 13.23
N LEU H 81 0.39 -41.89 12.95
CA LEU H 81 -0.34 -43.14 13.20
C LEU H 81 0.33 -43.86 14.38
N TYR H 82 -0.49 -44.39 15.28
CA TYR H 82 0.02 -45.08 16.46
C TYR H 82 -0.34 -46.55 16.55
N LEU H 83 0.49 -47.30 17.24
CA LEU H 83 0.23 -48.69 17.49
C LEU H 83 0.63 -48.89 18.93
N GLN H 84 -0.36 -49.03 19.79
CA GLN H 84 -0.14 -49.24 21.22
C GLN H 84 -0.24 -50.75 21.43
N MET H 85 0.81 -51.32 22.00
CA MET H 85 0.83 -52.75 22.23
C MET H 85 0.98 -53.05 23.71
N ASN H 86 0.18 -53.98 24.23
CA ASN H 86 0.33 -54.38 25.62
C ASN H 86 0.43 -55.89 25.71
N THR H 87 0.86 -56.40 26.86
CA THR H 87 0.96 -57.85 27.04
C THR H 87 1.75 -58.50 25.89
N LEU H 88 2.90 -57.92 25.57
CA LEU H 88 3.73 -58.44 24.49
C LEU H 88 4.23 -59.87 24.72
N ARG H 89 4.27 -60.63 23.65
CA ARG H 89 4.74 -62.00 23.69
C ARG H 89 5.97 -62.07 22.82
N THR H 90 6.85 -63.01 23.14
CA THR H 90 8.08 -63.19 22.40
C THR H 90 7.85 -63.26 20.88
N GLU H 91 6.73 -63.87 20.46
CA GLU H 91 6.41 -63.98 19.04
C GLU H 91 6.06 -62.63 18.42
N ASP H 92 5.94 -61.59 19.26
CA ASP H 92 5.63 -60.27 18.74
C ASP H 92 6.91 -59.59 18.26
N SER H 93 8.06 -60.21 18.54
CA SER H 93 9.33 -59.63 18.10
C SER H 93 9.29 -59.58 16.59
N ALA H 94 9.51 -58.40 16.03
CA ALA H 94 9.48 -58.25 14.59
C ALA H 94 9.74 -56.83 14.19
N THR H 95 9.84 -56.63 12.89
CA THR H 95 10.03 -55.30 12.34
C THR H 95 8.59 -54.88 12.05
N TYR H 96 8.23 -53.68 12.51
CA TYR H 96 6.89 -53.15 12.32
C TYR H 96 6.87 -52.04 11.26
N TYR H 97 6.01 -52.22 10.26
CA TYR H 97 5.87 -51.30 9.16
C TYR H 97 4.56 -50.52 9.18
N CYS H 98 4.71 -49.24 8.89
CA CYS H 98 3.60 -48.31 8.79
C CYS H 98 3.35 -48.27 7.29
N VAL H 99 2.09 -48.32 6.86
CA VAL H 99 1.83 -48.27 5.43
C VAL H 99 0.54 -47.53 5.11
N ARG H 100 0.52 -46.86 3.96
CA ARG H 100 -0.66 -46.17 3.51
C ARG H 100 -1.53 -47.23 2.84
N ASP H 101 -2.78 -47.33 3.29
CA ASP H 101 -3.72 -48.29 2.77
C ASP H 101 -4.64 -47.55 1.79
N ASN H 102 -4.16 -47.41 0.56
CA ASN H 102 -4.85 -46.69 -0.52
C ASN H 102 -6.19 -47.26 -0.92
N GLY H 103 -7.26 -46.55 -0.57
CA GLY H 103 -8.59 -47.01 -0.91
C GLY H 103 -9.19 -46.37 -2.15
N SER H 104 -8.52 -45.36 -2.70
CA SER H 104 -9.02 -44.69 -3.88
C SER H 104 -9.44 -45.64 -5.01
N ASP H 105 -10.57 -45.35 -5.66
CA ASP H 105 -11.07 -46.16 -6.76
C ASP H 105 -11.20 -47.63 -6.33
N TYR H 106 -11.30 -47.83 -5.02
CA TYR H 106 -11.41 -49.18 -4.46
C TYR H 106 -10.14 -49.98 -4.78
N ARG H 107 -8.99 -49.31 -4.83
CA ARG H 107 -7.74 -50.02 -5.11
C ARG H 107 -7.47 -51.03 -4.02
N TRP H 108 -7.34 -50.50 -2.80
CA TRP H 108 -7.07 -51.30 -1.60
C TRP H 108 -5.76 -52.09 -1.63
N TYR H 109 -4.66 -51.35 -1.66
CA TYR H 109 -3.33 -51.94 -1.66
C TYR H 109 -2.37 -51.04 -0.88
N PHE H 110 -1.18 -51.56 -0.57
CA PHE H 110 -0.20 -50.81 0.20
C PHE H 110 0.85 -50.14 -0.68
N ASP H 111 0.56 -48.94 -1.20
CA ASP H 111 1.51 -48.28 -2.09
C ASP H 111 2.73 -47.62 -1.45
N VAL H 112 2.66 -47.21 -0.19
CA VAL H 112 3.85 -46.63 0.42
C VAL H 112 4.16 -47.27 1.78
N TRP H 113 5.41 -47.65 1.97
CA TRP H 113 5.83 -48.31 3.19
C TRP H 113 6.91 -47.52 3.90
N GLY H 114 6.92 -47.59 5.23
CA GLY H 114 7.95 -46.91 5.98
C GLY H 114 9.12 -47.88 6.01
N ALA H 115 10.26 -47.46 6.55
CA ALA H 115 11.42 -48.36 6.60
C ALA H 115 11.22 -49.42 7.70
N GLY H 116 10.36 -49.11 8.67
CA GLY H 116 10.09 -50.03 9.75
C GLY H 116 10.86 -49.78 11.04
N THR H 117 10.32 -50.26 12.15
CA THR H 117 10.97 -50.12 13.44
C THR H 117 11.06 -51.52 14.03
N THR H 118 12.18 -51.83 14.68
CA THR H 118 12.38 -53.15 15.24
C THR H 118 11.94 -53.30 16.69
N VAL H 119 11.06 -54.27 16.92
CA VAL H 119 10.57 -54.54 18.26
C VAL H 119 11.10 -55.88 18.73
N THR H 120 11.70 -55.89 19.92
CA THR H 120 12.26 -57.11 20.48
C THR H 120 11.69 -57.39 21.86
N VAL H 121 10.87 -58.42 22.00
CA VAL H 121 10.35 -58.75 23.31
C VAL H 121 11.09 -59.97 23.82
N SER H 122 11.96 -59.73 24.79
CA SER H 122 12.79 -60.78 25.38
C SER H 122 13.22 -60.40 26.80
N SER H 123 13.67 -61.40 27.56
CA SER H 123 14.10 -61.14 28.92
C SER H 123 15.54 -60.67 29.02
N ALA H 124 16.32 -60.88 27.95
CA ALA H 124 17.71 -60.46 27.94
C ALA H 124 17.79 -58.93 28.00
N LYS H 125 18.89 -58.38 28.49
CA LYS H 125 19.03 -56.93 28.61
C LYS H 125 19.97 -56.30 27.58
N THR H 126 19.74 -55.01 27.29
CA THR H 126 20.53 -54.27 26.32
C THR H 126 22.03 -54.29 26.64
N THR H 127 22.85 -54.51 25.62
CA THR H 127 24.30 -54.58 25.80
C THR H 127 25.04 -54.05 24.57
N PRO H 128 26.01 -53.15 24.77
CA PRO H 128 26.72 -52.62 23.62
C PRO H 128 27.67 -53.67 23.04
N PRO H 129 28.07 -53.51 21.77
CA PRO H 129 28.98 -54.47 21.15
C PRO H 129 30.46 -54.16 21.36
N SER H 130 31.26 -55.21 21.43
CA SER H 130 32.69 -55.08 21.56
C SER H 130 33.14 -55.30 20.12
N VAL H 131 34.01 -54.42 19.62
CA VAL H 131 34.47 -54.58 18.26
C VAL H 131 35.95 -54.88 18.20
N TYR H 132 36.30 -55.97 17.53
CA TYR H 132 37.69 -56.38 17.40
C TYR H 132 38.11 -56.39 15.94
N PRO H 133 39.26 -55.77 15.63
CA PRO H 133 39.72 -55.76 14.24
C PRO H 133 40.26 -57.13 13.89
N LEU H 134 40.05 -57.54 12.65
CA LEU H 134 40.55 -58.84 12.19
C LEU H 134 41.62 -58.59 11.14
N ALA H 135 42.87 -58.65 11.54
CA ALA H 135 43.97 -58.42 10.61
C ALA H 135 44.65 -59.75 10.28
N PRO H 136 44.95 -59.98 9.00
CA PRO H 136 45.60 -61.21 8.56
C PRO H 136 46.89 -61.51 9.32
N ASN H 143 48.68 -62.73 -4.29
CA ASN H 143 47.93 -61.96 -3.31
C ASN H 143 47.66 -60.55 -3.81
N SER H 144 46.98 -60.45 -4.94
CA SER H 144 46.66 -59.14 -5.52
C SER H 144 45.65 -58.41 -4.63
N MET H 145 44.94 -59.18 -3.80
CA MET H 145 43.95 -58.59 -2.90
C MET H 145 44.07 -59.14 -1.48
N VAL H 146 43.66 -58.34 -0.52
CA VAL H 146 43.71 -58.75 0.89
C VAL H 146 42.34 -58.63 1.53
N THR H 147 42.02 -59.59 2.41
CA THR H 147 40.72 -59.57 3.07
C THR H 147 40.89 -59.22 4.54
N LEU H 148 40.17 -58.18 4.96
CA LEU H 148 40.23 -57.72 6.34
C LEU H 148 38.86 -57.96 6.98
N GLY H 149 38.83 -58.05 8.30
CA GLY H 149 37.57 -58.30 8.96
C GLY H 149 37.32 -57.46 10.20
N CYS H 150 36.14 -57.67 10.77
CA CYS H 150 35.72 -56.94 11.95
C CYS H 150 34.75 -57.83 12.73
N LEU H 151 35.08 -58.11 13.98
CA LEU H 151 34.24 -58.95 14.83
C LEU H 151 33.42 -58.11 15.82
N VAL H 152 32.09 -58.16 15.66
CA VAL H 152 31.18 -57.43 16.54
C VAL H 152 30.56 -58.46 17.49
N LYS H 153 31.09 -58.53 18.69
CA LYS H 153 30.65 -59.52 19.66
C LYS H 153 29.92 -59.05 20.92
N GLY H 154 29.04 -59.91 21.41
CA GLY H 154 28.29 -59.67 22.63
C GLY H 154 27.39 -58.46 22.77
N TYR H 155 26.45 -58.27 21.85
CA TYR H 155 25.54 -57.13 21.94
C TYR H 155 24.10 -57.60 21.93
N PHE H 156 23.21 -56.72 22.35
CA PHE H 156 21.79 -57.03 22.37
C PHE H 156 21.01 -55.73 22.55
N PRO H 157 19.90 -55.58 21.82
CA PRO H 157 19.39 -56.56 20.85
C PRO H 157 19.86 -56.15 19.45
N GLU H 158 19.27 -56.76 18.43
CA GLU H 158 19.59 -56.40 17.06
C GLU H 158 18.85 -55.07 16.88
N PRO H 159 19.25 -54.27 15.88
CA PRO H 159 20.35 -54.58 14.98
C PRO H 159 21.53 -53.63 15.18
N VAL H 160 22.60 -53.89 14.43
CA VAL H 160 23.78 -53.06 14.44
C VAL H 160 23.98 -52.76 12.96
N THR H 161 24.55 -51.61 12.65
CA THR H 161 24.80 -51.26 11.26
C THR H 161 26.32 -51.17 11.15
N VAL H 162 26.86 -51.91 10.19
CA VAL H 162 28.30 -51.94 9.99
C VAL H 162 28.67 -51.37 8.63
N THR H 163 29.70 -50.52 8.64
CA THR H 163 30.19 -49.91 7.41
C THR H 163 31.72 -49.91 7.43
N TRP H 164 32.32 -49.56 6.30
CA TRP H 164 33.77 -49.49 6.19
C TRP H 164 34.15 -48.12 5.65
N ASN H 165 34.97 -47.39 6.41
CA ASN H 165 35.39 -46.06 6.03
C ASN H 165 34.18 -45.14 5.84
N SER H 166 33.32 -45.15 6.85
CA SER H 166 32.11 -44.33 6.86
C SER H 166 31.22 -44.51 5.63
N GLY H 167 31.26 -45.70 5.04
CA GLY H 167 30.44 -45.95 3.86
C GLY H 167 31.20 -45.84 2.56
N SER H 168 32.41 -45.30 2.64
CA SER H 168 33.27 -45.12 1.48
C SER H 168 33.49 -46.47 0.78
N LEU H 169 33.85 -47.49 1.56
CA LEU H 169 34.08 -48.84 1.02
C LEU H 169 32.76 -49.59 1.00
N SER H 170 32.23 -49.82 -0.20
CA SER H 170 30.95 -50.53 -0.34
C SER H 170 31.10 -51.85 -1.10
N SER H 171 32.07 -51.92 -2.00
CA SER H 171 32.30 -53.14 -2.77
C SER H 171 33.20 -54.12 -2.04
N GLY H 172 33.00 -55.40 -2.31
CA GLY H 172 33.81 -56.42 -1.67
C GLY H 172 33.54 -56.56 -0.19
N VAL H 173 32.35 -56.16 0.25
CA VAL H 173 31.98 -56.24 1.65
C VAL H 173 30.98 -57.36 1.92
N HIS H 174 31.16 -58.05 3.03
CA HIS H 174 30.25 -59.12 3.43
C HIS H 174 29.98 -58.97 4.92
N THR H 175 28.76 -58.57 5.25
CA THR H 175 28.38 -58.44 6.66
C THR H 175 27.42 -59.60 6.91
N PHE H 176 27.88 -60.53 7.75
CA PHE H 176 27.11 -61.73 8.06
C PHE H 176 25.99 -61.55 9.08
N PRO H 177 24.90 -62.30 8.92
CA PRO H 177 23.76 -62.21 9.84
C PRO H 177 24.24 -62.55 11.26
N ALA H 178 23.74 -61.83 12.24
CA ALA H 178 24.16 -62.08 13.62
C ALA H 178 23.61 -63.41 14.12
N VAL H 179 24.35 -64.05 15.02
CA VAL H 179 23.93 -65.31 15.60
C VAL H 179 23.74 -65.06 17.09
N LEU H 180 22.64 -65.58 17.62
CA LEU H 180 22.32 -65.42 19.04
C LEU H 180 22.96 -66.53 19.87
N GLN H 181 23.80 -66.14 20.82
CA GLN H 181 24.49 -67.09 21.70
C GLN H 181 24.39 -66.66 23.16
N SER H 182 23.47 -67.28 23.91
CA SER H 182 23.29 -66.97 25.32
C SER H 182 22.92 -65.49 25.55
N ASP H 183 21.79 -65.09 24.97
CA ASP H 183 21.29 -63.72 25.09
C ASP H 183 22.22 -62.66 24.51
N LEU H 184 23.19 -63.07 23.70
CA LEU H 184 24.10 -62.11 23.09
C LEU H 184 24.35 -62.42 21.62
N TYR H 185 24.29 -61.39 20.79
CA TYR H 185 24.50 -61.53 19.36
C TYR H 185 25.96 -61.33 19.00
N THR H 186 26.39 -62.03 17.96
CA THR H 186 27.74 -61.92 17.47
C THR H 186 27.69 -61.98 15.95
N LEU H 187 28.38 -61.07 15.28
CA LEU H 187 28.43 -61.06 13.83
C LEU H 187 29.80 -60.58 13.44
N SER H 188 30.11 -60.70 12.17
CA SER H 188 31.40 -60.25 11.66
C SER H 188 31.17 -59.67 10.29
N SER H 189 32.14 -58.91 9.83
CA SER H 189 32.05 -58.30 8.51
C SER H 189 33.44 -58.37 7.90
N SER H 190 33.50 -58.77 6.63
CA SER H 190 34.78 -58.84 5.95
C SER H 190 34.73 -57.88 4.79
N VAL H 191 35.89 -57.35 4.45
CA VAL H 191 36.01 -56.43 3.34
C VAL H 191 37.28 -56.84 2.60
N THR H 192 37.21 -56.84 1.27
CA THR H 192 38.34 -57.22 0.45
C THR H 192 38.75 -56.03 -0.40
N VAL H 193 40.02 -55.66 -0.29
CA VAL H 193 40.54 -54.53 -1.05
C VAL H 193 41.87 -54.86 -1.69
N PRO H 194 42.28 -54.08 -2.70
CA PRO H 194 43.57 -54.32 -3.36
C PRO H 194 44.71 -54.23 -2.35
N SER H 195 45.65 -55.15 -2.42
CA SER H 195 46.77 -55.16 -1.48
C SER H 195 47.55 -53.85 -1.56
N SER H 196 47.38 -53.14 -2.68
CA SER H 196 48.08 -51.87 -2.87
C SER H 196 47.45 -50.73 -2.09
N THR H 197 46.24 -50.94 -1.58
CA THR H 197 45.56 -49.91 -0.82
C THR H 197 45.55 -50.17 0.68
N TRP H 198 46.36 -51.12 1.13
CA TRP H 198 46.42 -51.44 2.57
C TRP H 198 47.70 -52.17 2.90
N PRO H 199 48.37 -51.79 3.99
CA PRO H 199 48.03 -50.72 4.94
C PRO H 199 48.20 -49.31 4.37
N SER H 200 48.47 -49.21 3.08
CA SER H 200 48.63 -47.92 2.42
C SER H 200 47.55 -46.97 2.89
N GLU H 201 46.32 -47.21 2.44
CA GLU H 201 45.18 -46.38 2.83
C GLU H 201 44.59 -47.00 4.10
N THR H 202 44.03 -46.16 4.97
CA THR H 202 43.44 -46.66 6.19
C THR H 202 42.12 -47.36 5.91
N VAL H 203 41.87 -48.43 6.66
CA VAL H 203 40.64 -49.18 6.53
C VAL H 203 40.04 -49.22 7.91
N THR H 204 38.87 -48.60 8.06
CA THR H 204 38.20 -48.55 9.35
C THR H 204 36.82 -49.18 9.37
N CYS H 205 36.57 -49.93 10.43
CA CYS H 205 35.31 -50.61 10.65
C CYS H 205 34.39 -49.73 11.50
N ASN H 206 33.21 -49.41 10.98
CA ASN H 206 32.26 -48.58 11.71
C ASN H 206 31.07 -49.38 12.19
N VAL H 207 30.86 -49.41 13.50
CA VAL H 207 29.76 -50.16 14.09
C VAL H 207 28.84 -49.24 14.89
N ALA H 208 27.56 -49.22 14.53
CA ALA H 208 26.59 -48.40 15.24
C ALA H 208 25.53 -49.28 15.85
N HIS H 209 25.25 -49.06 17.13
CA HIS H 209 24.26 -49.84 17.85
C HIS H 209 23.30 -48.91 18.58
N PRO H 210 22.31 -48.36 17.86
CA PRO H 210 21.33 -47.44 18.41
C PRO H 210 20.71 -47.86 19.74
N ALA H 211 20.44 -49.16 19.88
CA ALA H 211 19.83 -49.67 21.10
C ALA H 211 20.56 -49.20 22.36
N SER H 212 21.88 -49.16 22.30
CA SER H 212 22.67 -48.73 23.46
C SER H 212 23.38 -47.42 23.19
N SER H 213 22.91 -46.68 22.20
CA SER H 213 23.52 -45.41 21.83
C SER H 213 25.04 -45.56 21.71
N THR H 214 25.47 -46.60 21.01
CA THR H 214 26.88 -46.87 20.84
C THR H 214 27.34 -46.66 19.41
N LYS H 215 28.57 -46.16 19.27
CA LYS H 215 29.17 -45.93 17.97
C LYS H 215 30.65 -46.20 18.15
N VAL H 216 31.16 -47.23 17.50
CA VAL H 216 32.56 -47.58 17.61
C VAL H 216 33.25 -47.67 16.26
N ASP H 217 34.43 -47.05 16.18
CA ASP H 217 35.23 -47.09 14.97
C ASP H 217 36.46 -47.90 15.30
N LYS H 218 36.79 -48.88 14.46
CA LYS H 218 37.97 -49.69 14.71
C LYS H 218 38.83 -49.74 13.45
N LYS H 219 39.99 -49.10 13.52
CA LYS H 219 40.93 -49.07 12.42
C LYS H 219 41.61 -50.44 12.32
N ILE H 220 41.78 -50.95 11.11
CA ILE H 220 42.42 -52.25 10.92
C ILE H 220 43.92 -52.05 10.77
N VAL H 221 44.67 -52.49 11.76
CA VAL H 221 46.13 -52.34 11.76
C VAL H 221 46.84 -53.70 11.71
N PRO H 222 47.92 -53.80 10.91
CA PRO H 222 48.72 -55.01 10.75
C PRO H 222 49.17 -55.64 12.07
N PRO I 1 17.27 53.57 8.82
CA PRO I 1 16.06 53.83 8.01
C PRO I 1 15.24 52.53 7.87
N THR I 2 13.92 52.64 7.97
CA THR I 2 13.07 51.46 7.87
C THR I 2 13.27 50.65 6.58
N SER I 3 13.76 51.30 5.52
CA SER I 3 13.97 50.59 4.26
C SER I 3 15.08 49.53 4.35
N SER I 4 15.85 49.55 5.44
CA SER I 4 16.93 48.59 5.62
C SER I 4 16.49 47.34 6.39
N GLU I 5 15.29 47.36 6.96
CA GLU I 5 14.79 46.23 7.73
C GLU I 5 14.61 45.00 6.85
N GLN I 6 14.86 43.81 7.42
CA GLN I 6 14.77 42.56 6.67
C GLN I 6 13.52 41.73 6.93
N ILE I 7 13.10 41.04 5.86
CA ILE I 7 11.93 40.15 5.81
C ILE I 7 10.65 40.85 5.37
N PRO J 1 -41.32 26.94 -4.85
CA PRO J 1 -39.88 26.62 -4.96
C PRO J 1 -39.06 27.90 -4.84
N THR J 2 -37.95 27.83 -4.10
CA THR J 2 -37.10 29.01 -3.92
C THR J 2 -36.64 29.66 -5.22
N SER J 3 -36.56 28.87 -6.30
CA SER J 3 -36.12 29.44 -7.58
C SER J 3 -37.10 30.48 -8.16
N SER J 4 -38.31 30.56 -7.59
CA SER J 4 -39.31 31.51 -8.06
C SER J 4 -39.24 32.86 -7.31
N GLU J 5 -38.45 32.92 -6.25
CA GLU J 5 -38.33 34.15 -5.47
C GLU J 5 -37.72 35.27 -6.29
N GLN J 6 -38.16 36.50 -6.04
CA GLN J 6 -37.68 37.67 -6.79
C GLN J 6 -36.67 38.55 -6.07
N ILE J 7 -35.76 39.12 -6.87
CA ILE J 7 -34.68 40.03 -6.46
C ILE J 7 -33.36 39.30 -6.14
N PRO K 1 36.65 -22.08 14.80
CA PRO K 1 35.44 -22.00 13.94
C PRO K 1 34.81 -23.38 13.86
N THR K 2 33.49 -23.45 13.93
CA THR K 2 32.79 -24.74 13.87
C THR K 2 33.12 -25.56 12.63
N SER K 3 33.53 -24.91 11.54
CA SER K 3 33.87 -25.64 10.32
C SER K 3 35.10 -26.54 10.47
N SER K 4 35.85 -26.36 11.57
CA SER K 4 37.04 -27.17 11.81
C SER K 4 36.76 -28.43 12.64
N GLU K 5 35.55 -28.53 13.19
CA GLU K 5 35.17 -29.70 13.99
C GLU K 5 35.18 -30.99 13.15
N GLN K 6 35.57 -32.10 13.77
CA GLN K 6 35.66 -33.39 13.09
C GLN K 6 34.53 -34.36 13.36
N ILE K 7 34.22 -35.15 12.33
CA ILE K 7 33.18 -36.19 12.30
C ILE K 7 31.82 -35.67 11.81
N PRO L 1 -17.92 -56.82 2.50
CA PRO L 1 -16.44 -56.96 2.40
C PRO L 1 -15.81 -55.57 2.44
N THR L 2 -14.69 -55.44 3.16
CA THR L 2 -14.01 -54.16 3.26
C THR L 2 -13.62 -53.56 1.90
N SER L 3 -13.46 -54.39 0.88
CA SER L 3 -13.09 -53.87 -0.43
C SER L 3 -14.19 -53.02 -1.08
N SER L 4 -15.40 -53.06 -0.51
CA SER L 4 -16.51 -52.27 -1.04
C SER L 4 -16.62 -50.87 -0.40
N GLU L 5 -15.85 -50.63 0.66
CA GLU L 5 -15.89 -49.34 1.36
C GLU L 5 -15.42 -48.21 0.45
N GLN L 6 -16.03 -47.03 0.60
CA GLN L 6 -15.71 -45.88 -0.22
C GLN L 6 -14.83 -44.82 0.44
N ILE L 7 -13.98 -44.20 -0.40
CA ILE L 7 -13.04 -43.13 -0.06
C ILE L 7 -11.65 -43.67 0.29
C1 NAG M . 6.56 41.00 -3.09
C2 NAG M . 6.19 39.62 -2.58
C3 NAG M . 6.92 38.54 -3.40
C4 NAG M . 6.80 38.76 -4.92
C5 NAG M . 7.05 40.24 -5.31
C6 NAG M . 6.70 40.52 -6.76
C7 NAG M . 5.68 39.18 -0.26
C8 NAG M . 6.02 39.53 1.17
N2 NAG M . 6.57 39.50 -1.19
O3 NAG M . 6.39 37.26 -3.08
O4 NAG M . 7.77 37.93 -5.59
O5 NAG M . 6.25 41.11 -4.49
O6 NAG M . 5.59 41.40 -6.85
O7 NAG M . 4.61 38.63 -0.52
C1 NAG M . 7.32 37.15 -6.65
C2 NAG M . 8.51 36.47 -7.32
C3 NAG M . 7.98 35.60 -8.47
C4 NAG M . 6.91 34.61 -7.99
C5 NAG M . 5.83 35.34 -7.15
C6 NAG M . 4.90 34.38 -6.45
C7 NAG M . 10.60 37.64 -7.18
C8 NAG M . 11.80 36.87 -7.72
N2 NAG M . 9.44 37.46 -7.80
O3 NAG M . 9.07 34.88 -9.05
O4 NAG M . 6.26 34.02 -9.14
O5 NAG M . 6.44 36.16 -6.12
O6 NAG M . 4.89 34.61 -5.05
O7 NAG M . 10.75 38.37 -6.20
C1 BMA M . 6.49 32.67 -9.43
C2 BMA M . 5.16 32.07 -9.96
C3 BMA M . 5.39 30.67 -10.53
C4 BMA M . 6.37 30.81 -11.67
C5 BMA M . 7.70 31.28 -11.06
C6 BMA M . 8.76 31.42 -12.14
O2 BMA M . 4.68 32.89 -11.03
O3 BMA M . 4.15 30.13 -11.03
O4 BMA M . 6.52 29.56 -12.35
O5 BMA M . 7.53 32.61 -10.46
O6 BMA M . 9.19 32.78 -12.26
C1 NAG N . -25.63 38.35 -11.15
C2 NAG N . -25.37 39.84 -10.84
C3 NAG N . -25.36 40.65 -12.13
C4 NAG N . -24.33 40.05 -13.11
C5 NAG N . -24.67 38.56 -13.34
C6 NAG N . -23.65 37.88 -14.24
C7 NAG N . -26.04 41.12 -8.91
C8 NAG N . -26.47 42.57 -8.98
N2 NAG N . -26.39 40.32 -9.93
O3 NAG N . -25.00 41.99 -11.84
O4 NAG N . -24.28 40.73 -14.40
O5 NAG N . -24.66 37.86 -12.08
O6 NAG N . -24.27 36.93 -15.09
O7 NAG N . -25.40 40.71 -7.95
C1 NDG N . -25.04 41.87 -14.64
C2 NDG N . -25.36 41.97 -16.14
C3 NDG N . -24.12 42.37 -16.97
C4 NDG N . -23.46 43.60 -16.36
C5 NDG N . -23.12 43.30 -14.91
C6 NDG N . -22.41 44.45 -14.22
C7 NDG N . -26.55 40.61 -17.75
C8 NDG N . -25.81 40.04 -18.95
O5 NDG N . -24.32 43.03 -14.17
O3 NDG N . -24.50 42.64 -18.31
O4 NDG N . -22.28 43.94 -17.09
O6 NDG N . -22.44 44.30 -12.81
O7 NDG N . -27.73 40.96 -17.86
N2 NDG N . -25.88 40.70 -16.61
C1 NAG O . 27.82 -36.33 3.71
C2 NAG O . 27.56 -37.74 4.25
C3 NAG O . 28.41 -38.77 3.51
C4 NAG O . 28.22 -38.65 1.99
C5 NAG O . 28.45 -37.19 1.54
C6 NAG O . 28.15 -36.97 0.07
C7 NAG O . 27.00 -38.32 6.53
C8 NAG O . 25.68 -38.90 6.00
N2 NAG O . 27.86 -37.79 5.67
O3 NAG O . 28.05 -40.07 3.94
O4 NAG O . 29.15 -39.53 1.32
O5 NAG O . 27.59 -36.29 2.28
O6 NAG O . 26.75 -37.06 -0.20
O7 NAG O . 27.24 -38.37 7.73
C1 NAG O . 28.71 -40.23 0.22
C2 NAG O . 29.93 -40.79 -0.52
C3 NAG O . 29.45 -41.65 -1.70
C4 NAG O . 28.51 -42.74 -1.20
C5 NAG O . 27.36 -42.11 -0.41
C6 NAG O . 26.44 -43.15 0.20
C7 NAG O . 32.04 -39.67 -0.60
C8 NAG O . 33.09 -39.97 -1.65
N2 NAG O . 30.77 -39.71 -0.98
O3 NAG O . 30.58 -42.23 -2.34
O4 NAG O . 27.98 -43.46 -2.34
O5 NAG O . 27.88 -41.30 0.67
O6 NAG O . 25.90 -42.69 1.44
O7 NAG O . 32.38 -39.42 0.55
C1 BMA O . 28.44 -44.75 -2.56
C2 BMA O . 27.72 -45.32 -3.79
C3 BMA O . 28.23 -46.75 -4.06
C4 BMA O . 29.72 -46.65 -4.35
C5 BMA O . 30.46 -45.98 -3.17
C6 BMA O . 31.91 -45.74 -3.53
O2 BMA O . 28.06 -44.50 -4.91
O3 BMA O . 27.56 -47.27 -5.22
O4 BMA O . 30.26 -47.96 -4.59
O5 BMA O . 29.87 -44.69 -2.86
O6 BMA O . 32.58 -45.03 -2.50
C1 NAG P . -3.77 -44.07 -4.58
C2 NAG P . -3.72 -42.59 -4.20
C3 NAG P . -4.03 -41.71 -5.43
C4 NAG P . -3.10 -42.08 -6.60
C5 NAG P . -3.14 -43.60 -6.85
C6 NAG P . -2.14 -44.04 -7.89
C7 NAG P . -4.37 -41.39 -2.22
C8 NAG P . -5.02 -40.03 -2.39
N2 NAG P . -4.67 -42.31 -3.14
O3 NAG P . -3.84 -40.35 -5.09
O4 NAG P . -3.53 -41.38 -7.80
O5 NAG P . -2.84 -44.33 -5.64
O6 NAG P . -2.60 -45.20 -8.56
O7 NAG P . -3.61 -41.60 -1.29
C1 NAG P . -2.59 -40.65 -8.51
C2 NAG P . -3.19 -40.30 -9.88
C3 NAG P . -2.26 -39.33 -10.64
C4 NAG P . -2.12 -38.10 -9.78
C5 NAG P . -1.44 -38.50 -8.46
C6 NAG P . -1.24 -37.34 -7.50
C7 NAG P . -4.65 -41.80 -11.04
C8 NAG P . -4.86 -42.12 -12.51
N2 NAG P . -3.42 -41.49 -10.65
O3 NAG P . -2.85 -39.00 -11.89
O4 NAG P . -1.44 -37.01 -10.47
O5 NAG P . -2.28 -39.46 -7.76
O6 NAG P . -1.29 -37.77 -6.15
O7 NAG P . -5.61 -41.81 -10.26
C1 MAN P . -0.07 -37.09 -10.79
C2 MAN P . 0.78 -36.50 -9.65
C3 MAN P . 0.49 -35.00 -9.47
C4 MAN P . 0.86 -34.32 -10.78
C5 MAN P . -0.09 -34.88 -11.83
C6 MAN P . 0.03 -34.22 -13.18
O2 MAN P . 2.15 -36.68 -9.99
O3 MAN P . 1.26 -34.44 -8.40
O4 MAN P . 0.73 -32.91 -10.65
O5 MAN P . 0.16 -36.32 -12.01
O6 MAN P . -0.85 -34.84 -14.12
S SO4 Q . -41.15 85.63 -3.19
O1 SO4 Q . -40.36 86.41 -2.22
O2 SO4 Q . -40.67 84.24 -3.24
O3 SO4 Q . -42.58 85.64 -2.77
O4 SO4 Q . -41.03 86.26 -4.53
S SO4 R . -6.61 49.84 -14.28
O1 SO4 R . -5.41 50.05 -15.12
O2 SO4 R . -6.56 48.51 -13.65
O3 SO4 R . -6.63 50.87 -13.22
O4 SO4 R . -7.81 49.95 -15.12
S SO4 S . 12.11 -5.05 -17.35
O1 SO4 S . 12.26 -5.00 -18.82
O2 SO4 S . 13.20 -5.84 -16.78
O3 SO4 S . 12.17 -3.68 -16.79
O4 SO4 S . 10.81 -5.66 -17.00
S SO4 T . -9.28 28.86 -13.70
O1 SO4 T . -9.91 30.15 -14.02
O2 SO4 T . -7.82 28.96 -13.84
O3 SO4 T . -9.62 28.48 -12.32
O4 SO4 T . -9.79 27.83 -14.63
S SO4 U . -27.79 -5.33 7.20
O1 SO4 U . -27.03 -5.04 5.97
O2 SO4 U . -29.06 -4.59 7.18
O3 SO4 U . -28.06 -6.78 7.26
O4 SO4 U . -27.00 -4.91 8.38
S SO4 V . 13.55 -30.06 -7.98
O1 SO4 V . 14.45 -29.11 -8.66
O2 SO4 V . 13.90 -31.43 -8.41
O3 SO4 V . 13.72 -29.94 -6.52
O4 SO4 V . 12.15 -29.78 -8.34
S SO4 W . 13.75 -51.37 -6.04
O1 SO4 W . 14.74 -50.33 -6.36
O2 SO4 W . 13.63 -52.31 -7.18
O3 SO4 W . 14.18 -52.11 -4.84
O4 SO4 W . 12.43 -50.77 -5.78
#